data_2LUW
#
_entry.id   2LUW
#
_entity_poly.entity_id   1
_entity_poly.type   'polypeptide(L)'
_entity_poly.pdbx_seq_one_letter_code
;GNVLKNNTPVSNLTGNKGSEVFYTFTVDRNATAVVSISGGSGDADLYLKAGSKPTTSSWDCRPYRYGNNESCSVSAAPGT
TYHVMIKGYSNYSGVTLKLQY
;
_entity_poly.pdbx_strand_id   A
#
# COMPACT_ATOMS: atom_id res chain seq x y z
N GLY A 1 2.62 -10.17 -12.73
CA GLY A 1 2.41 -9.11 -13.70
C GLY A 1 3.46 -8.03 -13.60
N ASN A 2 3.02 -6.78 -13.47
CA ASN A 2 3.94 -5.65 -13.37
C ASN A 2 3.90 -5.05 -11.96
N VAL A 3 4.66 -3.98 -11.76
CA VAL A 3 4.73 -3.31 -10.47
C VAL A 3 4.19 -1.88 -10.56
N LEU A 4 3.01 -1.66 -9.98
CA LEU A 4 2.38 -0.35 -10.00
C LEU A 4 1.91 0.05 -8.61
N LYS A 5 1.95 1.35 -8.33
CA LYS A 5 1.53 1.86 -7.03
C LYS A 5 1.44 3.38 -7.05
N ASN A 6 2.36 4.01 -7.76
CA ASN A 6 2.39 5.47 -7.85
C ASN A 6 1.76 5.93 -9.16
N ASN A 7 1.27 7.18 -9.16
CA ASN A 7 0.64 7.74 -10.35
C ASN A 7 -0.80 7.28 -10.47
N THR A 8 -1.00 5.99 -10.74
CA THR A 8 -2.33 5.43 -10.88
C THR A 8 -2.60 4.39 -9.79
N PRO A 9 -3.66 4.63 -9.00
CA PRO A 9 -4.05 3.72 -7.92
C PRO A 9 -4.62 2.41 -8.43
N VAL A 10 -4.49 1.36 -7.63
CA VAL A 10 -4.99 0.04 -8.01
C VAL A 10 -6.49 -0.08 -7.72
N SER A 11 -7.28 -0.22 -8.78
CA SER A 11 -8.72 -0.33 -8.64
C SER A 11 -9.12 -1.77 -8.30
N ASN A 12 -10.30 -1.93 -7.71
CA ASN A 12 -10.80 -3.25 -7.34
C ASN A 12 -9.67 -4.13 -6.83
N LEU A 13 -9.10 -3.76 -5.69
CA LEU A 13 -8.00 -4.52 -5.09
C LEU A 13 -8.43 -5.95 -4.79
N THR A 14 -7.59 -6.67 -4.05
CA THR A 14 -7.88 -8.05 -3.70
C THR A 14 -7.34 -8.39 -2.31
N GLY A 15 -8.12 -9.13 -1.54
CA GLY A 15 -7.69 -9.52 -0.20
C GLY A 15 -8.12 -10.93 0.16
N ASN A 16 -7.57 -11.91 -0.55
CA ASN A 16 -7.89 -13.31 -0.29
C ASN A 16 -7.19 -13.81 0.96
N LYS A 17 -7.89 -14.61 1.75
CA LYS A 17 -7.34 -15.16 2.98
C LYS A 17 -5.99 -15.83 2.71
N GLY A 18 -5.82 -16.34 1.49
CA GLY A 18 -4.57 -17.00 1.13
C GLY A 18 -3.79 -16.22 0.11
N SER A 19 -4.44 -15.81 -0.97
CA SER A 19 -3.79 -15.05 -2.03
C SER A 19 -3.59 -13.61 -1.61
N GLU A 20 -2.53 -12.99 -2.13
CA GLU A 20 -2.21 -11.60 -1.81
C GLU A 20 -1.68 -10.88 -3.04
N VAL A 21 -1.54 -9.55 -2.92
CA VAL A 21 -1.04 -8.74 -4.02
C VAL A 21 0.10 -7.83 -3.56
N PHE A 22 1.13 -7.72 -4.39
CA PHE A 22 2.29 -6.89 -4.06
C PHE A 22 2.73 -6.08 -5.28
N TYR A 23 3.31 -4.91 -5.03
CA TYR A 23 3.78 -4.04 -6.10
C TYR A 23 5.00 -3.24 -5.66
N THR A 24 5.69 -2.64 -6.63
CA THR A 24 6.87 -1.84 -6.34
C THR A 24 6.88 -0.56 -7.15
N PHE A 25 7.27 0.54 -6.52
CA PHE A 25 7.32 1.84 -7.18
C PHE A 25 8.22 2.81 -6.42
N THR A 26 8.62 3.88 -7.10
CA THR A 26 9.48 4.88 -6.49
C THR A 26 9.01 6.29 -6.82
N VAL A 27 9.62 7.28 -6.18
CA VAL A 27 9.27 8.68 -6.41
C VAL A 27 10.34 9.40 -7.21
N ASP A 28 10.01 10.59 -7.70
CA ASP A 28 10.96 11.37 -8.48
C ASP A 28 11.43 12.59 -7.69
N ARG A 29 10.49 13.31 -7.11
CA ARG A 29 10.81 14.50 -6.33
C ARG A 29 10.21 14.41 -4.93
N ASN A 30 10.80 15.15 -3.99
CA ASN A 30 10.32 15.16 -2.61
C ASN A 30 9.11 16.06 -2.45
N ALA A 31 7.97 15.45 -2.12
CA ALA A 31 6.73 16.20 -1.94
C ALA A 31 5.92 15.64 -0.77
N THR A 32 5.24 16.53 -0.05
CA THR A 32 4.44 16.13 1.09
C THR A 32 2.97 16.03 0.72
N ALA A 33 2.46 14.80 0.62
CA ALA A 33 1.07 14.57 0.27
C ALA A 33 0.46 13.47 1.13
N VAL A 34 -0.83 13.58 1.41
CA VAL A 34 -1.53 12.60 2.22
C VAL A 34 -2.44 11.72 1.36
N VAL A 35 -2.08 10.45 1.22
CA VAL A 35 -2.86 9.51 0.43
C VAL A 35 -3.16 8.24 1.22
N SER A 36 -4.37 7.73 1.05
CA SER A 36 -4.79 6.51 1.76
C SER A 36 -5.62 5.62 0.84
N ILE A 37 -5.84 4.39 1.28
CA ILE A 37 -6.63 3.44 0.50
C ILE A 37 -7.97 3.16 1.17
N SER A 38 -8.98 2.86 0.35
CA SER A 38 -10.31 2.58 0.86
C SER A 38 -11.28 2.26 -0.28
N GLY A 39 -12.55 2.08 0.06
CA GLY A 39 -13.55 1.76 -0.95
C GLY A 39 -14.70 0.95 -0.40
N GLY A 40 -14.47 0.31 0.74
CA GLY A 40 -15.51 -0.50 1.35
C GLY A 40 -15.30 -0.67 2.85
N SER A 41 -14.83 -1.84 3.25
CA SER A 41 -14.59 -2.12 4.67
C SER A 41 -13.19 -2.68 4.88
N GLY A 42 -12.73 -2.62 6.13
CA GLY A 42 -11.40 -3.12 6.45
C GLY A 42 -11.22 -4.57 6.07
N ASP A 43 -10.64 -4.82 4.91
CA ASP A 43 -10.41 -6.17 4.42
C ASP A 43 -8.98 -6.35 3.93
N ALA A 44 -8.45 -5.31 3.28
CA ALA A 44 -7.10 -5.35 2.75
C ALA A 44 -6.21 -4.34 3.47
N ASP A 45 -5.13 -4.83 4.08
CA ASP A 45 -4.21 -3.96 4.81
C ASP A 45 -3.13 -3.42 3.87
N LEU A 46 -2.50 -2.32 4.26
CA LEU A 46 -1.45 -1.71 3.47
C LEU A 46 -0.14 -1.63 4.25
N TYR A 47 0.94 -2.07 3.62
CA TYR A 47 2.25 -2.04 4.25
C TYR A 47 3.27 -1.32 3.37
N LEU A 48 4.22 -0.66 4.02
CA LEU A 48 5.26 0.07 3.30
C LEU A 48 6.60 -0.02 4.03
N LYS A 49 7.66 -0.28 3.27
CA LYS A 49 9.00 -0.39 3.83
C LYS A 49 10.04 0.17 2.88
N ALA A 50 10.71 1.23 3.31
CA ALA A 50 11.74 1.88 2.49
C ALA A 50 12.88 0.91 2.20
N GLY A 51 13.13 0.67 0.91
CA GLY A 51 14.18 -0.23 0.52
C GLY A 51 13.67 -1.61 0.15
N SER A 52 13.42 -2.43 1.16
CA SER A 52 12.92 -3.78 0.94
C SER A 52 11.41 -3.85 1.11
N LYS A 53 10.85 -5.04 0.96
CA LYS A 53 9.42 -5.24 1.11
C LYS A 53 9.05 -5.55 2.55
N PRO A 54 7.99 -4.90 3.04
CA PRO A 54 7.51 -5.10 4.42
C PRO A 54 6.88 -6.46 4.63
N THR A 55 7.09 -7.04 5.80
CA THR A 55 6.55 -8.35 6.13
C THR A 55 5.35 -8.23 7.06
N THR A 56 4.76 -9.37 7.41
CA THR A 56 3.61 -9.39 8.30
C THR A 56 3.98 -8.91 9.70
N SER A 57 5.29 -8.86 9.97
CA SER A 57 5.78 -8.42 11.26
C SER A 57 6.67 -7.18 11.13
N SER A 58 7.28 -7.04 9.96
CA SER A 58 8.15 -5.90 9.70
C SER A 58 7.45 -4.86 8.82
N TRP A 59 7.42 -3.62 9.29
CA TRP A 59 6.77 -2.54 8.56
C TRP A 59 7.44 -1.20 8.88
N ASP A 60 7.35 -0.27 7.94
CA ASP A 60 7.92 1.06 8.12
C ASP A 60 6.84 2.12 8.24
N CYS A 61 5.67 1.82 7.68
CA CYS A 61 4.55 2.76 7.72
C CYS A 61 3.23 2.01 7.87
N ARG A 62 2.48 2.36 8.91
CA ARG A 62 1.19 1.72 9.17
C ARG A 62 0.50 2.35 10.37
N PRO A 63 -0.69 2.93 10.14
CA PRO A 63 -1.47 3.58 11.19
C PRO A 63 -2.05 2.58 12.18
N TYR A 64 -1.87 1.30 11.90
CA TYR A 64 -2.37 0.24 12.78
C TYR A 64 -3.89 0.21 12.76
N ARG A 65 -4.46 -0.01 11.58
CA ARG A 65 -5.92 -0.06 11.44
C ARG A 65 -6.36 -1.44 10.94
N TYR A 66 -7.65 -1.56 10.63
CA TYR A 66 -8.19 -2.82 10.15
C TYR A 66 -8.34 -2.81 8.63
N GLY A 67 -7.49 -3.57 7.96
CA GLY A 67 -7.53 -3.64 6.50
C GLY A 67 -7.53 -2.27 5.86
N ASN A 68 -8.48 -2.04 4.96
CA ASN A 68 -8.59 -0.76 4.27
C ASN A 68 -8.58 0.40 5.27
N ASN A 69 -8.47 1.62 4.74
CA ASN A 69 -8.46 2.81 5.59
C ASN A 69 -7.23 2.82 6.48
N GLU A 70 -6.22 2.04 6.12
CA GLU A 70 -4.98 1.96 6.89
C GLU A 70 -3.78 2.40 6.04
N SER A 71 -3.54 3.70 6.00
CA SER A 71 -2.43 4.25 5.23
C SER A 71 -1.63 5.25 6.06
N CYS A 72 -0.47 5.65 5.54
CA CYS A 72 0.39 6.61 6.23
C CYS A 72 0.60 7.86 5.39
N SER A 73 0.90 8.97 6.04
CA SER A 73 1.13 10.24 5.36
C SER A 73 2.44 10.87 5.79
N VAL A 74 3.44 10.82 4.92
CA VAL A 74 4.75 11.40 5.22
C VAL A 74 5.45 11.85 3.94
N SER A 75 6.27 12.88 4.07
CA SER A 75 7.00 13.42 2.93
C SER A 75 8.14 12.49 2.52
N ALA A 76 7.92 11.73 1.44
CA ALA A 76 8.92 10.79 0.95
C ALA A 76 9.95 11.50 0.08
N ALA A 77 11.22 11.17 0.26
CA ALA A 77 12.30 11.77 -0.51
C ALA A 77 12.75 10.85 -1.64
N PRO A 78 13.05 11.45 -2.80
CA PRO A 78 13.50 10.70 -3.99
C PRO A 78 14.89 10.12 -3.80
N GLY A 79 15.04 8.83 -4.13
CA GLY A 79 16.32 8.17 -4.01
C GLY A 79 16.21 6.80 -3.36
N THR A 80 15.10 6.56 -2.68
CA THR A 80 14.87 5.29 -2.01
C THR A 80 13.69 4.55 -2.62
N THR A 81 13.90 3.29 -2.97
CA THR A 81 12.84 2.47 -3.57
C THR A 81 11.78 2.10 -2.53
N TYR A 82 10.52 2.19 -2.94
CA TYR A 82 9.41 1.87 -2.05
C TYR A 82 8.72 0.58 -2.48
N HIS A 83 8.38 -0.26 -1.51
CA HIS A 83 7.71 -1.52 -1.78
C HIS A 83 6.25 -1.47 -1.36
N VAL A 84 5.45 -2.40 -1.88
CA VAL A 84 4.03 -2.46 -1.55
C VAL A 84 3.61 -3.88 -1.20
N MET A 85 2.77 -4.01 -0.17
CA MET A 85 2.30 -5.32 0.27
C MET A 85 0.85 -5.24 0.73
N ILE A 86 -0.02 -6.01 0.09
CA ILE A 86 -1.44 -6.03 0.43
C ILE A 86 -1.86 -7.39 0.97
N LYS A 87 -2.28 -7.42 2.23
CA LYS A 87 -2.70 -8.67 2.86
C LYS A 87 -4.18 -8.59 3.24
N GLY A 88 -4.93 -9.61 2.82
CA GLY A 88 -6.35 -9.66 3.13
C GLY A 88 -6.71 -10.75 4.11
N TYR A 89 -7.86 -10.61 4.76
CA TYR A 89 -8.31 -11.60 5.73
C TYR A 89 -9.32 -12.56 5.11
N SER A 90 -9.95 -12.13 4.02
CA SER A 90 -10.94 -12.94 3.33
C SER A 90 -11.27 -12.36 1.96
N ASN A 91 -11.45 -13.23 0.98
CA ASN A 91 -11.77 -12.81 -0.37
C ASN A 91 -12.66 -11.57 -0.36
N TYR A 92 -12.09 -10.43 -0.73
CA TYR A 92 -12.82 -9.17 -0.76
C TYR A 92 -12.13 -8.15 -1.65
N SER A 93 -12.81 -7.75 -2.72
CA SER A 93 -12.26 -6.78 -3.66
C SER A 93 -13.13 -5.53 -3.73
N GLY A 94 -12.56 -4.44 -4.23
CA GLY A 94 -13.30 -3.20 -4.35
C GLY A 94 -12.65 -2.06 -3.60
N VAL A 95 -11.35 -2.17 -3.37
CA VAL A 95 -10.59 -1.14 -2.66
C VAL A 95 -9.60 -0.45 -3.59
N THR A 96 -9.37 0.84 -3.35
CA THR A 96 -8.45 1.62 -4.16
C THR A 96 -7.14 1.87 -3.42
N LEU A 97 -6.06 1.29 -3.94
CA LEU A 97 -4.75 1.44 -3.32
C LEU A 97 -3.93 2.51 -4.05
N LYS A 98 -3.14 3.26 -3.29
CA LYS A 98 -2.31 4.32 -3.85
C LYS A 98 -1.08 4.56 -2.99
N LEU A 99 -0.10 5.27 -3.54
CA LEU A 99 1.13 5.57 -2.82
C LEU A 99 1.02 6.92 -2.12
N GLN A 100 1.56 6.99 -0.91
CA GLN A 100 1.53 8.23 -0.13
C GLN A 100 2.87 8.96 -0.22
N TYR A 101 2.87 10.10 -0.89
CA TYR A 101 4.07 10.90 -1.04
C TYR A 101 3.98 12.21 -0.27
N GLY A 1 1.60 -9.91 -11.48
CA GLY A 1 1.64 -9.05 -12.65
C GLY A 1 2.80 -8.08 -12.63
N ASN A 2 2.50 -6.80 -12.78
CA ASN A 2 3.53 -5.76 -12.77
C ASN A 2 3.55 -5.02 -11.43
N VAL A 3 4.48 -4.08 -11.30
CA VAL A 3 4.61 -3.30 -10.08
C VAL A 3 4.14 -1.87 -10.29
N LEU A 4 2.98 -1.55 -9.69
CA LEU A 4 2.42 -0.21 -9.82
C LEU A 4 1.99 0.32 -8.45
N LYS A 5 2.06 1.64 -8.29
CA LYS A 5 1.68 2.27 -7.04
C LYS A 5 1.60 3.79 -7.21
N ASN A 6 2.52 4.36 -7.98
CA ASN A 6 2.55 5.80 -8.21
C ASN A 6 1.87 6.14 -9.55
N ASN A 7 1.38 7.36 -9.65
CA ASN A 7 0.72 7.82 -10.87
C ASN A 7 -0.73 7.37 -10.90
N THR A 8 -0.93 6.06 -11.04
CA THR A 8 -2.27 5.49 -11.08
C THR A 8 -2.45 4.41 -10.02
N PRO A 9 -3.41 4.62 -9.11
CA PRO A 9 -3.70 3.67 -8.03
C PRO A 9 -4.33 2.39 -8.54
N VAL A 10 -4.17 1.30 -7.79
CA VAL A 10 -4.72 0.01 -8.17
C VAL A 10 -6.22 -0.04 -7.89
N SER A 11 -7.01 -0.14 -8.95
CA SER A 11 -8.46 -0.19 -8.83
C SER A 11 -8.93 -1.62 -8.54
N ASN A 12 -9.98 -1.74 -7.74
CA ASN A 12 -10.53 -3.04 -7.39
C ASN A 12 -9.42 -4.00 -6.97
N LEU A 13 -8.93 -3.83 -5.74
CA LEU A 13 -7.86 -4.68 -5.22
C LEU A 13 -8.39 -6.07 -4.88
N THR A 14 -7.55 -6.88 -4.26
CA THR A 14 -7.94 -8.24 -3.88
C THR A 14 -7.46 -8.57 -2.48
N GLY A 15 -8.33 -9.23 -1.71
CA GLY A 15 -7.99 -9.60 -0.34
C GLY A 15 -8.50 -10.98 0.04
N ASN A 16 -8.04 -11.99 -0.68
CA ASN A 16 -8.47 -13.37 -0.43
C ASN A 16 -7.75 -13.93 0.80
N LYS A 17 -8.29 -15.02 1.34
CA LYS A 17 -7.70 -15.65 2.52
C LYS A 17 -6.18 -15.79 2.36
N GLY A 18 -5.77 -16.67 1.45
CA GLY A 18 -4.35 -16.87 1.22
C GLY A 18 -3.78 -15.93 0.17
N SER A 19 -4.44 -15.87 -0.98
CA SER A 19 -4.01 -15.00 -2.07
C SER A 19 -3.75 -13.58 -1.57
N GLU A 20 -2.74 -12.94 -2.14
CA GLU A 20 -2.40 -11.57 -1.75
C GLU A 20 -1.92 -10.76 -2.95
N VAL A 21 -1.57 -9.51 -2.72
CA VAL A 21 -1.11 -8.62 -3.78
C VAL A 21 0.03 -7.73 -3.30
N PHE A 22 1.08 -7.61 -4.12
CA PHE A 22 2.22 -6.79 -3.77
C PHE A 22 2.68 -5.95 -4.97
N TYR A 23 3.21 -4.77 -4.69
CA TYR A 23 3.69 -3.88 -5.75
C TYR A 23 4.88 -3.06 -5.27
N THR A 24 5.59 -2.44 -6.21
CA THR A 24 6.73 -1.61 -5.89
C THR A 24 6.82 -0.40 -6.82
N PHE A 25 7.23 0.74 -6.26
CA PHE A 25 7.36 1.96 -7.03
C PHE A 25 8.29 2.95 -6.34
N THR A 26 8.81 3.90 -7.10
CA THR A 26 9.73 4.89 -6.57
C THR A 26 9.26 6.30 -6.91
N VAL A 27 9.91 7.30 -6.30
CA VAL A 27 9.55 8.70 -6.55
C VAL A 27 10.63 9.39 -7.38
N ASP A 28 10.31 10.58 -7.87
CA ASP A 28 11.25 11.36 -8.68
C ASP A 28 11.80 12.53 -7.89
N ARG A 29 10.92 13.23 -7.17
CA ARG A 29 11.32 14.38 -6.37
C ARG A 29 10.68 14.33 -4.99
N ASN A 30 11.23 15.11 -4.06
CA ASN A 30 10.72 15.15 -2.70
C ASN A 30 9.47 16.02 -2.61
N ALA A 31 8.34 15.41 -2.27
CA ALA A 31 7.08 16.15 -2.15
C ALA A 31 6.24 15.61 -0.99
N THR A 32 5.59 16.51 -0.28
CA THR A 32 4.76 16.14 0.86
C THR A 32 3.29 16.04 0.45
N ALA A 33 2.78 14.81 0.36
CA ALA A 33 1.39 14.59 -0.01
C ALA A 33 0.75 13.52 0.89
N VAL A 34 -0.54 13.69 1.15
CA VAL A 34 -1.27 12.74 1.99
C VAL A 34 -2.27 11.93 1.16
N VAL A 35 -1.99 10.64 1.01
CA VAL A 35 -2.87 9.76 0.23
C VAL A 35 -3.23 8.51 1.04
N SER A 36 -4.48 8.08 0.94
CA SER A 36 -4.95 6.90 1.65
C SER A 36 -5.70 5.96 0.71
N ILE A 37 -5.93 4.74 1.18
CA ILE A 37 -6.63 3.73 0.37
C ILE A 37 -7.98 3.40 0.98
N SER A 38 -8.91 2.98 0.13
CA SER A 38 -10.26 2.64 0.58
C SER A 38 -11.14 2.24 -0.60
N GLY A 39 -12.38 1.84 -0.30
CA GLY A 39 -13.29 1.43 -1.35
C GLY A 39 -14.45 0.62 -0.81
N GLY A 40 -14.25 -0.01 0.35
CA GLY A 40 -15.31 -0.81 0.94
C GLY A 40 -15.13 -0.96 2.43
N SER A 41 -14.92 -2.20 2.89
CA SER A 41 -14.74 -2.47 4.31
C SER A 41 -13.38 -3.09 4.58
N GLY A 42 -12.96 -3.06 5.84
CA GLY A 42 -11.67 -3.61 6.22
C GLY A 42 -11.46 -5.00 5.64
N ASP A 43 -10.41 -5.16 4.85
CA ASP A 43 -10.09 -6.44 4.23
C ASP A 43 -8.67 -6.44 3.67
N ALA A 44 -8.26 -5.31 3.11
CA ALA A 44 -6.94 -5.18 2.53
C ALA A 44 -6.00 -4.41 3.46
N ASP A 45 -4.86 -5.01 3.78
CA ASP A 45 -3.88 -4.38 4.66
C ASP A 45 -2.91 -3.53 3.87
N LEU A 46 -2.38 -2.49 4.51
CA LEU A 46 -1.43 -1.58 3.86
C LEU A 46 -0.07 -1.65 4.54
N TYR A 47 0.98 -1.88 3.75
CA TYR A 47 2.33 -1.96 4.28
C TYR A 47 3.32 -1.24 3.37
N LEU A 48 4.30 -0.58 3.98
CA LEU A 48 5.31 0.14 3.22
C LEU A 48 6.65 0.15 3.96
N LYS A 49 7.72 -0.09 3.21
CA LYS A 49 9.07 -0.12 3.80
C LYS A 49 10.09 0.47 2.83
N ALA A 50 11.01 1.27 3.37
CA ALA A 50 12.04 1.89 2.55
C ALA A 50 13.21 0.95 2.33
N GLY A 51 13.26 0.32 1.15
CA GLY A 51 14.34 -0.60 0.85
C GLY A 51 13.83 -2.02 0.67
N SER A 52 13.85 -2.80 1.74
CA SER A 52 13.40 -4.18 1.70
C SER A 52 11.90 -4.28 1.94
N LYS A 53 11.22 -5.03 1.08
CA LYS A 53 9.78 -5.20 1.19
C LYS A 53 9.38 -5.50 2.62
N PRO A 54 8.32 -4.82 3.10
CA PRO A 54 7.80 -5.00 4.46
C PRO A 54 7.16 -6.36 4.67
N THR A 55 7.33 -6.93 5.85
CA THR A 55 6.76 -8.24 6.17
C THR A 55 5.49 -8.08 6.99
N THR A 56 4.85 -9.21 7.30
CA THR A 56 3.61 -9.21 8.08
C THR A 56 3.86 -8.67 9.49
N SER A 57 5.13 -8.61 9.88
CA SER A 57 5.49 -8.12 11.21
C SER A 57 6.40 -6.90 11.10
N SER A 58 7.12 -6.79 9.98
CA SER A 58 8.02 -5.68 9.75
C SER A 58 7.40 -4.65 8.81
N TRP A 59 7.35 -3.40 9.27
CA TRP A 59 6.77 -2.33 8.47
C TRP A 59 7.40 -0.99 8.82
N ASP A 60 7.40 -0.06 7.87
CA ASP A 60 7.97 1.26 8.10
C ASP A 60 6.87 2.32 8.19
N CYS A 61 5.75 2.07 7.50
CA CYS A 61 4.64 2.99 7.49
C CYS A 61 3.32 2.25 7.65
N ARG A 62 2.55 2.63 8.68
CA ARG A 62 1.26 1.99 8.94
C ARG A 62 0.54 2.69 10.09
N PRO A 63 -0.76 2.98 9.87
CA PRO A 63 -1.58 3.66 10.88
C PRO A 63 -1.88 2.76 12.08
N TYR A 64 -1.39 1.53 12.03
CA TYR A 64 -1.61 0.57 13.11
C TYR A 64 -3.06 0.11 13.14
N ARG A 65 -3.41 -0.79 12.23
CA ARG A 65 -4.77 -1.31 12.17
C ARG A 65 -4.88 -2.42 11.12
N TYR A 66 -6.10 -2.82 10.81
CA TYR A 66 -6.33 -3.88 9.84
C TYR A 66 -7.47 -3.49 8.88
N GLY A 67 -7.27 -3.83 7.60
CA GLY A 67 -8.28 -3.51 6.61
C GLY A 67 -8.01 -2.19 5.90
N ASN A 68 -8.79 -1.90 4.87
CA ASN A 68 -8.63 -0.66 4.11
C ASN A 68 -8.73 0.55 5.03
N ASN A 69 -8.68 1.74 4.43
CA ASN A 69 -8.77 2.98 5.19
C ASN A 69 -7.57 3.13 6.13
N GLU A 70 -6.53 2.34 5.88
CA GLU A 70 -5.33 2.37 6.71
C GLU A 70 -4.11 2.74 5.87
N SER A 71 -3.75 4.01 5.86
CA SER A 71 -2.61 4.49 5.10
C SER A 71 -1.75 5.43 5.94
N CYS A 72 -0.58 5.77 5.41
CA CYS A 72 0.34 6.66 6.11
C CYS A 72 0.64 7.91 5.28
N SER A 73 0.97 9.01 5.96
CA SER A 73 1.25 10.26 5.27
C SER A 73 2.59 10.84 5.75
N VAL A 74 3.59 10.79 4.88
CA VAL A 74 4.92 11.31 5.21
C VAL A 74 5.63 11.81 3.97
N SER A 75 6.49 12.81 4.14
CA SER A 75 7.23 13.38 3.03
C SER A 75 8.38 12.46 2.61
N ALA A 76 8.17 11.73 1.51
CA ALA A 76 9.18 10.81 1.00
C ALA A 76 10.22 11.56 0.17
N ALA A 77 11.47 11.11 0.27
CA ALA A 77 12.57 11.73 -0.48
C ALA A 77 13.06 10.81 -1.59
N PRO A 78 13.41 11.40 -2.74
CA PRO A 78 13.91 10.66 -3.90
C PRO A 78 15.29 10.06 -3.66
N GLY A 79 15.50 8.84 -4.15
CA GLY A 79 16.79 8.18 -3.98
C GLY A 79 16.66 6.82 -3.32
N THR A 80 15.48 6.55 -2.77
CA THR A 80 15.23 5.28 -2.10
C THR A 80 14.01 4.58 -2.68
N THR A 81 14.16 3.31 -3.01
CA THR A 81 13.05 2.54 -3.58
C THR A 81 12.02 2.20 -2.51
N TYR A 82 10.75 2.32 -2.87
CA TYR A 82 9.66 2.03 -1.95
C TYR A 82 8.94 0.74 -2.33
N HIS A 83 8.66 -0.10 -1.34
CA HIS A 83 7.97 -1.37 -1.58
C HIS A 83 6.53 -1.31 -1.08
N VAL A 84 5.70 -2.22 -1.58
CA VAL A 84 4.30 -2.27 -1.18
C VAL A 84 3.84 -3.70 -0.96
N MET A 85 3.06 -3.93 0.09
CA MET A 85 2.55 -5.26 0.41
C MET A 85 1.10 -5.19 0.88
N ILE A 86 0.24 -5.94 0.20
CA ILE A 86 -1.18 -5.97 0.56
C ILE A 86 -1.59 -7.35 1.07
N LYS A 87 -2.27 -7.37 2.22
CA LYS A 87 -2.73 -8.61 2.81
C LYS A 87 -4.24 -8.72 2.76
N GLY A 88 -4.75 -9.95 2.67
CA GLY A 88 -6.18 -10.16 2.62
C GLY A 88 -6.67 -11.06 3.74
N TYR A 89 -7.93 -10.87 4.13
CA TYR A 89 -8.52 -11.66 5.20
C TYR A 89 -9.75 -12.42 4.70
N SER A 90 -10.28 -11.98 3.57
CA SER A 90 -11.46 -12.63 2.98
C SER A 90 -11.78 -12.03 1.62
N ASN A 91 -12.09 -12.88 0.65
CA ASN A 91 -12.43 -12.43 -0.70
C ASN A 91 -13.18 -11.11 -0.66
N TYR A 92 -12.48 -10.02 -0.97
CA TYR A 92 -13.09 -8.69 -0.97
C TYR A 92 -12.34 -7.75 -1.90
N SER A 93 -12.88 -7.56 -3.09
CA SER A 93 -12.26 -6.68 -4.08
C SER A 93 -13.08 -5.40 -4.26
N GLY A 94 -12.40 -4.31 -4.64
CA GLY A 94 -13.09 -3.05 -4.84
C GLY A 94 -12.45 -1.92 -4.05
N VAL A 95 -11.17 -2.07 -3.72
CA VAL A 95 -10.45 -1.06 -2.97
C VAL A 95 -9.39 -0.39 -3.83
N THR A 96 -9.21 0.92 -3.64
CA THR A 96 -8.22 1.68 -4.39
C THR A 96 -6.97 1.95 -3.56
N LEU A 97 -5.85 1.41 -4.01
CA LEU A 97 -4.58 1.60 -3.30
C LEU A 97 -3.68 2.58 -4.05
N LYS A 98 -3.00 3.43 -3.29
CA LYS A 98 -2.10 4.42 -3.88
C LYS A 98 -0.88 4.64 -2.99
N LEU A 99 0.15 5.28 -3.54
CA LEU A 99 1.37 5.55 -2.80
C LEU A 99 1.31 6.92 -2.14
N GLN A 100 1.77 6.99 -0.89
CA GLN A 100 1.78 8.25 -0.15
C GLN A 100 3.14 8.93 -0.22
N TYR A 101 3.20 10.06 -0.89
CA TYR A 101 4.45 10.80 -1.03
C TYR A 101 4.37 12.14 -0.30
N GLY A 1 2.98 -10.45 -13.27
CA GLY A 1 2.39 -9.16 -12.97
C GLY A 1 3.41 -8.03 -13.01
N ASN A 2 2.97 -6.82 -12.72
CA ASN A 2 3.84 -5.65 -12.73
C ASN A 2 3.83 -4.95 -11.37
N VAL A 3 4.61 -3.88 -11.26
CA VAL A 3 4.69 -3.12 -10.01
C VAL A 3 4.20 -1.69 -10.22
N LEU A 4 3.04 -1.39 -9.67
CA LEU A 4 2.45 -0.06 -9.79
C LEU A 4 1.96 0.45 -8.43
N LYS A 5 1.99 1.76 -8.24
CA LYS A 5 1.54 2.37 -7.00
C LYS A 5 1.38 3.88 -7.15
N ASN A 6 2.25 4.48 -7.95
CA ASN A 6 2.21 5.92 -8.19
C ASN A 6 1.56 6.23 -9.54
N ASN A 7 1.01 7.44 -9.65
CA ASN A 7 0.36 7.86 -10.89
C ASN A 7 -1.08 7.37 -10.93
N THR A 8 -1.26 6.05 -11.07
CA THR A 8 -2.58 5.46 -11.13
C THR A 8 -2.76 4.41 -10.04
N PRO A 9 -3.76 4.61 -9.17
CA PRO A 9 -4.07 3.70 -8.07
C PRO A 9 -4.63 2.36 -8.56
N VAL A 10 -4.43 1.32 -7.78
CA VAL A 10 -4.92 -0.01 -8.14
C VAL A 10 -6.42 -0.14 -7.85
N SER A 11 -7.20 -0.31 -8.92
CA SER A 11 -8.65 -0.44 -8.78
C SER A 11 -9.04 -1.89 -8.49
N ASN A 12 -10.24 -2.07 -7.96
CA ASN A 12 -10.74 -3.41 -7.64
C ASN A 12 -9.63 -4.27 -7.04
N LEU A 13 -9.12 -3.85 -5.89
CA LEU A 13 -8.06 -4.57 -5.21
C LEU A 13 -8.51 -5.98 -4.86
N THR A 14 -7.71 -6.67 -4.05
CA THR A 14 -8.03 -8.03 -3.62
C THR A 14 -7.55 -8.30 -2.21
N GLY A 15 -8.36 -9.00 -1.43
CA GLY A 15 -8.00 -9.32 -0.06
C GLY A 15 -8.42 -10.71 0.34
N ASN A 16 -7.95 -11.71 -0.41
CA ASN A 16 -8.27 -13.10 -0.12
C ASN A 16 -7.48 -13.61 1.08
N LYS A 17 -8.05 -14.59 1.78
CA LYS A 17 -7.39 -15.18 2.95
C LYS A 17 -5.97 -15.63 2.60
N GLY A 18 -5.83 -16.26 1.44
CA GLY A 18 -4.52 -16.74 1.02
C GLY A 18 -3.91 -15.87 -0.07
N SER A 19 -4.70 -15.58 -1.10
CA SER A 19 -4.23 -14.76 -2.21
C SER A 19 -3.91 -13.34 -1.74
N GLU A 20 -2.76 -12.83 -2.17
CA GLU A 20 -2.33 -11.48 -1.79
C GLU A 20 -1.81 -10.72 -3.00
N VAL A 21 -1.54 -9.43 -2.82
CA VAL A 21 -1.03 -8.59 -3.89
C VAL A 21 0.07 -7.67 -3.38
N PHE A 22 1.12 -7.50 -4.21
CA PHE A 22 2.24 -6.65 -3.84
C PHE A 22 2.67 -5.79 -5.03
N TYR A 23 3.22 -4.62 -4.74
CA TYR A 23 3.68 -3.71 -5.78
C TYR A 23 4.93 -2.95 -5.34
N THR A 24 5.59 -2.32 -6.29
CA THR A 24 6.80 -1.56 -6.00
C THR A 24 6.87 -0.28 -6.83
N PHE A 25 7.28 0.81 -6.20
CA PHE A 25 7.39 2.10 -6.88
C PHE A 25 8.31 3.05 -6.12
N THR A 26 8.83 4.04 -6.81
CA THR A 26 9.74 5.01 -6.20
C THR A 26 9.28 6.44 -6.49
N VAL A 27 9.91 7.41 -5.84
CA VAL A 27 9.56 8.81 -6.02
C VAL A 27 10.64 9.54 -6.82
N ASP A 28 10.23 10.53 -7.60
CA ASP A 28 11.15 11.30 -8.41
C ASP A 28 11.65 12.53 -7.65
N ARG A 29 10.71 13.29 -7.08
CA ARG A 29 11.06 14.48 -6.32
C ARG A 29 10.47 14.42 -4.92
N ASN A 30 11.01 15.24 -4.02
CA ASN A 30 10.55 15.28 -2.64
C ASN A 30 9.29 16.14 -2.51
N ALA A 31 8.18 15.50 -2.17
CA ALA A 31 6.91 16.20 -2.02
C ALA A 31 6.09 15.61 -0.87
N THR A 32 5.47 16.48 -0.09
CA THR A 32 4.65 16.04 1.04
C THR A 32 3.18 15.91 0.64
N ALA A 33 2.72 14.68 0.51
CA ALA A 33 1.32 14.42 0.14
C ALA A 33 0.72 13.32 0.98
N VAL A 34 -0.56 13.43 1.28
CA VAL A 34 -1.27 12.43 2.08
C VAL A 34 -2.23 11.62 1.23
N VAL A 35 -1.92 10.34 1.05
CA VAL A 35 -2.77 9.46 0.26
C VAL A 35 -3.13 8.20 1.04
N SER A 36 -4.38 7.76 0.93
CA SER A 36 -4.86 6.58 1.62
C SER A 36 -5.66 5.68 0.68
N ILE A 37 -5.90 4.45 1.13
CA ILE A 37 -6.65 3.49 0.32
C ILE A 37 -8.02 3.20 0.95
N SER A 38 -8.99 2.89 0.10
CA SER A 38 -10.34 2.60 0.56
C SER A 38 -11.26 2.27 -0.61
N GLY A 39 -12.50 1.93 -0.29
CA GLY A 39 -13.47 1.60 -1.33
C GLY A 39 -14.68 0.88 -0.79
N GLY A 40 -14.44 -0.11 0.08
CA GLY A 40 -15.54 -0.87 0.65
C GLY A 40 -15.30 -1.20 2.11
N SER A 41 -14.99 -2.46 2.39
CA SER A 41 -14.75 -2.90 3.76
C SER A 41 -13.25 -3.08 4.02
N GLY A 42 -12.87 -3.04 5.28
CA GLY A 42 -11.47 -3.20 5.65
C GLY A 42 -11.01 -4.63 5.53
N ASP A 43 -10.49 -5.00 4.37
CA ASP A 43 -10.01 -6.36 4.14
C ASP A 43 -8.67 -6.34 3.41
N ALA A 44 -8.15 -5.14 3.15
CA ALA A 44 -6.88 -4.99 2.47
C ALA A 44 -5.87 -4.24 3.34
N ASP A 45 -4.89 -4.97 3.86
CA ASP A 45 -3.87 -4.38 4.71
C ASP A 45 -2.86 -3.60 3.89
N LEU A 46 -2.25 -2.59 4.50
CA LEU A 46 -1.26 -1.77 3.81
C LEU A 46 0.08 -1.81 4.54
N TYR A 47 1.14 -2.12 3.79
CA TYR A 47 2.48 -2.20 4.36
C TYR A 47 3.48 -1.48 3.48
N LEU A 48 4.41 -0.75 4.11
CA LEU A 48 5.44 -0.01 3.38
C LEU A 48 6.77 -0.05 4.12
N LYS A 49 7.84 -0.33 3.39
CA LYS A 49 9.17 -0.39 3.97
C LYS A 49 10.22 0.20 3.03
N ALA A 50 10.94 1.21 3.51
CA ALA A 50 11.97 1.85 2.70
C ALA A 50 13.09 0.88 2.35
N GLY A 51 13.47 0.84 1.08
CA GLY A 51 14.52 -0.06 0.65
C GLY A 51 14.00 -1.45 0.32
N SER A 52 13.83 -2.27 1.35
CA SER A 52 13.35 -3.63 1.16
C SER A 52 11.83 -3.70 1.31
N LYS A 53 11.27 -4.88 1.12
CA LYS A 53 9.83 -5.09 1.24
C LYS A 53 9.44 -5.42 2.68
N PRO A 54 8.34 -4.82 3.15
CA PRO A 54 7.84 -5.04 4.51
C PRO A 54 7.28 -6.46 4.70
N THR A 55 7.51 -7.02 5.88
CA THR A 55 7.03 -8.36 6.19
C THR A 55 5.79 -8.30 7.08
N THR A 56 5.26 -9.48 7.41
CA THR A 56 4.08 -9.57 8.26
C THR A 56 4.38 -9.06 9.68
N SER A 57 5.66 -8.92 9.99
CA SER A 57 6.07 -8.45 11.31
C SER A 57 6.91 -7.17 11.19
N SER A 58 7.56 -7.00 10.04
CA SER A 58 8.40 -5.84 9.80
C SER A 58 7.67 -4.83 8.92
N TRP A 59 7.58 -3.59 9.39
CA TRP A 59 6.92 -2.53 8.64
C TRP A 59 7.52 -1.17 8.96
N ASP A 60 7.42 -0.24 8.02
CA ASP A 60 7.95 1.11 8.21
C ASP A 60 6.82 2.13 8.31
N CYS A 61 5.70 1.82 7.68
CA CYS A 61 4.55 2.71 7.69
C CYS A 61 3.25 1.93 7.82
N ARG A 62 2.46 2.25 8.84
CA ARG A 62 1.19 1.56 9.08
C ARG A 62 0.49 2.14 10.30
N PRO A 63 -0.68 2.75 10.08
CA PRO A 63 -1.48 3.34 11.16
C PRO A 63 -2.09 2.29 12.09
N TYR A 64 -1.96 1.04 11.70
CA TYR A 64 -2.50 -0.07 12.50
C TYR A 64 -4.02 -0.03 12.51
N ARG A 65 -4.61 -0.44 11.39
CA ARG A 65 -6.08 -0.46 11.26
C ARG A 65 -6.55 -1.79 10.67
N TYR A 66 -7.82 -1.83 10.29
CA TYR A 66 -8.40 -3.03 9.71
C TYR A 66 -8.49 -2.93 8.19
N GLY A 67 -7.61 -3.63 7.50
CA GLY A 67 -7.61 -3.59 6.04
C GLY A 67 -7.63 -2.18 5.49
N ASN A 68 -8.55 -1.93 4.55
CA ASN A 68 -8.67 -0.62 3.95
C ASN A 68 -8.70 0.48 5.02
N ASN A 69 -8.57 1.73 4.58
CA ASN A 69 -8.58 2.86 5.50
C ASN A 69 -7.34 2.85 6.39
N GLU A 70 -6.32 2.11 5.98
CA GLU A 70 -5.09 2.01 6.74
C GLU A 70 -3.89 2.47 5.90
N SER A 71 -3.60 3.76 5.93
CA SER A 71 -2.50 4.32 5.18
C SER A 71 -1.68 5.27 6.04
N CYS A 72 -0.51 5.67 5.52
CA CYS A 72 0.37 6.58 6.24
C CYS A 72 0.63 7.84 5.43
N SER A 73 0.90 8.94 6.12
CA SER A 73 1.16 10.22 5.47
C SER A 73 2.49 10.82 5.94
N VAL A 74 3.48 10.81 5.06
CA VAL A 74 4.80 11.36 5.39
C VAL A 74 5.50 11.90 4.15
N SER A 75 6.37 12.88 4.35
CA SER A 75 7.11 13.47 3.24
C SER A 75 8.28 12.61 2.83
N ALA A 76 8.11 11.87 1.74
CA ALA A 76 9.16 10.99 1.23
C ALA A 76 10.16 11.77 0.36
N ALA A 77 11.40 11.30 0.34
CA ALA A 77 12.44 11.94 -0.45
C ALA A 77 12.97 11.01 -1.54
N PRO A 78 13.30 11.59 -2.70
CA PRO A 78 13.81 10.83 -3.84
C PRO A 78 15.22 10.29 -3.59
N GLY A 79 15.38 8.98 -3.74
CA GLY A 79 16.67 8.36 -3.52
C GLY A 79 16.56 6.97 -2.94
N THR A 80 15.39 6.64 -2.40
CA THR A 80 15.16 5.34 -1.79
C THR A 80 13.94 4.66 -2.40
N THR A 81 14.09 3.40 -2.78
CA THR A 81 12.99 2.64 -3.38
C THR A 81 11.96 2.27 -2.33
N TYR A 82 10.68 2.39 -2.69
CA TYR A 82 9.59 2.07 -1.78
C TYR A 82 8.89 0.79 -2.21
N HIS A 83 8.53 -0.04 -1.23
CA HIS A 83 7.86 -1.31 -1.50
C HIS A 83 6.39 -1.23 -1.09
N VAL A 84 5.58 -2.13 -1.63
CA VAL A 84 4.16 -2.16 -1.32
C VAL A 84 3.67 -3.60 -1.14
N MET A 85 3.04 -3.86 0.00
CA MET A 85 2.53 -5.20 0.31
C MET A 85 1.08 -5.12 0.78
N ILE A 86 0.20 -5.84 0.09
CA ILE A 86 -1.21 -5.85 0.44
C ILE A 86 -1.63 -7.21 0.98
N LYS A 87 -2.19 -7.22 2.18
CA LYS A 87 -2.64 -8.46 2.81
C LYS A 87 -4.16 -8.57 2.79
N GLY A 88 -4.66 -9.79 2.64
CA GLY A 88 -6.10 -9.99 2.62
C GLY A 88 -6.59 -10.86 3.76
N TYR A 89 -7.74 -10.50 4.33
CA TYR A 89 -8.31 -11.25 5.44
C TYR A 89 -9.43 -12.17 4.97
N SER A 90 -10.04 -11.80 3.85
CA SER A 90 -11.13 -12.58 3.28
C SER A 90 -11.57 -12.02 1.93
N ASN A 91 -11.84 -12.92 0.99
CA ASN A 91 -12.27 -12.53 -0.35
C ASN A 91 -13.05 -11.22 -0.30
N TYR A 92 -12.42 -10.13 -0.76
CA TYR A 92 -13.06 -8.83 -0.77
C TYR A 92 -12.32 -7.87 -1.70
N SER A 93 -12.96 -7.52 -2.81
CA SER A 93 -12.36 -6.62 -3.78
C SER A 93 -13.18 -5.33 -3.92
N GLY A 94 -12.55 -4.28 -4.41
CA GLY A 94 -13.24 -3.02 -4.58
C GLY A 94 -12.57 -1.88 -3.83
N VAL A 95 -11.27 -2.03 -3.59
CA VAL A 95 -10.50 -1.00 -2.88
C VAL A 95 -9.50 -0.33 -3.79
N THR A 96 -9.26 0.96 -3.55
CA THR A 96 -8.31 1.73 -4.36
C THR A 96 -7.00 1.95 -3.61
N LEU A 97 -5.93 1.36 -4.10
CA LEU A 97 -4.62 1.49 -3.49
C LEU A 97 -3.78 2.53 -4.21
N LYS A 98 -3.02 3.32 -3.46
CA LYS A 98 -2.17 4.35 -4.03
C LYS A 98 -0.96 4.62 -3.14
N LEU A 99 0.00 5.39 -3.66
CA LEU A 99 1.21 5.72 -2.91
C LEU A 99 1.00 6.98 -2.09
N GLN A 100 1.62 7.02 -0.90
CA GLN A 100 1.51 8.18 -0.04
C GLN A 100 2.81 8.98 -0.02
N TYR A 101 2.82 10.09 -0.76
CA TYR A 101 4.00 10.94 -0.84
C TYR A 101 4.21 11.71 0.46
N GLY A 1 2.43 -10.30 -11.99
CA GLY A 1 2.32 -9.33 -13.07
C GLY A 1 3.39 -8.27 -13.01
N ASN A 2 2.98 -7.01 -13.11
CA ASN A 2 3.92 -5.89 -13.07
C ASN A 2 3.88 -5.19 -11.71
N VAL A 3 4.62 -4.10 -11.60
CA VAL A 3 4.67 -3.34 -10.35
C VAL A 3 4.15 -1.92 -10.56
N LEU A 4 2.97 -1.64 -10.03
CA LEU A 4 2.36 -0.33 -10.16
C LEU A 4 1.87 0.18 -8.80
N LYS A 5 1.88 1.50 -8.63
CA LYS A 5 1.43 2.11 -7.38
C LYS A 5 1.13 3.60 -7.58
N ASN A 6 2.19 4.38 -7.76
CA ASN A 6 2.05 5.81 -7.97
C ASN A 6 1.45 6.12 -9.34
N ASN A 7 0.82 7.28 -9.46
CA ASN A 7 0.21 7.68 -10.72
C ASN A 7 -1.23 7.19 -10.82
N THR A 8 -1.39 5.87 -10.92
CA THR A 8 -2.71 5.27 -11.01
C THR A 8 -2.92 4.24 -9.91
N PRO A 9 -3.95 4.45 -9.08
CA PRO A 9 -4.28 3.54 -7.97
C PRO A 9 -4.85 2.21 -8.47
N VAL A 10 -4.68 1.18 -7.67
CA VAL A 10 -5.17 -0.15 -8.02
C VAL A 10 -6.62 -0.34 -7.57
N SER A 11 -7.52 -0.48 -8.55
CA SER A 11 -8.93 -0.66 -8.26
C SER A 11 -9.28 -2.14 -8.17
N ASN A 12 -10.53 -2.43 -7.81
CA ASN A 12 -11.00 -3.80 -7.67
C ASN A 12 -9.93 -4.66 -7.01
N LEU A 13 -9.39 -4.18 -5.89
CA LEU A 13 -8.36 -4.92 -5.16
C LEU A 13 -8.86 -6.30 -4.76
N THR A 14 -8.03 -7.03 -4.02
CA THR A 14 -8.39 -8.37 -3.58
C THR A 14 -7.84 -8.65 -2.18
N GLY A 15 -8.64 -9.31 -1.35
CA GLY A 15 -8.23 -9.61 0.01
C GLY A 15 -8.61 -11.02 0.42
N ASN A 16 -8.03 -12.02 -0.25
CA ASN A 16 -8.32 -13.41 0.05
C ASN A 16 -7.65 -13.84 1.35
N LYS A 17 -8.14 -14.92 1.94
CA LYS A 17 -7.59 -15.43 3.19
C LYS A 17 -6.06 -15.45 3.15
N GLY A 18 -5.52 -16.27 2.25
CA GLY A 18 -4.07 -16.37 2.12
C GLY A 18 -3.54 -15.54 0.97
N SER A 19 -4.16 -15.67 -0.20
CA SER A 19 -3.74 -14.93 -1.38
C SER A 19 -3.58 -13.45 -1.06
N GLU A 20 -2.79 -12.76 -1.88
CA GLU A 20 -2.55 -11.34 -1.69
C GLU A 20 -1.93 -10.72 -2.94
N VAL A 21 -1.66 -9.41 -2.87
CA VAL A 21 -1.07 -8.70 -4.00
C VAL A 21 0.10 -7.82 -3.54
N PHE A 22 1.09 -7.68 -4.39
CA PHE A 22 2.26 -6.86 -4.09
C PHE A 22 2.68 -6.02 -5.29
N TYR A 23 3.18 -4.82 -5.02
CA TYR A 23 3.62 -3.92 -6.08
C TYR A 23 4.83 -3.11 -5.65
N THR A 24 5.49 -2.48 -6.62
CA THR A 24 6.67 -1.67 -6.32
C THR A 24 6.68 -0.40 -7.18
N PHE A 25 7.09 0.71 -6.57
CA PHE A 25 7.15 1.98 -7.26
C PHE A 25 8.09 2.96 -6.55
N THR A 26 8.53 3.97 -7.27
CA THR A 26 9.43 4.97 -6.71
C THR A 26 8.93 6.39 -6.97
N VAL A 27 9.57 7.37 -6.34
CA VAL A 27 9.19 8.76 -6.52
C VAL A 27 10.25 9.53 -7.30
N ASP A 28 9.92 10.75 -7.69
CA ASP A 28 10.84 11.59 -8.45
C ASP A 28 11.55 12.59 -7.53
N ARG A 29 10.79 13.55 -7.01
CA ARG A 29 11.35 14.55 -6.12
C ARG A 29 10.59 14.59 -4.80
N ASN A 30 11.31 14.94 -3.73
CA ASN A 30 10.71 15.01 -2.40
C ASN A 30 9.43 15.85 -2.43
N ALA A 31 8.31 15.22 -2.11
CA ALA A 31 7.02 15.90 -2.09
C ALA A 31 6.15 15.42 -0.94
N THR A 32 5.38 16.33 -0.35
CA THR A 32 4.51 16.01 0.76
C THR A 32 3.06 15.88 0.30
N ALA A 33 2.56 14.65 0.26
CA ALA A 33 1.18 14.40 -0.16
C ALA A 33 0.51 13.38 0.75
N VAL A 34 -0.79 13.53 0.95
CA VAL A 34 -1.55 12.61 1.80
C VAL A 34 -2.46 11.71 0.96
N VAL A 35 -2.13 10.43 0.93
CA VAL A 35 -2.91 9.46 0.17
C VAL A 35 -3.32 8.27 1.04
N SER A 36 -4.55 7.82 0.86
CA SER A 36 -5.07 6.69 1.63
C SER A 36 -5.81 5.71 0.73
N ILE A 37 -6.06 4.51 1.25
CA ILE A 37 -6.75 3.47 0.49
C ILE A 37 -8.12 3.17 1.10
N SER A 38 -9.05 2.75 0.27
CA SER A 38 -10.40 2.43 0.73
C SER A 38 -11.30 2.04 -0.44
N GLY A 39 -12.51 1.58 -0.12
CA GLY A 39 -13.44 1.18 -1.16
C GLY A 39 -14.55 0.28 -0.63
N GLY A 40 -14.28 -0.38 0.49
CA GLY A 40 -15.28 -1.26 1.08
C GLY A 40 -15.02 -1.50 2.55
N SER A 41 -14.74 -2.76 2.90
CA SER A 41 -14.49 -3.11 4.30
C SER A 41 -13.02 -3.51 4.49
N GLY A 42 -12.57 -3.48 5.75
CA GLY A 42 -11.20 -3.84 6.04
C GLY A 42 -10.84 -5.22 5.54
N ASP A 43 -10.04 -5.28 4.48
CA ASP A 43 -9.63 -6.54 3.90
C ASP A 43 -8.20 -6.46 3.37
N ALA A 44 -7.90 -5.38 2.66
CA ALA A 44 -6.57 -5.17 2.10
C ALA A 44 -5.66 -4.45 3.09
N ASP A 45 -4.60 -5.13 3.52
CA ASP A 45 -3.66 -4.55 4.47
C ASP A 45 -2.71 -3.58 3.77
N LEU A 46 -2.30 -2.54 4.48
CA LEU A 46 -1.39 -1.55 3.92
C LEU A 46 0.00 -1.66 4.54
N TYR A 47 1.01 -1.78 3.70
CA TYR A 47 2.38 -1.90 4.16
C TYR A 47 3.34 -1.14 3.25
N LEU A 48 4.32 -0.48 3.85
CA LEU A 48 5.30 0.30 3.09
C LEU A 48 6.66 0.29 3.78
N LYS A 49 7.71 0.03 3.02
CA LYS A 49 9.06 0.00 3.57
C LYS A 49 10.06 0.58 2.56
N ALA A 50 10.94 1.44 3.06
CA ALA A 50 11.96 2.07 2.21
C ALA A 50 13.10 1.10 1.92
N GLY A 51 13.48 1.01 0.65
CA GLY A 51 14.55 0.12 0.26
C GLY A 51 14.07 -1.29 0.02
N SER A 52 13.90 -2.06 1.09
CA SER A 52 13.45 -3.43 0.99
C SER A 52 11.93 -3.52 1.11
N LYS A 53 11.40 -4.73 0.95
CA LYS A 53 9.96 -4.95 1.04
C LYS A 53 9.55 -5.23 2.48
N PRO A 54 8.42 -4.63 2.92
CA PRO A 54 7.90 -4.80 4.27
C PRO A 54 7.35 -6.20 4.50
N THR A 55 7.56 -6.73 5.71
CA THR A 55 7.09 -8.06 6.06
C THR A 55 5.80 -7.99 6.85
N THR A 56 5.26 -9.16 7.21
CA THR A 56 4.02 -9.23 7.97
C THR A 56 4.21 -8.68 9.39
N SER A 57 5.47 -8.49 9.77
CA SER A 57 5.79 -7.98 11.10
C SER A 57 6.63 -6.71 11.00
N SER A 58 7.37 -6.59 9.90
CA SER A 58 8.23 -5.42 9.68
C SER A 58 7.58 -4.46 8.70
N TRP A 59 7.46 -3.20 9.10
CA TRP A 59 6.87 -2.18 8.27
C TRP A 59 7.42 -0.80 8.61
N ASP A 60 7.41 0.11 7.63
CA ASP A 60 7.91 1.46 7.83
C ASP A 60 6.75 2.44 8.02
N CYS A 61 5.63 2.16 7.38
CA CYS A 61 4.46 3.02 7.47
C CYS A 61 3.18 2.20 7.60
N ARG A 62 2.43 2.44 8.66
CA ARG A 62 1.19 1.71 8.91
C ARG A 62 0.49 2.24 10.16
N PRO A 63 -0.80 2.59 10.01
CA PRO A 63 -1.61 3.11 11.12
C PRO A 63 -1.92 2.04 12.15
N TYR A 64 -1.66 0.79 11.81
CA TYR A 64 -1.91 -0.33 12.71
C TYR A 64 -3.40 -0.49 12.97
N ARG A 65 -4.08 -1.19 12.06
CA ARG A 65 -5.51 -1.41 12.19
C ARG A 65 -6.05 -2.21 11.01
N TYR A 66 -7.37 -2.25 10.86
CA TYR A 66 -8.00 -2.97 9.77
C TYR A 66 -7.31 -2.69 8.45
N GLY A 67 -7.52 -3.57 7.47
CA GLY A 67 -6.91 -3.39 6.17
C GLY A 67 -7.26 -2.06 5.54
N ASN A 68 -8.31 -2.05 4.73
CA ASN A 68 -8.74 -0.82 4.06
C ASN A 68 -9.02 0.28 5.07
N ASN A 69 -9.05 1.52 4.60
CA ASN A 69 -9.31 2.66 5.47
C ASN A 69 -8.17 2.84 6.48
N GLU A 70 -6.99 2.37 6.13
CA GLU A 70 -5.82 2.47 7.00
C GLU A 70 -4.56 2.73 6.20
N SER A 71 -4.18 4.00 6.08
CA SER A 71 -2.99 4.38 5.33
C SER A 71 -2.15 5.38 6.13
N CYS A 72 -0.95 5.65 5.63
CA CYS A 72 -0.05 6.59 6.29
C CYS A 72 0.27 7.77 5.38
N SER A 73 0.51 8.93 5.99
CA SER A 73 0.82 10.15 5.24
C SER A 73 2.12 10.77 5.71
N VAL A 74 3.15 10.69 4.88
CA VAL A 74 4.45 11.26 5.23
C VAL A 74 5.21 11.68 3.97
N SER A 75 6.09 12.66 4.13
CA SER A 75 6.88 13.17 3.01
C SER A 75 8.09 12.28 2.75
N ALA A 76 7.98 11.44 1.72
CA ALA A 76 9.06 10.53 1.36
C ALA A 76 10.09 11.23 0.49
N ALA A 77 11.34 10.79 0.60
CA ALA A 77 12.43 11.38 -0.18
C ALA A 77 12.82 10.46 -1.35
N PRO A 78 13.19 11.08 -2.48
CA PRO A 78 13.58 10.35 -3.68
C PRO A 78 14.93 9.65 -3.52
N GLY A 79 15.33 8.90 -4.53
CA GLY A 79 16.60 8.19 -4.48
C GLY A 79 16.49 6.87 -3.76
N THR A 80 15.32 6.58 -3.21
CA THR A 80 15.08 5.34 -2.48
C THR A 80 13.86 4.62 -3.02
N THR A 81 14.05 3.35 -3.40
CA THR A 81 12.97 2.54 -3.94
C THR A 81 11.96 2.17 -2.85
N TYR A 82 10.69 2.25 -3.18
CA TYR A 82 9.63 1.92 -2.23
C TYR A 82 8.90 0.65 -2.64
N HIS A 83 8.61 -0.21 -1.67
CA HIS A 83 7.91 -1.46 -1.93
C HIS A 83 6.46 -1.39 -1.44
N VAL A 84 5.63 -2.31 -1.94
CA VAL A 84 4.22 -2.34 -1.56
C VAL A 84 3.78 -3.77 -1.27
N MET A 85 2.98 -3.93 -0.21
CA MET A 85 2.48 -5.24 0.16
C MET A 85 1.02 -5.16 0.62
N ILE A 86 0.16 -5.90 -0.05
CA ILE A 86 -1.27 -5.91 0.28
C ILE A 86 -1.72 -7.31 0.70
N LYS A 87 -2.09 -7.45 1.96
CA LYS A 87 -2.55 -8.73 2.49
C LYS A 87 -4.07 -8.78 2.57
N GLY A 88 -4.63 -9.98 2.54
CA GLY A 88 -6.08 -10.12 2.61
C GLY A 88 -6.53 -10.79 3.89
N TYR A 89 -7.75 -10.50 4.31
CA TYR A 89 -8.30 -11.07 5.54
C TYR A 89 -9.53 -11.92 5.24
N SER A 90 -10.16 -11.66 4.10
CA SER A 90 -11.35 -12.40 3.69
C SER A 90 -11.79 -11.99 2.29
N ASN A 91 -12.11 -12.97 1.46
CA ASN A 91 -12.56 -12.71 0.10
C ASN A 91 -13.33 -11.40 0.02
N TYR A 92 -12.69 -10.37 -0.55
CA TYR A 92 -13.31 -9.06 -0.69
C TYR A 92 -12.55 -8.21 -1.70
N SER A 93 -13.22 -7.86 -2.79
CA SER A 93 -12.61 -7.04 -3.83
C SER A 93 -13.41 -5.76 -4.05
N GLY A 94 -12.72 -4.71 -4.49
CA GLY A 94 -13.39 -3.44 -4.74
C GLY A 94 -12.79 -2.31 -3.93
N VAL A 95 -11.49 -2.42 -3.63
CA VAL A 95 -10.80 -1.40 -2.86
C VAL A 95 -9.75 -0.69 -3.71
N THR A 96 -9.56 0.60 -3.45
CA THR A 96 -8.58 1.39 -4.19
C THR A 96 -7.30 1.58 -3.38
N LEU A 97 -6.19 1.08 -3.92
CA LEU A 97 -4.91 1.20 -3.24
C LEU A 97 -3.97 2.14 -4.00
N LYS A 98 -3.42 3.13 -3.29
CA LYS A 98 -2.51 4.08 -3.90
C LYS A 98 -1.29 4.31 -3.02
N LEU A 99 -0.28 4.98 -3.56
CA LEU A 99 0.94 5.25 -2.83
C LEU A 99 0.82 6.57 -2.06
N GLN A 100 1.38 6.60 -0.86
CA GLN A 100 1.33 7.80 -0.03
C GLN A 100 2.68 8.51 -0.03
N TYR A 101 2.71 9.68 -0.66
CA TYR A 101 3.94 10.47 -0.73
C TYR A 101 3.87 11.69 0.18
N GLY A 1 0.33 -8.77 -11.47
CA GLY A 1 1.18 -8.88 -12.64
C GLY A 1 2.42 -8.00 -12.53
N ASN A 2 2.25 -6.71 -12.84
CA ASN A 2 3.37 -5.77 -12.79
C ASN A 2 3.39 -5.05 -11.45
N VAL A 3 4.34 -4.11 -11.30
CA VAL A 3 4.47 -3.34 -10.07
C VAL A 3 3.98 -1.91 -10.26
N LEU A 4 2.83 -1.60 -9.67
CA LEU A 4 2.26 -0.26 -9.77
C LEU A 4 1.81 0.24 -8.40
N LYS A 5 1.86 1.55 -8.22
CA LYS A 5 1.46 2.18 -6.97
C LYS A 5 1.29 3.68 -7.12
N ASN A 6 2.41 4.37 -7.36
CA ASN A 6 2.38 5.83 -7.53
C ASN A 6 1.86 6.20 -8.91
N ASN A 7 1.29 7.40 -9.01
CA ASN A 7 0.75 7.88 -10.28
C ASN A 7 -0.70 7.43 -10.46
N THR A 8 -0.90 6.13 -10.65
CA THR A 8 -2.23 5.57 -10.83
C THR A 8 -2.54 4.53 -9.76
N PRO A 9 -3.61 4.77 -9.00
CA PRO A 9 -4.04 3.86 -7.93
C PRO A 9 -4.60 2.55 -8.47
N VAL A 10 -4.52 1.50 -7.65
CA VAL A 10 -5.02 0.19 -8.05
C VAL A 10 -6.50 0.06 -7.77
N SER A 11 -7.28 -0.11 -8.84
CA SER A 11 -8.73 -0.25 -8.70
C SER A 11 -9.13 -1.71 -8.50
N ASN A 12 -10.32 -1.92 -7.95
CA ASN A 12 -10.82 -3.27 -7.70
C ASN A 12 -9.70 -4.17 -7.16
N LEU A 13 -9.27 -3.89 -5.94
CA LEU A 13 -8.20 -4.67 -5.32
C LEU A 13 -8.69 -6.08 -4.97
N THR A 14 -7.84 -6.84 -4.30
CA THR A 14 -8.18 -8.20 -3.91
C THR A 14 -7.66 -8.52 -2.51
N GLY A 15 -8.49 -9.19 -1.71
CA GLY A 15 -8.10 -9.55 -0.36
C GLY A 15 -8.47 -10.97 -0.01
N ASN A 16 -7.88 -11.93 -0.71
CA ASN A 16 -8.16 -13.34 -0.46
C ASN A 16 -7.46 -13.82 0.81
N LYS A 17 -8.08 -14.77 1.50
CA LYS A 17 -7.53 -15.32 2.74
C LYS A 17 -6.07 -15.71 2.54
N GLY A 18 -5.81 -16.58 1.57
CA GLY A 18 -4.46 -17.02 1.30
C GLY A 18 -3.75 -16.15 0.27
N SER A 19 -4.27 -16.16 -0.95
CA SER A 19 -3.69 -15.36 -2.03
C SER A 19 -3.49 -13.92 -1.59
N GLU A 20 -2.41 -13.30 -2.06
CA GLU A 20 -2.11 -11.91 -1.72
C GLU A 20 -1.59 -11.16 -2.94
N VAL A 21 -1.29 -9.88 -2.75
CA VAL A 21 -0.78 -9.04 -3.84
C VAL A 21 0.30 -8.08 -3.33
N PHE A 22 1.36 -7.93 -4.11
CA PHE A 22 2.47 -7.05 -3.74
C PHE A 22 2.90 -6.20 -4.94
N TYR A 23 3.20 -4.94 -4.68
CA TYR A 23 3.63 -4.03 -5.73
C TYR A 23 4.80 -3.16 -5.25
N THR A 24 5.48 -2.53 -6.21
CA THR A 24 6.61 -1.68 -5.89
C THR A 24 6.66 -0.45 -6.80
N PHE A 25 7.13 0.66 -6.26
CA PHE A 25 7.22 1.91 -7.03
C PHE A 25 8.22 2.85 -6.39
N THR A 26 8.65 3.86 -7.16
CA THR A 26 9.61 4.85 -6.69
C THR A 26 9.07 6.26 -6.85
N VAL A 27 9.77 7.23 -6.26
CA VAL A 27 9.37 8.62 -6.34
C VAL A 27 10.31 9.41 -7.24
N ASP A 28 9.76 10.38 -7.97
CA ASP A 28 10.56 11.21 -8.86
C ASP A 28 11.17 12.40 -8.11
N ARG A 29 10.35 13.04 -7.28
CA ARG A 29 10.80 14.19 -6.51
C ARG A 29 10.18 14.19 -5.11
N ASN A 30 10.85 14.82 -4.17
CA ASN A 30 10.36 14.89 -2.79
C ASN A 30 9.16 15.84 -2.69
N ALA A 31 8.02 15.28 -2.32
CA ALA A 31 6.79 16.06 -2.18
C ALA A 31 5.96 15.58 -0.99
N THR A 32 5.36 16.52 -0.27
CA THR A 32 4.55 16.20 0.88
C THR A 32 3.07 16.10 0.51
N ALA A 33 2.56 14.87 0.44
CA ALA A 33 1.17 14.64 0.09
C ALA A 33 0.56 13.56 0.97
N VAL A 34 -0.75 13.67 1.23
CA VAL A 34 -1.46 12.72 2.06
C VAL A 34 -2.39 11.84 1.22
N VAL A 35 -2.04 10.57 1.10
CA VAL A 35 -2.84 9.63 0.32
C VAL A 35 -3.18 8.39 1.15
N SER A 36 -4.42 7.92 1.00
CA SER A 36 -4.88 6.74 1.73
C SER A 36 -5.66 5.80 0.81
N ILE A 37 -5.88 4.57 1.28
CA ILE A 37 -6.61 3.58 0.51
C ILE A 37 -7.96 3.27 1.13
N SER A 38 -8.93 2.90 0.30
CA SER A 38 -10.27 2.59 0.77
C SER A 38 -11.19 2.28 -0.40
N GLY A 39 -12.41 1.85 -0.08
CA GLY A 39 -13.38 1.52 -1.11
C GLY A 39 -14.59 0.80 -0.57
N GLY A 40 -14.41 0.08 0.54
CA GLY A 40 -15.51 -0.64 1.15
C GLY A 40 -15.23 -1.01 2.59
N SER A 41 -15.14 -2.31 2.86
CA SER A 41 -14.88 -2.79 4.21
C SER A 41 -13.50 -3.43 4.31
N GLY A 42 -13.00 -3.57 5.54
CA GLY A 42 -11.70 -4.16 5.75
C GLY A 42 -11.52 -5.46 4.98
N ASP A 43 -10.38 -5.60 4.32
CA ASP A 43 -10.08 -6.81 3.55
C ASP A 43 -8.65 -6.79 3.02
N ALA A 44 -8.19 -5.59 2.65
CA ALA A 44 -6.84 -5.42 2.12
C ALA A 44 -5.95 -4.69 3.12
N ASP A 45 -4.80 -5.28 3.43
CA ASP A 45 -3.85 -4.68 4.36
C ASP A 45 -2.88 -3.77 3.64
N LEU A 46 -2.38 -2.77 4.35
CA LEU A 46 -1.44 -1.82 3.78
C LEU A 46 -0.10 -1.85 4.51
N TYR A 47 0.98 -1.71 3.76
CA TYR A 47 2.33 -1.74 4.34
C TYR A 47 3.31 -0.95 3.49
N LEU A 48 4.23 -0.25 4.14
CA LEU A 48 5.23 0.55 3.44
C LEU A 48 6.59 0.44 4.12
N LYS A 49 7.63 0.24 3.31
CA LYS A 49 8.99 0.11 3.84
C LYS A 49 10.01 0.63 2.82
N ALA A 50 10.89 1.50 3.28
CA ALA A 50 11.92 2.07 2.42
C ALA A 50 13.10 1.11 2.27
N GLY A 51 13.12 0.38 1.16
CA GLY A 51 14.19 -0.57 0.91
C GLY A 51 13.69 -1.99 0.76
N SER A 52 13.62 -2.72 1.87
CA SER A 52 13.17 -4.10 1.86
C SER A 52 11.66 -4.17 2.08
N LYS A 53 10.97 -4.89 1.20
CA LYS A 53 9.52 -5.03 1.30
C LYS A 53 9.10 -5.30 2.75
N PRO A 54 8.05 -4.59 3.20
CA PRO A 54 7.53 -4.72 4.56
C PRO A 54 6.83 -6.06 4.77
N THR A 55 6.99 -6.62 5.97
CA THR A 55 6.38 -7.90 6.31
C THR A 55 5.23 -7.72 7.28
N THR A 56 4.57 -8.82 7.63
CA THR A 56 3.44 -8.78 8.55
C THR A 56 3.88 -8.28 9.93
N SER A 57 5.19 -8.28 10.16
CA SER A 57 5.73 -7.83 11.45
C SER A 57 6.64 -6.62 11.25
N SER A 58 7.23 -6.52 10.07
CA SER A 58 8.13 -5.41 9.75
C SER A 58 7.43 -4.36 8.89
N TRP A 59 7.45 -3.12 9.35
CA TRP A 59 6.82 -2.02 8.62
C TRP A 59 7.50 -0.70 8.92
N ASP A 60 7.42 0.23 7.98
CA ASP A 60 8.03 1.54 8.15
C ASP A 60 6.98 2.61 8.36
N CYS A 61 5.83 2.45 7.71
CA CYS A 61 4.74 3.40 7.83
C CYS A 61 3.39 2.70 7.78
N ARG A 62 2.59 2.89 8.83
CA ARG A 62 1.27 2.28 8.92
C ARG A 62 0.54 2.72 10.17
N PRO A 63 -0.71 3.19 10.01
CA PRO A 63 -1.54 3.65 11.12
C PRO A 63 -1.98 2.50 12.03
N TYR A 64 -1.64 1.28 11.64
CA TYR A 64 -2.00 0.11 12.43
C TYR A 64 -3.51 -0.14 12.37
N ARG A 65 -3.93 -1.08 11.55
CA ARG A 65 -5.34 -1.41 11.41
C ARG A 65 -5.53 -2.78 10.77
N TYR A 66 -6.76 -3.10 10.40
CA TYR A 66 -7.07 -4.38 9.78
C TYR A 66 -6.87 -4.32 8.26
N GLY A 67 -7.83 -3.72 7.58
CA GLY A 67 -7.76 -3.59 6.13
C GLY A 67 -8.47 -2.36 5.62
N ASN A 68 -7.93 -1.77 4.56
CA ASN A 68 -8.52 -0.58 3.97
C ASN A 68 -8.61 0.56 4.99
N ASN A 69 -8.53 1.79 4.51
CA ASN A 69 -8.60 2.96 5.37
C ASN A 69 -7.39 3.01 6.31
N GLU A 70 -6.39 2.19 6.02
CA GLU A 70 -5.18 2.14 6.84
C GLU A 70 -3.96 2.57 6.02
N SER A 71 -3.70 3.86 5.99
CA SER A 71 -2.57 4.40 5.25
C SER A 71 -1.79 5.41 6.09
N CYS A 72 -0.62 5.79 5.60
CA CYS A 72 0.23 6.75 6.31
C CYS A 72 0.50 7.98 5.46
N SER A 73 0.83 9.09 6.11
CA SER A 73 1.09 10.34 5.41
C SER A 73 2.44 10.93 5.84
N VAL A 74 3.42 10.84 4.95
CA VAL A 74 4.76 11.36 5.23
C VAL A 74 5.45 11.81 3.96
N SER A 75 6.37 12.77 4.09
CA SER A 75 7.11 13.29 2.95
C SER A 75 8.09 12.25 2.42
N ALA A 76 7.73 11.64 1.28
CA ALA A 76 8.58 10.64 0.66
C ALA A 76 9.68 11.27 -0.16
N ALA A 77 10.91 10.81 0.04
CA ALA A 77 12.06 11.34 -0.70
C ALA A 77 12.47 10.41 -1.82
N PRO A 78 12.83 10.98 -2.97
CA PRO A 78 13.25 10.22 -4.15
C PRO A 78 14.62 9.55 -3.95
N GLY A 79 14.98 8.68 -4.88
CA GLY A 79 16.25 7.99 -4.79
C GLY A 79 16.12 6.61 -4.17
N THR A 80 15.27 6.50 -3.14
CA THR A 80 15.06 5.24 -2.46
C THR A 80 13.83 4.52 -2.99
N THR A 81 13.99 3.25 -3.35
CA THR A 81 12.89 2.47 -3.88
C THR A 81 11.88 2.12 -2.78
N TYR A 82 10.60 2.32 -3.08
CA TYR A 82 9.54 2.03 -2.12
C TYR A 82 8.82 0.73 -2.46
N HIS A 83 8.57 -0.09 -1.45
CA HIS A 83 7.89 -1.36 -1.64
C HIS A 83 6.46 -1.30 -1.11
N VAL A 84 5.62 -2.21 -1.59
CA VAL A 84 4.23 -2.26 -1.17
C VAL A 84 3.76 -3.69 -0.97
N MET A 85 2.99 -3.93 0.08
CA MET A 85 2.48 -5.25 0.39
C MET A 85 0.99 -5.21 0.72
N ILE A 86 0.19 -5.97 -0.01
CA ILE A 86 -1.25 -6.02 0.20
C ILE A 86 -1.69 -7.42 0.59
N LYS A 87 -2.17 -7.56 1.83
CA LYS A 87 -2.64 -8.85 2.31
C LYS A 87 -4.16 -8.95 2.23
N GLY A 88 -4.68 -10.16 2.35
CA GLY A 88 -6.12 -10.37 2.28
C GLY A 88 -6.65 -11.17 3.45
N TYR A 89 -7.76 -10.70 4.02
CA TYR A 89 -8.37 -11.39 5.16
C TYR A 89 -9.49 -12.31 4.71
N SER A 90 -10.17 -11.93 3.63
CA SER A 90 -11.26 -12.73 3.09
C SER A 90 -11.66 -12.23 1.70
N ASN A 91 -11.89 -13.19 0.80
CA ASN A 91 -12.28 -12.85 -0.57
C ASN A 91 -13.15 -11.60 -0.61
N TYR A 92 -12.56 -10.49 -1.05
CA TYR A 92 -13.29 -9.22 -1.12
C TYR A 92 -12.53 -8.23 -2.00
N SER A 93 -13.18 -7.80 -3.07
CA SER A 93 -12.57 -6.83 -3.99
C SER A 93 -13.43 -5.57 -4.11
N GLY A 94 -12.80 -4.47 -4.48
CA GLY A 94 -13.51 -3.22 -4.63
C GLY A 94 -12.87 -2.09 -3.83
N VAL A 95 -11.58 -2.23 -3.54
CA VAL A 95 -10.87 -1.22 -2.78
C VAL A 95 -9.79 -0.55 -3.64
N THR A 96 -9.60 0.74 -3.43
CA THR A 96 -8.61 1.49 -4.19
C THR A 96 -7.33 1.70 -3.37
N LEU A 97 -6.19 1.43 -3.99
CA LEU A 97 -4.90 1.58 -3.32
C LEU A 97 -4.03 2.61 -4.04
N LYS A 98 -3.18 3.29 -3.29
CA LYS A 98 -2.30 4.30 -3.85
C LYS A 98 -1.09 4.53 -2.94
N LEU A 99 -0.06 5.17 -3.48
CA LEU A 99 1.15 5.46 -2.72
C LEU A 99 1.05 6.82 -2.04
N GLN A 100 1.52 6.89 -0.80
CA GLN A 100 1.49 8.14 -0.04
C GLN A 100 2.84 8.85 -0.10
N TYR A 101 2.88 9.98 -0.77
CA TYR A 101 4.11 10.76 -0.90
C TYR A 101 3.99 12.10 -0.19
N GLY A 1 2.34 -10.50 -11.05
CA GLY A 1 2.29 -9.67 -12.24
C GLY A 1 3.35 -8.59 -12.23
N ASN A 2 2.92 -7.34 -12.41
CA ASN A 2 3.85 -6.22 -12.43
C ASN A 2 3.81 -5.45 -11.11
N VAL A 3 4.56 -4.37 -11.03
CA VAL A 3 4.61 -3.55 -9.83
C VAL A 3 4.12 -2.14 -10.10
N LEU A 4 2.94 -1.81 -9.57
CA LEU A 4 2.36 -0.48 -9.76
C LEU A 4 1.88 0.09 -8.43
N LYS A 5 1.94 1.42 -8.31
CA LYS A 5 1.51 2.09 -7.10
C LYS A 5 1.37 3.59 -7.33
N ASN A 6 2.49 4.27 -7.54
CA ASN A 6 2.49 5.70 -7.78
C ASN A 6 2.00 6.03 -9.19
N ASN A 7 1.47 7.23 -9.37
CA ASN A 7 0.97 7.65 -10.68
C ASN A 7 -0.49 7.25 -10.86
N THR A 8 -0.75 5.95 -10.91
CA THR A 8 -2.10 5.44 -11.07
C THR A 8 -2.42 4.39 -10.02
N PRO A 9 -3.48 4.65 -9.23
CA PRO A 9 -3.92 3.72 -8.18
C PRO A 9 -4.52 2.44 -8.74
N VAL A 10 -4.45 1.37 -7.95
CA VAL A 10 -4.99 0.08 -8.37
C VAL A 10 -6.49 -0.01 -8.06
N SER A 11 -7.29 -0.11 -9.11
CA SER A 11 -8.73 -0.20 -8.95
C SER A 11 -9.16 -1.65 -8.68
N ASN A 12 -10.21 -1.80 -7.87
CA ASN A 12 -10.71 -3.12 -7.53
C ASN A 12 -9.57 -4.06 -7.15
N LEU A 13 -9.11 -3.95 -5.91
CA LEU A 13 -8.02 -4.80 -5.42
C LEU A 13 -8.53 -6.18 -5.04
N THR A 14 -7.65 -6.99 -4.45
CA THR A 14 -8.02 -8.34 -4.04
C THR A 14 -7.47 -8.65 -2.66
N GLY A 15 -8.28 -9.32 -1.84
CA GLY A 15 -7.86 -9.68 -0.50
C GLY A 15 -8.30 -11.07 -0.10
N ASN A 16 -7.67 -12.08 -0.69
CA ASN A 16 -8.01 -13.47 -0.39
C ASN A 16 -7.42 -13.89 0.95
N LYS A 17 -8.24 -14.57 1.76
CA LYS A 17 -7.80 -15.04 3.07
C LYS A 17 -6.51 -15.85 2.95
N GLY A 18 -6.28 -16.42 1.77
CA GLY A 18 -5.09 -17.21 1.55
C GLY A 18 -4.12 -16.54 0.61
N SER A 19 -4.64 -15.92 -0.44
CA SER A 19 -3.80 -15.24 -1.43
C SER A 19 -3.55 -13.80 -1.02
N GLU A 20 -2.92 -13.04 -1.90
CA GLU A 20 -2.62 -11.63 -1.64
C GLU A 20 -2.01 -10.97 -2.86
N VAL A 21 -1.65 -9.69 -2.72
CA VAL A 21 -1.05 -8.95 -3.81
C VAL A 21 0.06 -8.02 -3.30
N PHE A 22 1.10 -7.84 -4.12
CA PHE A 22 2.22 -6.98 -3.76
C PHE A 22 2.65 -6.12 -4.94
N TYR A 23 3.04 -4.88 -4.64
CA TYR A 23 3.48 -3.95 -5.68
C TYR A 23 4.68 -3.14 -5.21
N THR A 24 5.35 -2.49 -6.15
CA THR A 24 6.52 -1.68 -5.83
C THR A 24 6.62 -0.47 -6.77
N PHE A 25 7.05 0.65 -6.23
CA PHE A 25 7.19 1.88 -7.00
C PHE A 25 8.14 2.86 -6.32
N THR A 26 8.63 3.83 -7.09
CA THR A 26 9.55 4.83 -6.56
C THR A 26 9.10 6.24 -6.92
N VAL A 27 9.75 7.23 -6.32
CA VAL A 27 9.40 8.63 -6.57
C VAL A 27 10.50 9.32 -7.38
N ASP A 28 10.21 10.53 -7.86
CA ASP A 28 11.17 11.28 -8.65
C ASP A 28 11.71 12.47 -7.85
N ARG A 29 10.81 13.19 -7.18
CA ARG A 29 11.19 14.34 -6.39
C ARG A 29 10.52 14.31 -5.02
N ASN A 30 11.10 15.03 -4.06
CA ASN A 30 10.57 15.07 -2.70
C ASN A 30 9.33 15.97 -2.64
N ALA A 31 8.19 15.36 -2.32
CA ALA A 31 6.94 16.09 -2.21
C ALA A 31 6.09 15.57 -1.06
N THR A 32 5.46 16.49 -0.34
CA THR A 32 4.62 16.13 0.79
C THR A 32 3.14 16.05 0.38
N ALA A 33 2.62 14.83 0.29
CA ALA A 33 1.23 14.63 -0.09
C ALA A 33 0.57 13.57 0.79
N VAL A 34 -0.72 13.73 1.04
CA VAL A 34 -1.46 12.78 1.87
C VAL A 34 -2.40 11.94 1.01
N VAL A 35 -2.10 10.65 0.90
CA VAL A 35 -2.91 9.73 0.12
C VAL A 35 -3.31 8.52 0.94
N SER A 36 -4.56 8.07 0.78
CA SER A 36 -5.05 6.91 1.51
C SER A 36 -5.79 5.95 0.57
N ILE A 37 -6.04 4.74 1.06
CA ILE A 37 -6.74 3.74 0.27
C ILE A 37 -8.12 3.43 0.84
N SER A 38 -9.04 3.02 -0.03
CA SER A 38 -10.39 2.70 0.40
C SER A 38 -11.26 2.30 -0.80
N GLY A 39 -12.49 1.87 -0.51
CA GLY A 39 -13.38 1.46 -1.57
C GLY A 39 -14.58 0.69 -1.05
N GLY A 40 -14.41 0.04 0.10
CA GLY A 40 -15.49 -0.72 0.69
C GLY A 40 -15.34 -0.89 2.19
N SER A 41 -15.04 -2.11 2.62
CA SER A 41 -14.87 -2.40 4.04
C SER A 41 -13.43 -2.80 4.35
N GLY A 42 -13.06 -2.71 5.62
CA GLY A 42 -11.71 -3.06 6.02
C GLY A 42 -11.40 -4.52 5.74
N ASP A 43 -10.74 -4.77 4.61
CA ASP A 43 -10.38 -6.13 4.23
C ASP A 43 -8.93 -6.20 3.77
N ALA A 44 -8.50 -5.18 3.03
CA ALA A 44 -7.13 -5.12 2.53
C ALA A 44 -6.26 -4.23 3.41
N ASP A 45 -5.20 -4.81 3.97
CA ASP A 45 -4.29 -4.07 4.83
C ASP A 45 -3.29 -3.27 4.01
N LEU A 46 -2.65 -2.29 4.63
CA LEU A 46 -1.67 -1.46 3.96
C LEU A 46 -0.30 -1.58 4.62
N TYR A 47 0.72 -1.83 3.81
CA TYR A 47 2.08 -1.98 4.32
C TYR A 47 3.06 -1.17 3.47
N LEU A 48 4.10 -0.66 4.11
CA LEU A 48 5.12 0.13 3.42
C LEU A 48 6.45 0.06 4.15
N LYS A 49 7.53 -0.17 3.39
CA LYS A 49 8.86 -0.26 3.97
C LYS A 49 9.90 0.31 3.01
N ALA A 50 10.63 1.33 3.47
CA ALA A 50 11.67 1.96 2.66
C ALA A 50 12.91 1.07 2.57
N GLY A 51 12.94 0.21 1.57
CA GLY A 51 14.08 -0.68 1.40
C GLY A 51 13.66 -2.09 1.02
N SER A 52 13.32 -2.90 2.01
CA SER A 52 12.91 -4.28 1.77
C SER A 52 11.40 -4.43 1.98
N LYS A 53 10.76 -5.12 1.04
CA LYS A 53 9.32 -5.34 1.11
C LYS A 53 8.89 -5.69 2.54
N PRO A 54 7.90 -4.95 3.04
CA PRO A 54 7.37 -5.16 4.40
C PRO A 54 6.60 -6.47 4.53
N THR A 55 6.74 -7.13 5.68
CA THR A 55 6.06 -8.39 5.93
C THR A 55 4.93 -8.21 6.94
N THR A 56 4.22 -9.30 7.22
CA THR A 56 3.12 -9.27 8.16
C THR A 56 3.60 -8.86 9.55
N SER A 57 4.91 -8.95 9.77
CA SER A 57 5.49 -8.60 11.05
C SER A 57 6.45 -7.41 10.91
N SER A 58 7.00 -7.24 9.70
CA SER A 58 7.93 -6.16 9.43
C SER A 58 7.24 -5.03 8.67
N TRP A 59 7.31 -3.82 9.22
CA TRP A 59 6.69 -2.66 8.58
C TRP A 59 7.42 -1.38 8.97
N ASP A 60 7.35 -0.37 8.10
CA ASP A 60 8.00 0.90 8.36
C ASP A 60 6.97 2.02 8.51
N CYS A 61 5.89 1.92 7.73
CA CYS A 61 4.83 2.92 7.78
C CYS A 61 3.46 2.27 7.69
N ARG A 62 2.62 2.52 8.70
CA ARG A 62 1.28 1.95 8.73
C ARG A 62 0.51 2.44 9.96
N PRO A 63 -0.78 2.72 9.78
CA PRO A 63 -1.65 3.20 10.86
C PRO A 63 -1.93 2.11 11.90
N TYR A 64 -0.95 1.24 12.11
CA TYR A 64 -1.10 0.15 13.08
C TYR A 64 -2.52 -0.39 13.08
N ARG A 65 -2.89 -1.05 11.99
CA ARG A 65 -4.22 -1.63 11.85
C ARG A 65 -4.31 -2.52 10.62
N TYR A 66 -5.50 -3.03 10.34
CA TYR A 66 -5.72 -3.90 9.20
C TYR A 66 -6.99 -3.51 8.44
N GLY A 67 -7.00 -3.75 7.13
CA GLY A 67 -8.15 -3.41 6.32
C GLY A 67 -8.03 -2.06 5.67
N ASN A 68 -8.83 -1.82 4.64
CA ASN A 68 -8.80 -0.56 3.92
C ASN A 68 -8.98 0.62 4.88
N ASN A 69 -8.92 1.83 4.34
CA ASN A 69 -9.09 3.03 5.15
C ASN A 69 -7.92 3.20 6.12
N GLU A 70 -6.84 2.47 5.85
CA GLU A 70 -5.66 2.54 6.70
C GLU A 70 -4.41 2.85 5.88
N SER A 71 -4.02 4.12 5.84
CA SER A 71 -2.85 4.55 5.08
C SER A 71 -1.99 5.49 5.91
N CYS A 72 -0.81 5.81 5.40
CA CYS A 72 0.11 6.70 6.09
C CYS A 72 0.41 7.94 5.24
N SER A 73 0.74 9.04 5.91
CA SER A 73 1.05 10.29 5.21
C SER A 73 2.37 10.86 5.68
N VAL A 74 3.37 10.81 4.81
CA VAL A 74 4.70 11.32 5.12
C VAL A 74 5.42 11.81 3.87
N SER A 75 6.33 12.76 4.04
CA SER A 75 7.08 13.32 2.94
C SER A 75 8.12 12.32 2.43
N ALA A 76 7.86 11.75 1.26
CA ALA A 76 8.78 10.77 0.68
C ALA A 76 9.90 11.47 -0.08
N ALA A 77 11.13 11.03 0.16
CA ALA A 77 12.30 11.61 -0.50
C ALA A 77 12.83 10.69 -1.59
N PRO A 78 13.22 11.29 -2.73
CA PRO A 78 13.75 10.53 -3.87
C PRO A 78 15.13 9.95 -3.58
N GLY A 79 15.37 8.74 -4.08
CA GLY A 79 16.65 8.10 -3.86
C GLY A 79 16.51 6.74 -3.19
N THR A 80 15.33 6.47 -2.67
CA THR A 80 15.07 5.21 -1.99
C THR A 80 13.84 4.51 -2.56
N THR A 81 14.00 3.23 -2.91
CA THR A 81 12.91 2.46 -3.48
C THR A 81 11.84 2.15 -2.43
N TYR A 82 10.58 2.26 -2.82
CA TYR A 82 9.47 2.00 -1.91
C TYR A 82 8.76 0.70 -2.29
N HIS A 83 8.45 -0.10 -1.27
CA HIS A 83 7.77 -1.37 -1.49
C HIS A 83 6.31 -1.30 -1.03
N VAL A 84 5.49 -2.19 -1.54
CA VAL A 84 4.08 -2.23 -1.18
C VAL A 84 3.60 -3.66 -0.98
N MET A 85 2.79 -3.88 0.05
CA MET A 85 2.26 -5.20 0.35
C MET A 85 0.78 -5.11 0.76
N ILE A 86 -0.06 -5.84 0.05
CA ILE A 86 -1.49 -5.84 0.33
C ILE A 86 -1.95 -7.22 0.83
N LYS A 87 -2.34 -7.29 2.09
CA LYS A 87 -2.80 -8.53 2.69
C LYS A 87 -4.31 -8.48 2.96
N GLY A 88 -5.01 -9.56 2.58
CA GLY A 88 -6.44 -9.61 2.80
C GLY A 88 -6.83 -10.65 3.84
N TYR A 89 -7.85 -10.34 4.62
CA TYR A 89 -8.32 -11.25 5.66
C TYR A 89 -9.42 -12.18 5.13
N SER A 90 -10.07 -11.75 4.06
CA SER A 90 -11.14 -12.53 3.45
C SER A 90 -11.46 -12.03 2.04
N ASN A 91 -11.69 -12.96 1.13
CA ASN A 91 -12.01 -12.62 -0.25
C ASN A 91 -12.82 -11.33 -0.32
N TYR A 92 -12.17 -10.25 -0.75
CA TYR A 92 -12.84 -8.96 -0.86
C TYR A 92 -12.14 -8.07 -1.89
N SER A 93 -12.86 -7.75 -2.96
CA SER A 93 -12.30 -6.92 -4.02
C SER A 93 -13.16 -5.67 -4.23
N GLY A 94 -12.52 -4.59 -4.68
CA GLY A 94 -13.25 -3.36 -4.92
C GLY A 94 -12.67 -2.19 -4.16
N VAL A 95 -11.39 -2.30 -3.80
CA VAL A 95 -10.72 -1.24 -3.05
C VAL A 95 -9.65 -0.56 -3.90
N THR A 96 -9.50 0.75 -3.72
CA THR A 96 -8.52 1.52 -4.48
C THR A 96 -7.27 1.78 -3.64
N LEU A 97 -6.12 1.39 -4.17
CA LEU A 97 -4.85 1.58 -3.47
C LEU A 97 -3.97 2.59 -4.21
N LYS A 98 -3.17 3.33 -3.46
CA LYS A 98 -2.28 4.32 -4.03
C LYS A 98 -1.07 4.57 -3.14
N LEU A 99 -0.05 5.21 -3.69
CA LEU A 99 1.17 5.49 -2.94
C LEU A 99 1.09 6.86 -2.28
N GLN A 100 1.53 6.93 -1.02
CA GLN A 100 1.50 8.18 -0.27
C GLN A 100 2.86 8.87 -0.32
N TYR A 101 2.92 10.01 -0.99
CA TYR A 101 4.17 10.76 -1.11
C TYR A 101 4.07 12.09 -0.38
N GLY A 1 2.68 -9.89 -12.10
CA GLY A 1 2.98 -9.44 -13.46
C GLY A 1 4.03 -8.34 -13.48
N ASN A 2 3.78 -7.29 -12.72
CA ASN A 2 4.70 -6.16 -12.65
C ASN A 2 4.55 -5.40 -11.33
N VAL A 3 5.29 -4.30 -11.19
CA VAL A 3 5.23 -3.49 -9.99
C VAL A 3 4.73 -2.09 -10.29
N LEU A 4 3.50 -1.80 -9.85
CA LEU A 4 2.90 -0.49 -10.08
C LEU A 4 2.28 0.04 -8.79
N LYS A 5 2.25 1.37 -8.66
CA LYS A 5 1.68 2.01 -7.48
C LYS A 5 1.45 3.50 -7.74
N ASN A 6 2.54 4.26 -7.76
CA ASN A 6 2.45 5.70 -7.99
C ASN A 6 1.90 6.00 -9.38
N ASN A 7 1.36 7.20 -9.54
CA ASN A 7 0.79 7.61 -10.82
C ASN A 7 -0.68 7.22 -10.91
N THR A 8 -0.94 5.92 -10.83
CA THR A 8 -2.31 5.41 -10.90
C THR A 8 -2.57 4.39 -9.80
N PRO A 9 -3.58 4.67 -8.96
CA PRO A 9 -3.97 3.79 -7.85
C PRO A 9 -4.60 2.49 -8.34
N VAL A 10 -4.46 1.44 -7.54
CA VAL A 10 -5.02 0.13 -7.89
C VAL A 10 -6.52 0.09 -7.59
N SER A 11 -7.32 -0.06 -8.63
CA SER A 11 -8.77 -0.11 -8.47
C SER A 11 -9.22 -1.51 -8.06
N ASN A 12 -10.27 -1.57 -7.25
CA ASN A 12 -10.80 -2.84 -6.77
C ASN A 12 -9.66 -3.77 -6.34
N LEU A 13 -9.18 -3.58 -5.13
CA LEU A 13 -8.09 -4.39 -4.60
C LEU A 13 -8.58 -5.80 -4.27
N THR A 14 -7.74 -6.57 -3.57
CA THR A 14 -8.10 -7.93 -3.20
C THR A 14 -7.65 -8.24 -1.78
N GLY A 15 -8.51 -8.94 -1.04
CA GLY A 15 -8.18 -9.28 0.33
C GLY A 15 -8.55 -10.72 0.67
N ASN A 16 -7.99 -11.67 -0.06
CA ASN A 16 -8.27 -13.08 0.15
C ASN A 16 -7.52 -13.60 1.38
N LYS A 17 -8.19 -14.42 2.17
CA LYS A 17 -7.60 -14.99 3.38
C LYS A 17 -6.25 -15.65 3.06
N GLY A 18 -6.09 -16.08 1.81
CA GLY A 18 -4.85 -16.72 1.40
C GLY A 18 -4.09 -15.90 0.37
N SER A 19 -4.75 -15.59 -0.74
CA SER A 19 -4.13 -14.82 -1.81
C SER A 19 -3.65 -13.47 -1.28
N GLU A 20 -2.71 -12.86 -2.00
CA GLU A 20 -2.16 -11.56 -1.61
C GLU A 20 -1.66 -10.79 -2.82
N VAL A 21 -1.39 -9.51 -2.64
CA VAL A 21 -0.89 -8.66 -3.72
C VAL A 21 0.23 -7.76 -3.25
N PHE A 22 1.29 -7.65 -4.05
CA PHE A 22 2.42 -6.81 -3.71
C PHE A 22 2.90 -6.02 -4.93
N TYR A 23 3.40 -4.81 -4.67
CA TYR A 23 3.89 -3.96 -5.75
C TYR A 23 5.08 -3.12 -5.27
N THR A 24 5.78 -2.52 -6.23
CA THR A 24 6.94 -1.70 -5.91
C THR A 24 6.99 -0.45 -6.79
N PHE A 25 7.38 0.68 -6.20
CA PHE A 25 7.46 1.94 -6.93
C PHE A 25 8.35 2.93 -6.20
N THR A 26 8.91 3.87 -6.95
CA THR A 26 9.79 4.89 -6.37
C THR A 26 9.35 6.29 -6.77
N VAL A 27 9.95 7.30 -6.15
CA VAL A 27 9.63 8.69 -6.44
C VAL A 27 10.76 9.37 -7.21
N ASP A 28 10.49 10.57 -7.70
CA ASP A 28 11.49 11.33 -8.45
C ASP A 28 12.19 12.34 -7.55
N ARG A 29 11.41 13.16 -6.87
CA ARG A 29 11.95 14.17 -5.97
C ARG A 29 11.21 14.17 -4.63
N ASN A 30 11.72 14.94 -3.68
CA ASN A 30 11.12 15.02 -2.36
C ASN A 30 9.85 15.87 -2.38
N ALA A 31 8.72 15.24 -2.08
CA ALA A 31 7.45 15.95 -2.06
C ALA A 31 6.56 15.45 -0.93
N THR A 32 5.96 16.39 -0.20
CA THR A 32 5.09 16.05 0.92
C THR A 32 3.63 16.02 0.49
N ALA A 33 3.07 14.82 0.41
CA ALA A 33 1.68 14.65 0.02
C ALA A 33 0.96 13.64 0.91
N VAL A 34 -0.33 13.85 1.12
CA VAL A 34 -1.13 12.95 1.95
C VAL A 34 -2.05 12.09 1.10
N VAL A 35 -1.77 10.79 1.05
CA VAL A 35 -2.58 9.87 0.27
C VAL A 35 -3.05 8.70 1.13
N SER A 36 -4.31 8.29 0.94
CA SER A 36 -4.87 7.19 1.70
C SER A 36 -5.65 6.25 0.79
N ILE A 37 -6.05 5.10 1.33
CA ILE A 37 -6.80 4.11 0.57
C ILE A 37 -8.26 4.06 1.02
N SER A 38 -9.13 3.58 0.14
CA SER A 38 -10.55 3.47 0.45
C SER A 38 -11.34 3.02 -0.79
N GLY A 39 -12.62 2.72 -0.58
CA GLY A 39 -13.46 2.28 -1.67
C GLY A 39 -14.75 1.64 -1.19
N GLY A 40 -14.71 1.09 0.02
CA GLY A 40 -15.89 0.45 0.57
C GLY A 40 -15.56 -0.80 1.36
N SER A 41 -15.56 -1.95 0.68
CA SER A 41 -15.26 -3.22 1.32
C SER A 41 -14.21 -3.99 0.53
N GLY A 42 -13.36 -4.72 1.25
CA GLY A 42 -12.31 -5.50 0.59
C GLY A 42 -11.41 -6.21 1.58
N ASP A 43 -11.24 -5.61 2.76
CA ASP A 43 -10.39 -6.19 3.79
C ASP A 43 -8.93 -6.17 3.36
N ALA A 44 -8.55 -5.13 2.63
CA ALA A 44 -7.17 -4.99 2.16
C ALA A 44 -6.37 -4.10 3.09
N ASP A 45 -5.29 -4.64 3.65
CA ASP A 45 -4.43 -3.89 4.56
C ASP A 45 -3.40 -3.07 3.78
N LEU A 46 -2.66 -2.22 4.49
CA LEU A 46 -1.65 -1.38 3.87
C LEU A 46 -0.29 -1.59 4.54
N TYR A 47 0.77 -1.59 3.73
CA TYR A 47 2.12 -1.79 4.24
C TYR A 47 3.13 -1.05 3.36
N LEU A 48 4.19 -0.55 3.99
CA LEU A 48 5.24 0.16 3.28
C LEU A 48 6.57 0.06 4.01
N LYS A 49 7.66 0.03 3.25
CA LYS A 49 9.00 -0.07 3.83
C LYS A 49 10.03 0.63 2.95
N ALA A 50 10.74 1.59 3.51
CA ALA A 50 11.76 2.32 2.78
C ALA A 50 13.06 1.53 2.69
N GLY A 51 13.14 0.64 1.71
CA GLY A 51 14.33 -0.17 1.55
C GLY A 51 14.04 -1.53 0.95
N SER A 52 13.28 -2.35 1.69
CA SER A 52 12.92 -3.69 1.23
C SER A 52 11.48 -4.01 1.58
N LYS A 53 10.77 -4.62 0.63
CA LYS A 53 9.38 -4.99 0.84
C LYS A 53 9.12 -5.35 2.30
N PRO A 54 8.10 -4.71 2.89
CA PRO A 54 7.73 -4.94 4.29
C PRO A 54 7.10 -6.32 4.51
N THR A 55 7.41 -6.92 5.65
CA THR A 55 6.88 -8.24 5.98
C THR A 55 5.74 -8.15 6.99
N THR A 56 5.16 -9.30 7.33
CA THR A 56 4.07 -9.33 8.28
C THR A 56 4.51 -8.84 9.65
N SER A 57 5.82 -8.77 9.85
CA SER A 57 6.38 -8.31 11.13
C SER A 57 7.19 -7.03 10.94
N SER A 58 7.71 -6.85 9.73
CA SER A 58 8.51 -5.66 9.42
C SER A 58 7.70 -4.66 8.61
N TRP A 59 7.60 -3.44 9.13
CA TRP A 59 6.86 -2.38 8.44
C TRP A 59 7.39 -1.01 8.83
N ASP A 60 7.21 -0.04 7.93
CA ASP A 60 7.68 1.32 8.18
C ASP A 60 6.50 2.28 8.35
N CYS A 61 5.51 2.16 7.46
CA CYS A 61 4.34 3.01 7.51
C CYS A 61 3.07 2.18 7.64
N ARG A 62 2.29 2.46 8.68
CA ARG A 62 1.04 1.73 8.92
C ARG A 62 0.30 2.31 10.12
N PRO A 63 -0.98 2.64 9.91
CA PRO A 63 -1.84 3.21 10.96
C PRO A 63 -2.16 2.19 12.05
N TYR A 64 -1.71 0.96 11.86
CA TYR A 64 -1.96 -0.11 12.83
C TYR A 64 -3.44 -0.48 12.85
N ARG A 65 -3.83 -1.35 11.94
CA ARG A 65 -5.23 -1.80 11.85
C ARG A 65 -5.43 -2.74 10.67
N TYR A 66 -6.67 -3.11 10.42
CA TYR A 66 -7.00 -4.01 9.33
C TYR A 66 -7.97 -3.37 8.35
N GLY A 67 -8.27 -4.07 7.26
CA GLY A 67 -9.19 -3.55 6.26
C GLY A 67 -8.70 -2.24 5.66
N ASN A 68 -9.37 -1.79 4.61
CA ASN A 68 -9.00 -0.55 3.94
C ASN A 68 -9.09 0.64 4.89
N ASN A 69 -9.02 1.84 4.35
CA ASN A 69 -9.09 3.05 5.15
C ASN A 69 -7.93 3.11 6.15
N GLU A 70 -6.85 2.42 5.83
CA GLU A 70 -5.67 2.39 6.69
C GLU A 70 -4.40 2.72 5.90
N SER A 71 -4.07 4.00 5.85
CA SER A 71 -2.88 4.45 5.13
C SER A 71 -2.07 5.43 5.98
N CYS A 72 -0.87 5.74 5.51
CA CYS A 72 0.01 6.66 6.22
C CYS A 72 0.35 7.87 5.35
N SER A 73 0.68 8.99 6.00
CA SER A 73 1.02 10.21 5.29
C SER A 73 2.35 10.77 5.78
N VAL A 74 3.38 10.69 4.93
CA VAL A 74 4.70 11.18 5.28
C VAL A 74 5.45 11.65 4.04
N SER A 75 6.37 12.59 4.23
CA SER A 75 7.16 13.13 3.12
C SER A 75 8.23 12.13 2.69
N ALA A 76 8.00 11.49 1.54
CA ALA A 76 8.95 10.51 1.02
C ALA A 76 10.09 11.20 0.26
N ALA A 77 11.30 10.72 0.46
CA ALA A 77 12.47 11.28 -0.20
C ALA A 77 12.95 10.39 -1.35
N PRO A 78 13.47 11.02 -2.41
CA PRO A 78 13.97 10.29 -3.58
C PRO A 78 15.24 9.51 -3.29
N GLY A 79 15.59 8.59 -4.17
CA GLY A 79 16.79 7.79 -3.99
C GLY A 79 16.51 6.50 -3.25
N THR A 80 15.40 6.46 -2.53
CA THR A 80 15.02 5.26 -1.78
C THR A 80 13.82 4.57 -2.41
N THR A 81 13.98 3.29 -2.74
CA THR A 81 12.92 2.52 -3.35
C THR A 81 11.83 2.18 -2.33
N TYR A 82 10.58 2.39 -2.74
CA TYR A 82 9.44 2.11 -1.86
C TYR A 82 8.67 0.87 -2.33
N HIS A 83 8.30 0.03 -1.38
CA HIS A 83 7.55 -1.19 -1.70
C HIS A 83 6.18 -1.18 -1.03
N VAL A 84 5.17 -1.64 -1.75
CA VAL A 84 3.81 -1.69 -1.22
C VAL A 84 3.32 -3.13 -1.11
N MET A 85 2.84 -3.49 0.08
CA MET A 85 2.33 -4.84 0.31
C MET A 85 0.90 -4.79 0.82
N ILE A 86 0.02 -5.56 0.18
CA ILE A 86 -1.38 -5.60 0.58
C ILE A 86 -1.75 -6.99 1.11
N LYS A 87 -2.33 -7.01 2.31
CA LYS A 87 -2.73 -8.26 2.94
C LYS A 87 -4.25 -8.42 2.91
N GLY A 88 -4.71 -9.66 2.78
CA GLY A 88 -6.13 -9.92 2.74
C GLY A 88 -6.60 -10.76 3.91
N TYR A 89 -7.85 -10.56 4.31
CA TYR A 89 -8.42 -11.30 5.43
C TYR A 89 -9.47 -12.30 4.95
N SER A 90 -10.24 -11.89 3.96
CA SER A 90 -11.29 -12.74 3.40
C SER A 90 -11.72 -12.26 2.02
N ASN A 91 -11.90 -13.19 1.10
CA ASN A 91 -12.31 -12.86 -0.26
C ASN A 91 -13.20 -11.62 -0.27
N TYR A 92 -12.66 -10.50 -0.76
CA TYR A 92 -13.39 -9.25 -0.83
C TYR A 92 -12.59 -8.19 -1.58
N SER A 93 -13.18 -7.66 -2.65
CA SER A 93 -12.52 -6.65 -3.46
C SER A 93 -13.37 -5.38 -3.52
N GLY A 94 -12.78 -4.30 -4.02
CA GLY A 94 -13.49 -3.04 -4.13
C GLY A 94 -12.80 -1.93 -3.36
N VAL A 95 -11.50 -2.08 -3.12
CA VAL A 95 -10.73 -1.08 -2.40
C VAL A 95 -9.70 -0.42 -3.30
N THR A 96 -9.53 0.89 -3.14
CA THR A 96 -8.57 1.65 -3.94
C THR A 96 -7.28 1.89 -3.17
N LEU A 97 -6.17 1.40 -3.71
CA LEU A 97 -4.87 1.57 -3.07
C LEU A 97 -4.02 2.59 -3.82
N LYS A 98 -3.16 3.28 -3.08
CA LYS A 98 -2.29 4.30 -3.68
C LYS A 98 -1.05 4.52 -2.82
N LEU A 99 -0.03 5.14 -3.41
CA LEU A 99 1.21 5.42 -2.68
C LEU A 99 1.15 6.78 -2.01
N GLN A 100 1.69 6.86 -0.80
CA GLN A 100 1.70 8.11 -0.05
C GLN A 100 3.08 8.75 -0.08
N TYR A 101 3.18 9.90 -0.75
CA TYR A 101 4.45 10.61 -0.86
C TYR A 101 4.38 11.96 -0.15
N GLY A 1 4.02 -10.83 -13.41
CA GLY A 1 3.35 -9.57 -13.11
C GLY A 1 4.31 -8.40 -13.11
N ASN A 2 3.76 -7.20 -12.89
CA ASN A 2 4.57 -5.99 -12.87
C ASN A 2 4.46 -5.28 -11.52
N VAL A 3 5.10 -4.12 -11.42
CA VAL A 3 5.06 -3.34 -10.18
C VAL A 3 4.49 -1.94 -10.44
N LEU A 4 3.28 -1.71 -9.96
CA LEU A 4 2.63 -0.41 -10.14
C LEU A 4 2.02 0.07 -8.83
N LYS A 5 1.97 1.39 -8.65
CA LYS A 5 1.42 1.99 -7.44
C LYS A 5 1.11 3.47 -7.65
N ASN A 6 2.16 4.29 -7.65
CA ASN A 6 2.01 5.72 -7.85
C ASN A 6 1.41 6.03 -9.21
N ASN A 7 0.76 7.17 -9.33
CA ASN A 7 0.14 7.58 -10.58
C ASN A 7 -1.29 7.07 -10.68
N THR A 8 -1.43 5.76 -10.82
CA THR A 8 -2.75 5.14 -10.93
C THR A 8 -2.96 4.11 -9.81
N PRO A 9 -4.00 4.32 -9.00
CA PRO A 9 -4.34 3.42 -7.89
C PRO A 9 -4.87 2.08 -8.38
N VAL A 10 -4.69 1.04 -7.56
CA VAL A 10 -5.15 -0.29 -7.90
C VAL A 10 -6.62 -0.48 -7.54
N SER A 11 -7.46 -0.66 -8.55
CA SER A 11 -8.89 -0.86 -8.35
C SER A 11 -9.22 -2.32 -8.10
N ASN A 12 -10.43 -2.58 -7.64
CA ASN A 12 -10.88 -3.94 -7.37
C ASN A 12 -9.76 -4.75 -6.71
N LEU A 13 -9.24 -4.24 -5.59
CA LEU A 13 -8.16 -4.91 -4.87
C LEU A 13 -8.59 -6.30 -4.44
N THR A 14 -7.73 -6.98 -3.69
CA THR A 14 -8.02 -8.33 -3.20
C THR A 14 -7.50 -8.53 -1.78
N GLY A 15 -8.30 -9.18 -0.96
CA GLY A 15 -7.91 -9.42 0.42
C GLY A 15 -8.23 -10.84 0.88
N ASN A 16 -7.73 -11.82 0.13
CA ASN A 16 -7.96 -13.22 0.46
C ASN A 16 -7.10 -13.66 1.64
N LYS A 17 -7.68 -14.47 2.52
CA LYS A 17 -6.97 -14.95 3.70
C LYS A 17 -5.62 -15.55 3.30
N GLY A 18 -5.53 -16.05 2.07
CA GLY A 18 -4.29 -16.64 1.60
C GLY A 18 -3.63 -15.80 0.52
N SER A 19 -4.33 -15.62 -0.60
CA SER A 19 -3.80 -14.83 -1.71
C SER A 19 -3.45 -13.42 -1.26
N GLU A 20 -2.38 -12.87 -1.83
CA GLU A 20 -1.94 -11.52 -1.49
C GLU A 20 -1.50 -10.76 -2.73
N VAL A 21 -1.27 -9.46 -2.58
CA VAL A 21 -0.84 -8.62 -3.69
C VAL A 21 0.22 -7.61 -3.24
N PHE A 22 1.26 -7.46 -4.04
CA PHE A 22 2.34 -6.54 -3.73
C PHE A 22 2.79 -5.78 -4.98
N TYR A 23 3.34 -4.59 -4.78
CA TYR A 23 3.81 -3.77 -5.88
C TYR A 23 5.02 -2.94 -5.47
N THR A 24 5.69 -2.36 -6.46
CA THR A 24 6.87 -1.52 -6.20
C THR A 24 6.85 -0.27 -7.06
N PHE A 25 7.26 0.85 -6.48
CA PHE A 25 7.30 2.12 -7.18
C PHE A 25 8.23 3.10 -6.49
N THR A 26 8.70 4.10 -7.25
CA THR A 26 9.61 5.10 -6.71
C THR A 26 9.09 6.51 -6.99
N VAL A 27 9.73 7.50 -6.37
CA VAL A 27 9.34 8.89 -6.55
C VAL A 27 10.38 9.65 -7.37
N ASP A 28 10.03 10.89 -7.75
CA ASP A 28 10.93 11.72 -8.53
C ASP A 28 11.63 12.75 -7.65
N ARG A 29 10.85 13.67 -7.11
CA ARG A 29 11.40 14.72 -6.25
C ARG A 29 10.64 14.78 -4.92
N ASN A 30 11.34 15.17 -3.87
CA ASN A 30 10.75 15.28 -2.55
C ASN A 30 9.45 16.08 -2.59
N ALA A 31 8.34 15.43 -2.26
CA ALA A 31 7.04 16.08 -2.27
C ALA A 31 6.18 15.60 -1.10
N THR A 32 5.37 16.51 -0.56
CA THR A 32 4.50 16.18 0.57
C THR A 32 3.06 16.05 0.11
N ALA A 33 2.56 14.81 0.06
CA ALA A 33 1.19 14.55 -0.35
C ALA A 33 0.54 13.52 0.57
N VAL A 34 -0.77 13.66 0.77
CA VAL A 34 -1.52 12.75 1.62
C VAL A 34 -2.41 11.83 0.78
N VAL A 35 -2.09 10.55 0.78
CA VAL A 35 -2.86 9.56 0.02
C VAL A 35 -3.27 8.39 0.90
N SER A 36 -4.50 7.93 0.72
CA SER A 36 -5.02 6.81 1.51
C SER A 36 -5.74 5.80 0.61
N ILE A 37 -6.00 4.63 1.15
CA ILE A 37 -6.69 3.58 0.40
C ILE A 37 -8.09 3.33 0.95
N SER A 38 -9.01 2.98 0.06
CA SER A 38 -10.40 2.72 0.45
C SER A 38 -11.25 2.40 -0.78
N GLY A 39 -12.40 1.78 -0.53
CA GLY A 39 -13.30 1.42 -1.61
C GLY A 39 -14.37 0.44 -1.19
N GLY A 40 -13.94 -0.72 -0.69
CA GLY A 40 -14.88 -1.73 -0.25
C GLY A 40 -14.91 -1.88 1.26
N SER A 41 -14.60 -3.08 1.74
CA SER A 41 -14.60 -3.35 3.17
C SER A 41 -13.18 -3.41 3.72
N GLY A 42 -13.05 -3.27 5.03
CA GLY A 42 -11.74 -3.32 5.65
C GLY A 42 -11.14 -4.71 5.67
N ASP A 43 -10.50 -5.09 4.56
CA ASP A 43 -9.89 -6.40 4.45
C ASP A 43 -8.52 -6.31 3.77
N ALA A 44 -8.05 -5.09 3.57
CA ALA A 44 -6.76 -4.86 2.93
C ALA A 44 -5.82 -4.09 3.85
N ASP A 45 -4.69 -4.71 4.17
CA ASP A 45 -3.70 -4.08 5.04
C ASP A 45 -2.71 -3.24 4.23
N LEU A 46 -2.29 -2.12 4.80
CA LEU A 46 -1.35 -1.23 4.14
C LEU A 46 0.05 -1.38 4.72
N TYR A 47 1.03 -1.53 3.85
CA TYR A 47 2.42 -1.68 4.28
C TYR A 47 3.34 -0.73 3.51
N LEU A 48 4.46 -0.39 4.12
CA LEU A 48 5.43 0.52 3.50
C LEU A 48 6.83 0.29 4.05
N LYS A 49 7.80 0.20 3.15
CA LYS A 49 9.19 -0.02 3.55
C LYS A 49 10.15 0.65 2.57
N ALA A 50 11.02 1.51 3.09
CA ALA A 50 11.99 2.21 2.27
C ALA A 50 13.20 1.34 1.97
N GLY A 51 13.07 0.48 0.96
CA GLY A 51 14.16 -0.40 0.60
C GLY A 51 13.67 -1.74 0.07
N SER A 52 13.35 -2.65 0.99
CA SER A 52 12.88 -3.97 0.61
C SER A 52 11.40 -4.13 0.93
N LYS A 53 10.66 -4.73 0.00
CA LYS A 53 9.22 -4.94 0.18
C LYS A 53 8.91 -5.39 1.60
N PRO A 54 8.00 -4.67 2.28
CA PRO A 54 7.60 -4.98 3.64
C PRO A 54 6.79 -6.27 3.74
N THR A 55 7.01 -7.02 4.80
CA THR A 55 6.30 -8.28 5.00
C THR A 55 5.20 -8.13 6.04
N THR A 56 4.45 -9.21 6.27
CA THR A 56 3.36 -9.19 7.24
C THR A 56 3.88 -8.92 8.65
N SER A 57 5.19 -9.08 8.84
CA SER A 57 5.81 -8.86 10.13
C SER A 57 6.80 -7.71 10.07
N SER A 58 7.35 -7.48 8.87
CA SER A 58 8.33 -6.41 8.67
C SER A 58 7.69 -5.21 7.98
N TRP A 59 7.80 -4.05 8.62
CA TRP A 59 7.23 -2.82 8.06
C TRP A 59 8.00 -1.60 8.55
N ASP A 60 7.97 -0.53 7.75
CA ASP A 60 8.67 0.70 8.10
C ASP A 60 7.68 1.79 8.49
N CYS A 61 6.62 1.92 7.72
CA CYS A 61 5.59 2.93 7.98
C CYS A 61 4.21 2.42 7.60
N ARG A 62 3.31 2.40 8.57
CA ARG A 62 1.94 1.93 8.34
C ARG A 62 1.09 2.08 9.60
N PRO A 63 -0.23 2.21 9.41
CA PRO A 63 -1.17 2.36 10.52
C PRO A 63 -1.32 1.08 11.34
N TYR A 64 -2.38 1.01 12.14
CA TYR A 64 -2.63 -0.16 12.98
C TYR A 64 -4.12 -0.33 13.24
N ARG A 65 -4.85 -0.78 12.22
CA ARG A 65 -6.29 -0.98 12.35
C ARG A 65 -6.74 -2.14 11.46
N TYR A 66 -8.04 -2.21 11.21
CA TYR A 66 -8.61 -3.26 10.38
C TYR A 66 -7.82 -3.44 9.10
N GLY A 67 -8.04 -2.53 8.15
CA GLY A 67 -7.33 -2.60 6.88
C GLY A 67 -7.57 -1.37 6.02
N ASN A 68 -8.61 -1.44 5.19
CA ASN A 68 -8.96 -0.33 4.30
C ASN A 68 -9.16 0.95 5.09
N ASN A 69 -9.09 2.09 4.41
CA ASN A 69 -9.27 3.39 5.05
C ASN A 69 -8.17 3.64 6.07
N GLU A 70 -7.09 2.88 5.98
CA GLU A 70 -5.96 3.02 6.90
C GLU A 70 -4.66 3.19 6.14
N SER A 71 -4.20 4.45 6.03
CA SER A 71 -2.97 4.75 5.32
C SER A 71 -2.13 5.76 6.10
N CYS A 72 -0.92 6.00 5.62
CA CYS A 72 -0.02 6.95 6.27
C CYS A 72 0.32 8.11 5.34
N SER A 73 0.58 9.28 5.92
CA SER A 73 0.90 10.47 5.15
C SER A 73 2.22 11.08 5.61
N VAL A 74 3.24 10.97 4.77
CA VAL A 74 4.55 11.52 5.09
C VAL A 74 5.30 11.92 3.83
N SER A 75 6.15 12.95 3.94
CA SER A 75 6.92 13.44 2.81
C SER A 75 8.16 12.57 2.60
N ALA A 76 8.10 11.70 1.60
CA ALA A 76 9.22 10.82 1.28
C ALA A 76 10.23 11.53 0.39
N ALA A 77 11.49 11.13 0.50
CA ALA A 77 12.56 11.72 -0.29
C ALA A 77 12.97 10.80 -1.43
N PRO A 78 13.35 11.39 -2.58
CA PRO A 78 13.76 10.65 -3.77
C PRO A 78 15.12 9.96 -3.57
N GLY A 79 15.41 8.99 -4.43
CA GLY A 79 16.67 8.27 -4.34
C GLY A 79 16.50 6.90 -3.70
N THR A 80 15.39 6.71 -2.99
CA THR A 80 15.12 5.44 -2.33
C THR A 80 13.87 4.78 -2.90
N THR A 81 14.01 3.53 -3.33
CA THR A 81 12.89 2.78 -3.89
C THR A 81 11.88 2.40 -2.83
N TYR A 82 10.60 2.55 -3.14
CA TYR A 82 9.54 2.22 -2.20
C TYR A 82 8.74 1.01 -2.69
N HIS A 83 8.16 0.28 -1.74
CA HIS A 83 7.37 -0.90 -2.06
C HIS A 83 6.03 -0.88 -1.34
N VAL A 84 5.07 -1.63 -1.86
CA VAL A 84 3.74 -1.69 -1.26
C VAL A 84 3.27 -3.14 -1.11
N MET A 85 2.88 -3.51 0.10
CA MET A 85 2.42 -4.86 0.38
C MET A 85 0.98 -4.83 0.90
N ILE A 86 0.10 -5.57 0.22
CA ILE A 86 -1.30 -5.64 0.62
C ILE A 86 -1.66 -7.01 1.16
N LYS A 87 -1.96 -7.07 2.46
CA LYS A 87 -2.33 -8.32 3.11
C LYS A 87 -3.83 -8.44 3.25
N GLY A 88 -4.36 -9.61 2.89
CA GLY A 88 -5.80 -9.83 2.98
C GLY A 88 -6.17 -10.69 4.17
N TYR A 89 -7.44 -10.62 4.58
CA TYR A 89 -7.91 -11.39 5.72
C TYR A 89 -9.00 -12.38 5.29
N SER A 90 -9.75 -12.01 4.25
CA SER A 90 -10.81 -12.87 3.75
C SER A 90 -11.31 -12.36 2.39
N ASN A 91 -11.65 -13.30 1.52
CA ASN A 91 -12.14 -12.96 0.18
C ASN A 91 -12.94 -11.65 0.22
N TYR A 92 -12.37 -10.61 -0.35
CA TYR A 92 -13.02 -9.30 -0.39
C TYR A 92 -12.31 -8.36 -1.34
N SER A 93 -12.97 -8.02 -2.44
CA SER A 93 -12.40 -7.14 -3.45
C SER A 93 -13.29 -5.90 -3.66
N GLY A 94 -12.70 -4.84 -4.20
CA GLY A 94 -13.45 -3.63 -4.45
C GLY A 94 -12.87 -2.43 -3.71
N VAL A 95 -11.59 -2.53 -3.36
CA VAL A 95 -10.92 -1.45 -2.65
C VAL A 95 -9.85 -0.80 -3.51
N THR A 96 -9.66 0.50 -3.35
CA THR A 96 -8.67 1.25 -4.11
C THR A 96 -7.41 1.49 -3.29
N LEU A 97 -6.25 1.21 -3.89
CA LEU A 97 -4.97 1.41 -3.20
C LEU A 97 -4.09 2.38 -3.98
N LYS A 98 -3.26 3.12 -3.26
CA LYS A 98 -2.35 4.08 -3.88
C LYS A 98 -1.14 4.34 -2.99
N LEU A 99 -0.15 5.04 -3.53
CA LEU A 99 1.06 5.35 -2.78
C LEU A 99 0.93 6.68 -2.06
N GLN A 100 1.45 6.74 -0.83
CA GLN A 100 1.38 7.96 -0.03
C GLN A 100 2.73 8.68 -0.03
N TYR A 101 2.78 9.82 -0.72
CA TYR A 101 4.00 10.60 -0.81
C TYR A 101 3.91 11.85 0.07
N GLY A 1 2.88 -10.82 -13.95
CA GLY A 1 2.42 -9.58 -13.37
C GLY A 1 3.49 -8.51 -13.36
N ASN A 2 3.11 -7.30 -12.97
CA ASN A 2 4.05 -6.19 -12.92
C ASN A 2 3.99 -5.48 -11.57
N VAL A 3 4.75 -4.40 -11.44
CA VAL A 3 4.79 -3.64 -10.19
C VAL A 3 4.30 -2.21 -10.42
N LEU A 4 3.12 -1.91 -9.91
CA LEU A 4 2.53 -0.58 -10.05
C LEU A 4 2.01 -0.07 -8.71
N LYS A 5 2.05 1.25 -8.52
CA LYS A 5 1.57 1.86 -7.29
C LYS A 5 1.38 3.36 -7.48
N ASN A 6 2.47 4.11 -7.52
CA ASN A 6 2.42 5.55 -7.70
C ASN A 6 1.87 5.91 -9.07
N ASN A 7 1.32 7.12 -9.19
CA ASN A 7 0.76 7.58 -10.45
C ASN A 7 -0.69 7.13 -10.60
N THR A 8 -0.88 5.83 -10.79
CA THR A 8 -2.21 5.26 -10.94
C THR A 8 -2.51 4.25 -9.84
N PRO A 9 -3.58 4.52 -9.08
CA PRO A 9 -4.01 3.64 -7.97
C PRO A 9 -4.57 2.31 -8.48
N VAL A 10 -4.47 1.29 -7.65
CA VAL A 10 -4.98 -0.04 -8.00
C VAL A 10 -6.47 -0.15 -7.70
N SER A 11 -7.26 -0.32 -8.76
CA SER A 11 -8.70 -0.45 -8.62
C SER A 11 -9.10 -1.90 -8.33
N ASN A 12 -10.31 -2.08 -7.83
CA ASN A 12 -10.82 -3.41 -7.51
C ASN A 12 -9.72 -4.27 -6.88
N LEU A 13 -9.28 -3.87 -5.70
CA LEU A 13 -8.24 -4.60 -4.98
C LEU A 13 -8.69 -6.02 -4.66
N THR A 14 -7.87 -6.74 -3.90
CA THR A 14 -8.19 -8.10 -3.51
C THR A 14 -7.72 -8.40 -2.09
N GLY A 15 -8.56 -9.12 -1.33
CA GLY A 15 -8.21 -9.45 0.04
C GLY A 15 -8.62 -10.86 0.42
N ASN A 16 -8.02 -11.84 -0.23
CA ASN A 16 -8.34 -13.25 0.03
C ASN A 16 -7.71 -13.70 1.35
N LYS A 17 -8.23 -14.79 1.90
CA LYS A 17 -7.72 -15.33 3.16
C LYS A 17 -6.20 -15.36 3.15
N GLY A 18 -5.63 -16.26 2.34
CA GLY A 18 -4.19 -16.37 2.27
C GLY A 18 -3.61 -15.57 1.12
N SER A 19 -4.23 -15.69 -0.05
CA SER A 19 -3.75 -14.99 -1.24
C SER A 19 -3.70 -13.47 -0.99
N GLU A 20 -2.81 -12.80 -1.69
CA GLU A 20 -2.64 -11.36 -1.54
C GLU A 20 -2.00 -10.75 -2.78
N VAL A 21 -1.80 -9.44 -2.75
CA VAL A 21 -1.19 -8.73 -3.87
C VAL A 21 -0.03 -7.86 -3.40
N PHE A 22 1.01 -7.76 -4.24
CA PHE A 22 2.18 -6.96 -3.92
C PHE A 22 2.64 -6.16 -5.13
N TYR A 23 3.15 -4.96 -4.87
CA TYR A 23 3.63 -4.09 -5.94
C TYR A 23 4.86 -3.31 -5.49
N THR A 24 5.55 -2.70 -6.46
CA THR A 24 6.74 -1.92 -6.17
C THR A 24 6.81 -0.68 -7.05
N PHE A 25 7.21 0.45 -6.45
CA PHE A 25 7.32 1.70 -7.18
C PHE A 25 8.23 2.68 -6.44
N THR A 26 8.68 3.71 -7.16
CA THR A 26 9.55 4.72 -6.58
C THR A 26 9.07 6.12 -6.91
N VAL A 27 9.68 7.12 -6.28
CA VAL A 27 9.30 8.51 -6.51
C VAL A 27 10.37 9.24 -7.31
N ASP A 28 10.06 10.45 -7.76
CA ASP A 28 10.99 11.25 -8.54
C ASP A 28 11.44 12.47 -7.76
N ARG A 29 10.52 13.08 -7.03
CA ARG A 29 10.84 14.27 -6.24
C ARG A 29 10.20 14.17 -4.85
N ASN A 30 10.77 14.91 -3.90
CA ASN A 30 10.26 14.91 -2.53
C ASN A 30 9.03 15.80 -2.40
N ALA A 31 7.90 15.18 -2.07
CA ALA A 31 6.65 15.92 -1.91
C ALA A 31 5.82 15.37 -0.75
N THR A 32 5.16 16.26 -0.02
CA THR A 32 4.34 15.87 1.11
C THR A 32 2.87 15.80 0.73
N ALA A 33 2.35 14.58 0.65
CA ALA A 33 0.95 14.36 0.29
C ALA A 33 0.31 13.29 1.17
N VAL A 34 -0.97 13.45 1.45
CA VAL A 34 -1.70 12.49 2.28
C VAL A 34 -2.66 11.66 1.44
N VAL A 35 -2.36 10.38 1.30
CA VAL A 35 -3.20 9.47 0.52
C VAL A 35 -3.57 8.23 1.34
N SER A 36 -4.81 7.79 1.19
CA SER A 36 -5.29 6.61 1.92
C SER A 36 -6.02 5.65 0.98
N ILE A 37 -6.27 4.44 1.46
CA ILE A 37 -6.96 3.44 0.66
C ILE A 37 -8.36 3.17 1.21
N SER A 38 -9.31 2.95 0.31
CA SER A 38 -10.69 2.67 0.71
C SER A 38 -11.57 2.45 -0.51
N GLY A 39 -12.88 2.40 -0.28
CA GLY A 39 -13.81 2.18 -1.37
C GLY A 39 -14.99 1.31 -0.97
N GLY A 40 -15.50 0.54 -1.91
CA GLY A 40 -16.63 -0.33 -1.64
C GLY A 40 -16.26 -1.50 -0.76
N SER A 41 -15.17 -2.18 -1.11
CA SER A 41 -14.71 -3.34 -0.35
C SER A 41 -13.45 -3.00 0.44
N GLY A 42 -13.12 -3.84 1.41
CA GLY A 42 -11.94 -3.61 2.23
C GLY A 42 -11.17 -4.89 2.50
N ASP A 43 -10.85 -5.13 3.77
CA ASP A 43 -10.10 -6.32 4.15
C ASP A 43 -8.74 -6.36 3.46
N ALA A 44 -8.18 -5.18 3.17
CA ALA A 44 -6.89 -5.08 2.52
C ALA A 44 -5.88 -4.34 3.39
N ASP A 45 -4.92 -5.09 3.92
CA ASP A 45 -3.90 -4.51 4.78
C ASP A 45 -2.96 -3.61 3.98
N LEU A 46 -2.51 -2.52 4.60
CA LEU A 46 -1.61 -1.58 3.94
C LEU A 46 -0.22 -1.60 4.57
N TYR A 47 0.79 -1.80 3.75
CA TYR A 47 2.17 -1.85 4.24
C TYR A 47 3.10 -1.05 3.33
N LEU A 48 4.15 -0.47 3.92
CA LEU A 48 5.11 0.31 3.16
C LEU A 48 6.48 0.29 3.84
N LYS A 49 7.52 0.07 3.04
CA LYS A 49 8.89 0.03 3.56
C LYS A 49 9.85 0.67 2.57
N ALA A 50 10.81 1.42 3.11
CA ALA A 50 11.81 2.09 2.28
C ALA A 50 12.91 1.13 1.86
N GLY A 51 13.44 0.39 2.82
CA GLY A 51 14.49 -0.57 2.51
C GLY A 51 14.01 -1.72 1.64
N SER A 52 13.67 -2.83 2.27
CA SER A 52 13.20 -4.01 1.54
C SER A 52 11.69 -4.20 1.73
N LYS A 53 11.08 -4.98 0.86
CA LYS A 53 9.66 -5.25 0.92
C LYS A 53 9.23 -5.55 2.36
N PRO A 54 8.20 -4.84 2.83
CA PRO A 54 7.66 -5.02 4.18
C PRO A 54 6.95 -6.36 4.35
N THR A 55 7.11 -6.97 5.52
CA THR A 55 6.48 -8.25 5.81
C THR A 55 5.43 -8.11 6.91
N THR A 56 4.79 -9.22 7.25
CA THR A 56 3.76 -9.22 8.28
C THR A 56 4.33 -8.79 9.63
N SER A 57 5.65 -8.81 9.74
CA SER A 57 6.33 -8.42 10.97
C SER A 57 7.21 -7.19 10.75
N SER A 58 7.66 -7.03 9.51
CA SER A 58 8.52 -5.90 9.16
C SER A 58 7.73 -4.82 8.42
N TRP A 59 7.78 -3.60 8.94
CA TRP A 59 7.07 -2.48 8.34
C TRP A 59 7.75 -1.16 8.66
N ASP A 60 7.59 -0.17 7.78
CA ASP A 60 8.18 1.13 7.98
C ASP A 60 7.11 2.20 8.17
N CYS A 61 5.97 2.00 7.53
CA CYS A 61 4.86 2.94 7.64
C CYS A 61 3.53 2.22 7.70
N ARG A 62 2.77 2.45 8.77
CA ARG A 62 1.47 1.81 8.94
C ARG A 62 0.87 2.16 10.29
N PRO A 63 -0.33 2.75 10.28
CA PRO A 63 -1.04 3.14 11.50
C PRO A 63 -1.53 1.95 12.31
N TYR A 64 -1.16 0.75 11.85
CA TYR A 64 -1.56 -0.47 12.54
C TYR A 64 -2.99 -0.37 13.05
N ARG A 65 -3.95 -0.42 12.13
CA ARG A 65 -5.37 -0.33 12.49
C ARG A 65 -6.14 -1.53 11.94
N TYR A 66 -6.22 -1.61 10.62
CA TYR A 66 -6.94 -2.70 9.97
C TYR A 66 -6.67 -2.70 8.46
N GLY A 67 -7.48 -3.45 7.72
CA GLY A 67 -7.32 -3.53 6.29
C GLY A 67 -7.50 -2.19 5.61
N ASN A 68 -8.65 -1.99 4.99
CA ASN A 68 -8.95 -0.74 4.31
C ASN A 68 -9.09 0.41 5.30
N ASN A 69 -9.11 1.64 4.78
CA ASN A 69 -9.24 2.82 5.63
C ASN A 69 -8.04 2.97 6.56
N GLU A 70 -6.98 2.22 6.27
CA GLU A 70 -5.77 2.27 7.09
C GLU A 70 -4.54 2.54 6.21
N SER A 71 -4.12 3.80 6.19
CA SER A 71 -2.97 4.21 5.40
C SER A 71 -2.07 5.15 6.20
N CYS A 72 -0.89 5.45 5.65
CA CYS A 72 0.06 6.32 6.31
C CYS A 72 0.32 7.57 5.47
N SER A 73 0.65 8.67 6.14
CA SER A 73 0.91 9.93 5.46
C SER A 73 2.24 10.52 5.90
N VAL A 74 3.23 10.48 5.01
CA VAL A 74 4.56 11.01 5.32
C VAL A 74 5.26 11.50 4.06
N SER A 75 6.09 12.52 4.21
CA SER A 75 6.82 13.09 3.07
C SER A 75 7.97 12.18 2.66
N ALA A 76 7.80 11.49 1.54
CA ALA A 76 8.83 10.58 1.03
C ALA A 76 9.88 11.35 0.23
N ALA A 77 11.13 10.89 0.32
CA ALA A 77 12.23 11.53 -0.39
C ALA A 77 12.76 10.63 -1.50
N PRO A 78 13.07 11.23 -2.65
CA PRO A 78 13.59 10.50 -3.81
C PRO A 78 15.00 9.98 -3.59
N GLY A 79 15.23 8.72 -3.94
CA GLY A 79 16.54 8.12 -3.76
C GLY A 79 16.47 6.69 -3.29
N THR A 80 15.33 6.32 -2.72
CA THR A 80 15.14 4.95 -2.22
C THR A 80 13.88 4.33 -2.80
N THR A 81 13.99 3.08 -3.24
CA THR A 81 12.85 2.37 -3.82
C THR A 81 11.82 2.02 -2.75
N TYR A 82 10.55 2.20 -3.08
CA TYR A 82 9.47 1.90 -2.14
C TYR A 82 8.76 0.60 -2.53
N HIS A 83 8.43 -0.20 -1.52
CA HIS A 83 7.74 -1.47 -1.75
C HIS A 83 6.28 -1.39 -1.33
N VAL A 84 5.47 -2.32 -1.83
CA VAL A 84 4.05 -2.35 -1.50
C VAL A 84 3.58 -3.77 -1.22
N MET A 85 2.75 -3.93 -0.19
CA MET A 85 2.24 -5.23 0.19
C MET A 85 0.78 -5.13 0.65
N ILE A 86 -0.10 -5.87 0.01
CA ILE A 86 -1.51 -5.86 0.36
C ILE A 86 -1.98 -7.25 0.80
N LYS A 87 -2.31 -7.38 2.08
CA LYS A 87 -2.77 -8.65 2.63
C LYS A 87 -4.30 -8.71 2.66
N GLY A 88 -4.84 -9.92 2.67
CA GLY A 88 -6.28 -10.08 2.70
C GLY A 88 -6.75 -10.90 3.89
N TYR A 89 -7.92 -10.57 4.41
CA TYR A 89 -8.47 -11.29 5.56
C TYR A 89 -9.72 -12.07 5.16
N SER A 90 -10.34 -11.66 4.06
CA SER A 90 -11.55 -12.32 3.56
C SER A 90 -11.85 -11.89 2.13
N ASN A 91 -12.05 -12.88 1.26
CA ASN A 91 -12.34 -12.62 -0.14
C ASN A 91 -13.23 -11.37 -0.28
N TYR A 92 -12.63 -10.28 -0.75
CA TYR A 92 -13.35 -9.03 -0.92
C TYR A 92 -12.58 -8.08 -1.83
N SER A 93 -13.15 -7.77 -2.98
CA SER A 93 -12.51 -6.87 -3.94
C SER A 93 -13.34 -5.60 -4.13
N GLY A 94 -12.67 -4.51 -4.47
CA GLY A 94 -13.35 -3.24 -4.67
C GLY A 94 -12.75 -2.12 -3.86
N VAL A 95 -11.45 -2.22 -3.58
CA VAL A 95 -10.75 -1.21 -2.81
C VAL A 95 -9.71 -0.48 -3.66
N THR A 96 -9.51 0.80 -3.37
CA THR A 96 -8.55 1.61 -4.12
C THR A 96 -7.25 1.77 -3.35
N LEU A 97 -6.18 1.20 -3.88
CA LEU A 97 -4.87 1.27 -3.25
C LEU A 97 -3.97 2.28 -3.96
N LYS A 98 -3.32 3.14 -3.19
CA LYS A 98 -2.43 4.15 -3.74
C LYS A 98 -1.23 4.38 -2.83
N LEU A 99 -0.19 5.02 -3.37
CA LEU A 99 1.01 5.29 -2.59
C LEU A 99 0.93 6.67 -1.94
N GLN A 100 1.42 6.75 -0.71
CA GLN A 100 1.40 8.01 0.03
C GLN A 100 2.75 8.72 -0.06
N TYR A 101 2.76 9.87 -0.74
CA TYR A 101 3.98 10.64 -0.91
C TYR A 101 3.89 11.97 -0.17
N GLY A 1 2.59 -10.22 -12.13
CA GLY A 1 2.38 -9.11 -13.06
C GLY A 1 3.45 -8.05 -12.96
N ASN A 2 3.09 -6.81 -13.25
CA ASN A 2 4.02 -5.69 -13.19
C ASN A 2 4.01 -5.05 -11.80
N VAL A 3 4.75 -3.94 -11.67
CA VAL A 3 4.81 -3.23 -10.40
C VAL A 3 4.33 -1.79 -10.56
N LEU A 4 3.16 -1.51 -9.99
CA LEU A 4 2.59 -0.17 -10.07
C LEU A 4 2.10 0.29 -8.70
N LYS A 5 2.16 1.60 -8.46
CA LYS A 5 1.72 2.17 -7.20
C LYS A 5 1.38 3.64 -7.35
N ASN A 6 2.40 4.47 -7.58
CA ASN A 6 2.19 5.91 -7.75
C ASN A 6 1.66 6.22 -9.15
N ASN A 7 1.04 7.38 -9.29
CA ASN A 7 0.49 7.79 -10.58
C ASN A 7 -0.94 7.29 -10.74
N THR A 8 -1.09 5.98 -10.89
CA THR A 8 -2.40 5.37 -11.06
C THR A 8 -2.66 4.31 -9.99
N PRO A 9 -3.64 4.58 -9.12
CA PRO A 9 -4.01 3.66 -8.03
C PRO A 9 -4.69 2.40 -8.55
N VAL A 10 -4.51 1.30 -7.83
CA VAL A 10 -5.10 0.03 -8.21
C VAL A 10 -6.59 -0.01 -7.85
N SER A 11 -7.44 -0.06 -8.88
CA SER A 11 -8.88 -0.10 -8.67
C SER A 11 -9.32 -1.49 -8.23
N ASN A 12 -10.27 -1.53 -7.29
CA ASN A 12 -10.78 -2.80 -6.77
C ASN A 12 -9.64 -3.75 -6.43
N LEU A 13 -9.09 -3.61 -5.23
CA LEU A 13 -8.00 -4.45 -4.78
C LEU A 13 -8.49 -5.86 -4.48
N THR A 14 -7.64 -6.65 -3.81
CA THR A 14 -7.99 -8.02 -3.46
C THR A 14 -7.51 -8.36 -2.05
N GLY A 15 -8.36 -9.06 -1.30
CA GLY A 15 -8.01 -9.44 0.05
C GLY A 15 -8.42 -10.86 0.38
N ASN A 16 -7.89 -11.82 -0.36
CA ASN A 16 -8.20 -13.22 -0.14
C ASN A 16 -7.48 -13.76 1.08
N LYS A 17 -8.00 -14.85 1.64
CA LYS A 17 -7.40 -15.46 2.83
C LYS A 17 -5.91 -15.71 2.61
N GLY A 18 -5.58 -16.53 1.61
CA GLY A 18 -4.20 -16.82 1.31
C GLY A 18 -3.63 -15.94 0.22
N SER A 19 -4.33 -15.86 -0.89
CA SER A 19 -3.90 -15.04 -2.02
C SER A 19 -3.54 -13.62 -1.57
N GLU A 20 -2.48 -13.08 -2.14
CA GLU A 20 -2.03 -11.73 -1.79
C GLU A 20 -1.55 -10.97 -3.03
N VAL A 21 -1.31 -9.68 -2.86
CA VAL A 21 -0.85 -8.85 -3.97
C VAL A 21 0.20 -7.85 -3.49
N PHE A 22 1.27 -7.70 -4.28
CA PHE A 22 2.34 -6.78 -3.94
C PHE A 22 2.79 -5.99 -5.17
N TYR A 23 3.30 -4.78 -4.94
CA TYR A 23 3.77 -3.93 -6.03
C TYR A 23 5.01 -3.16 -5.61
N THR A 24 5.70 -2.57 -6.61
CA THR A 24 6.90 -1.80 -6.34
C THR A 24 6.90 -0.50 -7.14
N PHE A 25 7.34 0.58 -6.49
CA PHE A 25 7.39 1.89 -7.13
C PHE A 25 8.36 2.82 -6.40
N THR A 26 8.76 3.89 -7.08
CA THR A 26 9.69 4.85 -6.49
C THR A 26 9.25 6.29 -6.79
N VAL A 27 9.91 7.24 -6.15
CA VAL A 27 9.60 8.65 -6.35
C VAL A 27 10.68 9.36 -7.15
N ASP A 28 10.42 10.60 -7.52
CA ASP A 28 11.37 11.39 -8.29
C ASP A 28 11.92 12.55 -7.46
N ARG A 29 11.03 13.40 -6.97
CA ARG A 29 11.42 14.54 -6.16
C ARG A 29 10.64 14.59 -4.85
N ASN A 30 11.31 14.94 -3.77
CA ASN A 30 10.68 15.02 -2.46
C ASN A 30 9.38 15.81 -2.53
N ALA A 31 8.28 15.15 -2.19
CA ALA A 31 6.97 15.78 -2.21
C ALA A 31 6.14 15.36 -1.01
N THR A 32 5.54 16.35 -0.33
CA THR A 32 4.73 16.08 0.85
C THR A 32 3.26 15.99 0.48
N ALA A 33 2.72 14.76 0.49
CA ALA A 33 1.32 14.55 0.15
C ALA A 33 0.70 13.49 1.07
N VAL A 34 -0.59 13.64 1.35
CA VAL A 34 -1.30 12.70 2.21
C VAL A 34 -2.37 11.94 1.43
N VAL A 35 -2.12 10.66 1.21
CA VAL A 35 -3.05 9.81 0.48
C VAL A 35 -3.33 8.52 1.24
N SER A 36 -4.58 8.07 1.20
CA SER A 36 -4.98 6.85 1.88
C SER A 36 -5.75 5.92 0.94
N ILE A 37 -5.93 4.68 1.37
CA ILE A 37 -6.65 3.69 0.56
C ILE A 37 -8.00 3.36 1.17
N SER A 38 -8.98 3.07 0.32
CA SER A 38 -10.32 2.74 0.77
C SER A 38 -11.26 2.51 -0.40
N GLY A 39 -12.40 1.89 -0.15
CA GLY A 39 -13.37 1.63 -1.20
C GLY A 39 -14.55 0.82 -0.70
N GLY A 40 -14.32 -0.03 0.29
CA GLY A 40 -15.38 -0.86 0.83
C GLY A 40 -15.25 -1.07 2.32
N SER A 41 -15.07 -2.33 2.72
CA SER A 41 -14.93 -2.68 4.13
C SER A 41 -13.53 -3.22 4.42
N GLY A 42 -13.15 -3.20 5.69
CA GLY A 42 -11.84 -3.70 6.08
C GLY A 42 -11.56 -5.08 5.55
N ASP A 43 -10.44 -5.23 4.85
CA ASP A 43 -10.06 -6.52 4.28
C ASP A 43 -8.64 -6.47 3.73
N ALA A 44 -8.28 -5.34 3.13
CA ALA A 44 -6.95 -5.16 2.56
C ALA A 44 -6.05 -4.36 3.50
N ASP A 45 -4.87 -4.90 3.78
CA ASP A 45 -3.92 -4.24 4.66
C ASP A 45 -2.80 -3.57 3.86
N LEU A 46 -2.62 -2.28 4.08
CA LEU A 46 -1.60 -1.51 3.38
C LEU A 46 -0.30 -1.49 4.17
N TYR A 47 0.80 -1.81 3.50
CA TYR A 47 2.12 -1.83 4.15
C TYR A 47 3.15 -1.11 3.30
N LEU A 48 4.12 -0.50 3.96
CA LEU A 48 5.18 0.23 3.27
C LEU A 48 6.50 0.12 4.01
N LYS A 49 7.59 0.02 3.27
CA LYS A 49 8.92 -0.09 3.86
C LYS A 49 9.98 0.49 2.93
N ALA A 50 10.67 1.53 3.39
CA ALA A 50 11.71 2.17 2.60
C ALA A 50 12.88 1.22 2.35
N GLY A 51 13.20 1.00 1.08
CA GLY A 51 14.30 0.12 0.74
C GLY A 51 13.83 -1.28 0.40
N SER A 52 13.61 -2.09 1.43
CA SER A 52 13.16 -3.47 1.24
C SER A 52 11.64 -3.55 1.32
N LYS A 53 11.11 -4.77 1.17
CA LYS A 53 9.67 -4.99 1.22
C LYS A 53 9.22 -5.33 2.65
N PRO A 54 8.13 -4.69 3.09
CA PRO A 54 7.57 -4.90 4.42
C PRO A 54 6.96 -6.29 4.58
N THR A 55 7.14 -6.89 5.74
CA THR A 55 6.60 -8.22 6.02
C THR A 55 5.35 -8.14 6.89
N THR A 56 4.76 -9.29 7.19
CA THR A 56 3.57 -9.34 8.01
C THR A 56 3.85 -8.89 9.43
N SER A 57 5.13 -8.78 9.77
CA SER A 57 5.54 -8.36 11.11
C SER A 57 6.42 -7.11 11.03
N SER A 58 7.10 -6.94 9.90
CA SER A 58 7.97 -5.80 9.71
C SER A 58 7.31 -4.75 8.81
N TRP A 59 7.25 -3.52 9.29
CA TRP A 59 6.64 -2.43 8.54
C TRP A 59 7.26 -1.09 8.91
N ASP A 60 7.23 -0.15 7.97
CA ASP A 60 7.79 1.18 8.21
C ASP A 60 6.69 2.22 8.35
N CYS A 61 5.56 1.98 7.68
CA CYS A 61 4.43 2.89 7.73
C CYS A 61 3.12 2.14 7.89
N ARG A 62 2.37 2.48 8.93
CA ARG A 62 1.09 1.83 9.20
C ARG A 62 0.38 2.49 10.37
N PRO A 63 -0.88 2.90 10.15
CA PRO A 63 -1.70 3.55 11.17
C PRO A 63 -2.10 2.60 12.29
N TYR A 64 -1.72 1.34 12.15
CA TYR A 64 -2.04 0.33 13.16
C TYR A 64 -3.53 0.01 13.14
N ARG A 65 -3.91 -1.01 12.37
CA ARG A 65 -5.30 -1.41 12.27
C ARG A 65 -5.46 -2.62 11.35
N TYR A 66 -6.69 -2.95 11.00
CA TYR A 66 -6.97 -4.08 10.13
C TYR A 66 -7.95 -3.69 9.02
N GLY A 67 -7.57 -3.99 7.78
CA GLY A 67 -8.42 -3.67 6.65
C GLY A 67 -8.06 -2.34 6.02
N ASN A 68 -8.81 -1.95 4.99
CA ASN A 68 -8.56 -0.70 4.29
C ASN A 68 -8.64 0.48 5.25
N ASN A 69 -8.58 1.69 4.71
CA ASN A 69 -8.64 2.90 5.51
C ASN A 69 -7.44 3.00 6.45
N GLU A 70 -6.38 2.25 6.12
CA GLU A 70 -5.17 2.26 6.94
C GLU A 70 -3.95 2.65 6.10
N SER A 71 -3.68 3.95 6.04
CA SER A 71 -2.56 4.46 5.27
C SER A 71 -1.75 5.47 6.09
N CYS A 72 -0.59 5.84 5.57
CA CYS A 72 0.28 6.79 6.26
C CYS A 72 0.49 8.04 5.41
N SER A 73 0.78 9.15 6.07
CA SER A 73 1.01 10.42 5.38
C SER A 73 2.33 11.05 5.82
N VAL A 74 3.34 10.95 4.96
CA VAL A 74 4.66 11.52 5.25
C VAL A 74 5.39 11.89 3.97
N SER A 75 6.29 12.88 4.07
CA SER A 75 7.05 13.33 2.93
C SER A 75 8.29 12.46 2.71
N ALA A 76 8.22 11.59 1.71
CA ALA A 76 9.34 10.70 1.41
C ALA A 76 10.40 11.41 0.57
N ALA A 77 11.63 10.94 0.66
CA ALA A 77 12.73 11.53 -0.08
C ALA A 77 13.13 10.65 -1.26
N PRO A 78 13.43 11.29 -2.41
CA PRO A 78 13.84 10.58 -3.63
C PRO A 78 15.21 9.95 -3.51
N GLY A 79 15.36 8.74 -4.05
CA GLY A 79 16.63 8.05 -3.98
C GLY A 79 16.53 6.69 -3.32
N THR A 80 15.34 6.38 -2.80
CA THR A 80 15.11 5.11 -2.12
C THR A 80 13.90 4.40 -2.72
N THR A 81 14.08 3.12 -3.07
CA THR A 81 13.00 2.33 -3.64
C THR A 81 11.96 1.98 -2.59
N TYR A 82 10.69 2.09 -2.94
CA TYR A 82 9.60 1.78 -2.03
C TYR A 82 8.85 0.53 -2.48
N HIS A 83 8.58 -0.36 -1.54
CA HIS A 83 7.86 -1.59 -1.84
C HIS A 83 6.42 -1.54 -1.32
N VAL A 84 5.58 -2.43 -1.83
CA VAL A 84 4.18 -2.47 -1.41
C VAL A 84 3.73 -3.90 -1.15
N MET A 85 2.93 -4.08 -0.09
CA MET A 85 2.44 -5.40 0.27
C MET A 85 0.98 -5.33 0.73
N ILE A 86 0.12 -6.06 0.03
CA ILE A 86 -1.31 -6.07 0.37
C ILE A 86 -1.73 -7.42 0.93
N LYS A 87 -2.09 -7.45 2.20
CA LYS A 87 -2.51 -8.67 2.85
C LYS A 87 -4.04 -8.75 2.95
N GLY A 88 -4.59 -9.92 2.63
CA GLY A 88 -6.03 -10.10 2.68
C GLY A 88 -6.46 -11.02 3.80
N TYR A 89 -7.71 -10.88 4.22
CA TYR A 89 -8.24 -11.70 5.31
C TYR A 89 -9.39 -12.57 4.81
N SER A 90 -10.09 -12.10 3.79
CA SER A 90 -11.21 -12.83 3.22
C SER A 90 -11.62 -12.24 1.87
N ASN A 91 -11.88 -13.12 0.91
CA ASN A 91 -12.29 -12.68 -0.42
C ASN A 91 -13.09 -11.39 -0.36
N TYR A 92 -12.46 -10.28 -0.75
CA TYR A 92 -13.12 -8.98 -0.73
C TYR A 92 -12.36 -7.97 -1.60
N SER A 93 -13.00 -7.56 -2.68
CA SER A 93 -12.38 -6.59 -3.61
C SER A 93 -13.25 -5.35 -3.74
N GLY A 94 -12.64 -4.26 -4.19
CA GLY A 94 -13.37 -3.02 -4.36
C GLY A 94 -12.71 -1.85 -3.64
N VAL A 95 -11.43 -2.01 -3.32
CA VAL A 95 -10.68 -0.97 -2.61
C VAL A 95 -9.61 -0.37 -3.51
N THR A 96 -9.42 0.95 -3.40
CA THR A 96 -8.43 1.64 -4.21
C THR A 96 -7.15 1.89 -3.40
N LEU A 97 -6.04 1.40 -3.92
CA LEU A 97 -4.75 1.57 -3.25
C LEU A 97 -3.93 2.67 -3.92
N LYS A 98 -3.21 3.43 -3.11
CA LYS A 98 -2.38 4.52 -3.61
C LYS A 98 -1.18 4.77 -2.69
N LEU A 99 -0.11 5.29 -3.26
CA LEU A 99 1.11 5.58 -2.49
C LEU A 99 1.05 6.97 -1.90
N GLN A 100 1.53 7.11 -0.67
CA GLN A 100 1.55 8.40 0.02
C GLN A 100 2.88 9.11 -0.20
N TYR A 101 2.84 10.23 -0.91
CA TYR A 101 4.04 11.00 -1.18
C TYR A 101 3.79 12.50 -0.97
N GLY A 1 3.15 -10.54 -12.72
CA GLY A 1 2.64 -9.23 -13.06
C GLY A 1 3.71 -8.15 -12.98
N ASN A 2 3.28 -6.89 -13.05
CA ASN A 2 4.21 -5.78 -12.99
C ASN A 2 4.13 -5.09 -11.62
N VAL A 3 4.88 -4.00 -11.47
CA VAL A 3 4.89 -3.25 -10.22
C VAL A 3 4.37 -1.83 -10.42
N LEU A 4 3.19 -1.57 -9.88
CA LEU A 4 2.58 -0.24 -10.00
C LEU A 4 2.08 0.25 -8.65
N LYS A 5 2.11 1.57 -8.46
CA LYS A 5 1.65 2.16 -7.21
C LYS A 5 1.44 3.67 -7.37
N ASN A 6 2.53 4.38 -7.63
CA ASN A 6 2.46 5.83 -7.81
C ASN A 6 1.95 6.19 -9.20
N ASN A 7 1.37 7.37 -9.32
CA ASN A 7 0.84 7.84 -10.60
C ASN A 7 -0.60 7.38 -10.77
N THR A 8 -0.79 6.08 -10.94
CA THR A 8 -2.12 5.51 -11.11
C THR A 8 -2.43 4.49 -10.03
N PRO A 9 -3.51 4.74 -9.27
CA PRO A 9 -3.94 3.84 -8.18
C PRO A 9 -4.50 2.53 -8.70
N VAL A 10 -4.41 1.48 -7.88
CA VAL A 10 -4.91 0.17 -8.26
C VAL A 10 -6.41 0.05 -8.01
N SER A 11 -7.18 -0.11 -9.09
CA SER A 11 -8.62 -0.23 -8.98
C SER A 11 -9.03 -1.67 -8.65
N ASN A 12 -10.05 -1.80 -7.81
CA ASN A 12 -10.54 -3.11 -7.41
C ASN A 12 -9.39 -4.00 -6.95
N LEU A 13 -9.04 -3.89 -5.67
CA LEU A 13 -7.95 -4.68 -5.10
C LEU A 13 -8.43 -6.09 -4.77
N THR A 14 -7.57 -6.86 -4.10
CA THR A 14 -7.90 -8.23 -3.72
C THR A 14 -7.41 -8.54 -2.31
N GLY A 15 -8.24 -9.27 -1.55
CA GLY A 15 -7.87 -9.61 -0.20
C GLY A 15 -8.30 -11.02 0.17
N ASN A 16 -7.65 -12.01 -0.43
CA ASN A 16 -7.98 -13.41 -0.16
C ASN A 16 -7.42 -13.85 1.19
N LYS A 17 -8.05 -14.85 1.79
CA LYS A 17 -7.61 -15.37 3.08
C LYS A 17 -6.13 -15.68 3.07
N GLY A 18 -5.63 -16.14 1.92
CA GLY A 18 -4.22 -16.47 1.79
C GLY A 18 -3.53 -15.65 0.71
N SER A 19 -4.10 -15.66 -0.48
CA SER A 19 -3.52 -14.93 -1.60
C SER A 19 -3.28 -13.46 -1.22
N GLU A 20 -2.55 -12.75 -2.07
CA GLU A 20 -2.25 -11.35 -1.83
C GLU A 20 -1.58 -10.72 -3.05
N VAL A 21 -1.34 -9.41 -2.97
CA VAL A 21 -0.69 -8.69 -4.06
C VAL A 21 0.43 -7.80 -3.54
N PHE A 22 1.49 -7.68 -4.34
CA PHE A 22 2.64 -6.86 -3.96
C PHE A 22 3.12 -6.04 -5.15
N TYR A 23 3.27 -4.73 -4.93
CA TYR A 23 3.72 -3.83 -5.98
C TYR A 23 4.90 -2.99 -5.50
N THR A 24 5.61 -2.36 -6.45
CA THR A 24 6.76 -1.53 -6.12
C THR A 24 6.80 -0.29 -7.00
N PHE A 25 7.23 0.82 -6.42
CA PHE A 25 7.32 2.08 -7.15
C PHE A 25 8.26 3.05 -6.45
N THR A 26 8.69 4.08 -7.18
CA THR A 26 9.60 5.08 -6.62
C THR A 26 9.12 6.49 -6.93
N VAL A 27 9.75 7.48 -6.32
CA VAL A 27 9.39 8.88 -6.53
C VAL A 27 10.47 9.61 -7.33
N ASP A 28 10.13 10.80 -7.80
CA ASP A 28 11.07 11.60 -8.58
C ASP A 28 11.76 12.65 -7.70
N ARG A 29 10.96 13.36 -6.91
CA ARG A 29 11.50 14.38 -6.02
C ARG A 29 10.74 14.41 -4.70
N ASN A 30 11.32 15.07 -3.70
CA ASN A 30 10.70 15.16 -2.38
C ASN A 30 9.30 15.76 -2.48
N ALA A 31 8.30 14.97 -2.09
CA ALA A 31 6.92 15.43 -2.12
C ALA A 31 6.14 14.91 -0.92
N THR A 32 5.59 15.83 -0.13
CA THR A 32 4.82 15.46 1.05
C THR A 32 3.32 15.49 0.76
N ALA A 33 2.72 14.31 0.63
CA ALA A 33 1.30 14.20 0.36
C ALA A 33 0.66 13.11 1.21
N VAL A 34 -0.60 13.30 1.58
CA VAL A 34 -1.32 12.33 2.39
C VAL A 34 -2.39 11.61 1.57
N VAL A 35 -2.16 10.33 1.32
CA VAL A 35 -3.10 9.53 0.55
C VAL A 35 -3.48 8.26 1.30
N SER A 36 -4.76 7.88 1.20
CA SER A 36 -5.26 6.68 1.87
C SER A 36 -5.96 5.76 0.88
N ILE A 37 -6.21 4.53 1.31
CA ILE A 37 -6.89 3.55 0.47
C ILE A 37 -8.30 3.26 0.98
N SER A 38 -9.20 2.98 0.05
CA SER A 38 -10.58 2.69 0.40
C SER A 38 -11.39 2.32 -0.84
N GLY A 39 -12.63 1.88 -0.62
CA GLY A 39 -13.49 1.50 -1.73
C GLY A 39 -14.64 0.62 -1.30
N GLY A 40 -14.48 -0.05 -0.17
CA GLY A 40 -15.53 -0.92 0.35
C GLY A 40 -15.46 -1.10 1.85
N SER A 41 -14.97 -2.26 2.28
CA SER A 41 -14.86 -2.56 3.71
C SER A 41 -13.45 -3.07 4.04
N GLY A 42 -13.06 -2.89 5.30
CA GLY A 42 -11.74 -3.33 5.72
C GLY A 42 -11.47 -4.78 5.35
N ASP A 43 -10.40 -5.00 4.59
CA ASP A 43 -10.03 -6.35 4.17
C ASP A 43 -8.57 -6.39 3.73
N ALA A 44 -8.13 -5.34 3.06
CA ALA A 44 -6.75 -5.26 2.57
C ALA A 44 -5.90 -4.40 3.50
N ASP A 45 -4.80 -4.98 3.99
CA ASP A 45 -3.90 -4.26 4.88
C ASP A 45 -2.92 -3.39 4.09
N LEU A 46 -2.46 -2.31 4.71
CA LEU A 46 -1.52 -1.40 4.07
C LEU A 46 -0.13 -1.54 4.67
N TYR A 47 0.86 -1.77 3.81
CA TYR A 47 2.25 -1.93 4.25
C TYR A 47 3.20 -1.16 3.35
N LEU A 48 4.22 -0.56 3.95
CA LEU A 48 5.21 0.21 3.20
C LEU A 48 6.55 0.23 3.93
N LYS A 49 7.63 0.02 3.18
CA LYS A 49 8.97 0.02 3.75
C LYS A 49 9.96 0.70 2.82
N ALA A 50 10.62 1.75 3.31
CA ALA A 50 11.59 2.49 2.52
C ALA A 50 12.94 1.80 2.54
N GLY A 51 13.08 0.74 1.76
CA GLY A 51 14.32 0.00 1.69
C GLY A 51 14.15 -1.39 1.13
N SER A 52 13.34 -2.20 1.80
CA SER A 52 13.09 -3.58 1.38
C SER A 52 11.62 -3.96 1.59
N LYS A 53 11.07 -4.72 0.66
CA LYS A 53 9.69 -5.16 0.76
C LYS A 53 9.33 -5.54 2.19
N PRO A 54 8.34 -4.85 2.76
CA PRO A 54 7.88 -5.10 4.12
C PRO A 54 7.15 -6.44 4.27
N THR A 55 7.36 -7.10 5.39
CA THR A 55 6.73 -8.39 5.65
C THR A 55 5.57 -8.25 6.63
N THR A 56 4.90 -9.37 6.90
CA THR A 56 3.77 -9.37 7.82
C THR A 56 4.19 -8.94 9.22
N SER A 57 5.50 -8.98 9.48
CA SER A 57 6.04 -8.59 10.77
C SER A 57 6.90 -7.34 10.66
N SER A 58 7.47 -7.13 9.47
CA SER A 58 8.32 -5.96 9.22
C SER A 58 7.58 -4.92 8.40
N TRP A 59 7.50 -3.71 8.94
CA TRP A 59 6.81 -2.62 8.25
C TRP A 59 7.37 -1.27 8.69
N ASP A 60 7.26 -0.27 7.80
CA ASP A 60 7.76 1.06 8.09
C ASP A 60 6.61 2.05 8.27
N CYS A 61 5.53 1.83 7.52
CA CYS A 61 4.37 2.69 7.60
C CYS A 61 3.08 1.88 7.68
N ARG A 62 2.30 2.11 8.72
CA ARG A 62 1.04 1.39 8.91
C ARG A 62 0.34 1.86 10.19
N PRO A 63 -0.93 2.26 10.04
CA PRO A 63 -1.74 2.75 11.16
C PRO A 63 -2.10 1.63 12.13
N TYR A 64 -1.75 0.40 11.78
CA TYR A 64 -2.04 -0.76 12.62
C TYR A 64 -3.40 -0.62 13.29
N ARG A 65 -4.38 -0.15 12.52
CA ARG A 65 -5.73 0.02 13.02
C ARG A 65 -6.71 -0.92 12.33
N TYR A 66 -6.46 -1.18 11.05
CA TYR A 66 -7.32 -2.06 10.26
C TYR A 66 -6.83 -2.15 8.82
N GLY A 67 -7.58 -2.89 8.00
CA GLY A 67 -7.21 -3.05 6.61
C GLY A 67 -7.45 -1.79 5.79
N ASN A 68 -8.50 -1.82 4.97
CA ASN A 68 -8.84 -0.67 4.13
C ASN A 68 -9.13 0.56 4.99
N ASN A 69 -9.07 1.73 4.37
CA ASN A 69 -9.33 2.97 5.07
C ASN A 69 -8.24 3.25 6.12
N GLU A 70 -7.15 2.50 6.02
CA GLU A 70 -6.03 2.67 6.96
C GLU A 70 -4.72 2.84 6.20
N SER A 71 -4.25 4.08 6.12
CA SER A 71 -3.00 4.38 5.43
C SER A 71 -2.13 5.31 6.26
N CYS A 72 -0.91 5.57 5.77
CA CYS A 72 0.02 6.45 6.47
C CYS A 72 0.37 7.66 5.62
N SER A 73 0.83 8.73 6.27
CA SER A 73 1.20 9.95 5.57
C SER A 73 2.61 10.39 5.94
N VAL A 74 3.51 10.35 4.96
CA VAL A 74 4.91 10.74 5.18
C VAL A 74 5.49 11.40 3.95
N SER A 75 6.55 12.18 4.14
CA SER A 75 7.21 12.86 3.03
C SER A 75 8.12 11.90 2.26
N ALA A 76 7.94 11.88 0.94
CA ALA A 76 8.75 11.01 0.08
C ALA A 76 10.14 11.60 -0.15
N ALA A 77 11.11 10.72 -0.38
CA ALA A 77 12.48 11.15 -0.61
C ALA A 77 13.06 10.48 -1.85
N PRO A 78 13.49 11.29 -2.83
CA PRO A 78 14.07 10.78 -4.07
C PRO A 78 15.44 10.16 -3.87
N GLY A 79 15.54 8.85 -4.13
CA GLY A 79 16.80 8.16 -3.96
C GLY A 79 16.63 6.80 -3.32
N THR A 80 15.44 6.55 -2.79
CA THR A 80 15.15 5.28 -2.13
C THR A 80 13.91 4.62 -2.72
N THR A 81 14.04 3.36 -3.13
CA THR A 81 12.94 2.62 -3.71
C THR A 81 11.89 2.29 -2.66
N TYR A 82 10.61 2.44 -3.03
CA TYR A 82 9.52 2.16 -2.11
C TYR A 82 8.81 0.87 -2.50
N HIS A 83 8.56 0.02 -1.51
CA HIS A 83 7.90 -1.27 -1.74
C HIS A 83 6.45 -1.21 -1.26
N VAL A 84 5.64 -2.14 -1.75
CA VAL A 84 4.22 -2.21 -1.38
C VAL A 84 3.78 -3.64 -1.14
N MET A 85 3.00 -3.84 -0.08
CA MET A 85 2.50 -5.17 0.26
C MET A 85 1.04 -5.12 0.67
N ILE A 86 0.20 -5.87 -0.03
CA ILE A 86 -1.23 -5.90 0.27
C ILE A 86 -1.64 -7.28 0.76
N LYS A 87 -2.03 -7.36 2.04
CA LYS A 87 -2.45 -8.62 2.63
C LYS A 87 -3.96 -8.62 2.87
N GLY A 88 -4.60 -9.76 2.61
CA GLY A 88 -6.03 -9.88 2.80
C GLY A 88 -6.39 -10.86 3.90
N TYR A 89 -7.57 -10.68 4.47
CA TYR A 89 -8.04 -11.56 5.55
C TYR A 89 -9.25 -12.36 5.11
N SER A 90 -9.95 -11.86 4.09
CA SER A 90 -11.14 -12.53 3.57
C SER A 90 -11.47 -12.03 2.17
N ASN A 91 -11.65 -12.98 1.24
CA ASN A 91 -11.96 -12.64 -0.14
C ASN A 91 -12.79 -11.35 -0.21
N TYR A 92 -12.16 -10.27 -0.65
CA TYR A 92 -12.85 -8.99 -0.75
C TYR A 92 -12.13 -8.08 -1.75
N SER A 93 -12.79 -7.80 -2.87
CA SER A 93 -12.21 -6.95 -3.91
C SER A 93 -13.11 -5.73 -4.16
N GLY A 94 -12.50 -4.65 -4.65
CA GLY A 94 -13.26 -3.45 -4.94
C GLY A 94 -12.72 -2.24 -4.19
N VAL A 95 -11.47 -2.33 -3.76
CA VAL A 95 -10.84 -1.24 -3.02
C VAL A 95 -9.74 -0.57 -3.85
N THR A 96 -9.57 0.73 -3.66
CA THR A 96 -8.55 1.49 -4.39
C THR A 96 -7.29 1.65 -3.55
N LEU A 97 -6.16 1.17 -4.09
CA LEU A 97 -4.89 1.27 -3.39
C LEU A 97 -3.94 2.23 -4.11
N LYS A 98 -3.45 3.22 -3.38
CA LYS A 98 -2.54 4.21 -3.94
C LYS A 98 -1.34 4.43 -3.03
N LEU A 99 -0.32 5.10 -3.54
CA LEU A 99 0.88 5.39 -2.77
C LEU A 99 0.71 6.68 -1.96
N GLN A 100 1.15 6.64 -0.71
CA GLN A 100 1.06 7.82 0.16
C GLN A 100 2.38 8.55 0.24
N TYR A 101 2.43 9.73 -0.38
CA TYR A 101 3.65 10.53 -0.38
C TYR A 101 3.39 11.92 -0.96
N GLY A 1 2.97 -10.67 -13.40
CA GLY A 1 2.54 -9.44 -12.75
C GLY A 1 3.64 -8.41 -12.68
N ASN A 2 3.28 -7.13 -12.80
CA ASN A 2 4.26 -6.05 -12.75
C ASN A 2 4.18 -5.31 -11.42
N VAL A 3 4.97 -4.25 -11.28
CA VAL A 3 4.99 -3.47 -10.06
C VAL A 3 4.50 -2.05 -10.31
N LEU A 4 3.31 -1.74 -9.82
CA LEU A 4 2.73 -0.41 -9.99
C LEU A 4 2.17 0.13 -8.67
N LYS A 5 2.21 1.44 -8.50
CA LYS A 5 1.71 2.07 -7.29
C LYS A 5 1.50 3.56 -7.50
N ASN A 6 2.61 4.30 -7.60
CA ASN A 6 2.54 5.74 -7.81
C ASN A 6 1.99 6.08 -9.20
N ASN A 7 1.46 7.29 -9.34
CA ASN A 7 0.90 7.73 -10.62
C ASN A 7 -0.56 7.31 -10.73
N THR A 8 -0.79 6.00 -10.87
CA THR A 8 -2.15 5.48 -10.99
C THR A 8 -2.42 4.42 -9.92
N PRO A 9 -3.44 4.68 -9.08
CA PRO A 9 -3.82 3.76 -8.01
C PRO A 9 -4.47 2.48 -8.55
N VAL A 10 -4.30 1.39 -7.80
CA VAL A 10 -4.88 0.11 -8.21
C VAL A 10 -6.36 0.06 -7.91
N SER A 11 -7.17 -0.06 -8.96
CA SER A 11 -8.62 -0.11 -8.81
C SER A 11 -9.07 -1.53 -8.46
N ASN A 12 -10.10 -1.63 -7.61
CA ASN A 12 -10.63 -2.91 -7.20
C ASN A 12 -9.50 -3.83 -6.71
N LEU A 13 -9.08 -3.62 -5.47
CA LEU A 13 -8.01 -4.43 -4.88
C LEU A 13 -8.53 -5.82 -4.49
N THR A 14 -7.68 -6.59 -3.81
CA THR A 14 -8.06 -7.94 -3.39
C THR A 14 -7.70 -8.16 -1.93
N GLY A 15 -8.60 -8.82 -1.19
CA GLY A 15 -8.35 -9.09 0.21
C GLY A 15 -8.73 -10.51 0.60
N ASN A 16 -8.20 -11.48 -0.13
CA ASN A 16 -8.48 -12.88 0.14
C ASN A 16 -7.71 -13.37 1.38
N LYS A 17 -8.38 -14.19 2.19
CA LYS A 17 -7.76 -14.73 3.39
C LYS A 17 -6.39 -15.33 3.08
N GLY A 18 -6.22 -15.80 1.86
CA GLY A 18 -4.95 -16.39 1.46
C GLY A 18 -4.25 -15.59 0.38
N SER A 19 -4.87 -15.51 -0.79
CA SER A 19 -4.30 -14.78 -1.91
C SER A 19 -3.93 -13.36 -1.50
N GLU A 20 -2.74 -12.93 -1.88
CA GLU A 20 -2.27 -11.59 -1.56
C GLU A 20 -1.71 -10.88 -2.78
N VAL A 21 -1.40 -9.60 -2.64
CA VAL A 21 -0.86 -8.81 -3.74
C VAL A 21 0.23 -7.86 -3.26
N PHE A 22 1.30 -7.74 -4.04
CA PHE A 22 2.41 -6.87 -3.68
C PHE A 22 2.89 -6.09 -4.91
N TYR A 23 3.35 -4.86 -4.68
CA TYR A 23 3.84 -4.02 -5.75
C TYR A 23 5.03 -3.18 -5.30
N THR A 24 5.75 -2.61 -6.26
CA THR A 24 6.92 -1.80 -5.95
C THR A 24 6.96 -0.54 -6.83
N PHE A 25 7.35 0.58 -6.23
CA PHE A 25 7.42 1.85 -6.96
C PHE A 25 8.33 2.83 -6.24
N THR A 26 8.76 3.86 -6.96
CA THR A 26 9.64 4.88 -6.38
C THR A 26 9.15 6.28 -6.73
N VAL A 27 9.76 7.29 -6.11
CA VAL A 27 9.40 8.67 -6.35
C VAL A 27 10.47 9.40 -7.16
N ASP A 28 10.14 10.60 -7.62
CA ASP A 28 11.09 11.39 -8.40
C ASP A 28 11.77 12.43 -7.52
N ARG A 29 10.98 13.17 -6.75
CA ARG A 29 11.52 14.20 -5.86
C ARG A 29 10.85 14.14 -4.50
N ASN A 30 11.35 14.94 -3.57
CA ASN A 30 10.80 14.99 -2.22
C ASN A 30 9.54 15.85 -2.17
N ALA A 31 8.42 15.22 -1.83
CA ALA A 31 7.15 15.93 -1.74
C ALA A 31 6.31 15.43 -0.58
N THR A 32 5.58 16.33 0.06
CA THR A 32 4.73 15.97 1.20
C THR A 32 3.26 15.93 0.80
N ALA A 33 2.72 14.71 0.68
CA ALA A 33 1.33 14.54 0.31
C ALA A 33 0.66 13.47 1.17
N VAL A 34 -0.64 13.64 1.43
CA VAL A 34 -1.38 12.69 2.24
C VAL A 34 -2.35 11.88 1.38
N VAL A 35 -2.07 10.59 1.25
CA VAL A 35 -2.91 9.70 0.46
C VAL A 35 -3.34 8.48 1.27
N SER A 36 -4.59 8.07 1.09
CA SER A 36 -5.14 6.92 1.80
C SER A 36 -5.87 5.99 0.85
N ILE A 37 -6.17 4.78 1.32
CA ILE A 37 -6.87 3.79 0.51
C ILE A 37 -8.28 3.57 1.04
N SER A 38 -9.21 3.33 0.11
CA SER A 38 -10.61 3.10 0.47
C SER A 38 -11.46 2.86 -0.77
N GLY A 39 -12.77 2.74 -0.56
CA GLY A 39 -13.67 2.51 -1.67
C GLY A 39 -14.99 1.89 -1.23
N GLY A 40 -15.36 0.78 -1.86
CA GLY A 40 -16.60 0.11 -1.52
C GLY A 40 -16.38 -1.09 -0.63
N SER A 41 -15.17 -1.66 -0.69
CA SER A 41 -14.84 -2.83 0.11
C SER A 41 -13.52 -2.63 0.84
N GLY A 42 -13.28 -3.47 1.85
CA GLY A 42 -12.04 -3.37 2.61
C GLY A 42 -11.31 -4.69 2.71
N ASP A 43 -10.83 -5.02 3.90
CA ASP A 43 -10.11 -6.26 4.12
C ASP A 43 -8.74 -6.22 3.44
N ALA A 44 -8.25 -5.01 3.20
CA ALA A 44 -6.95 -4.83 2.55
C ALA A 44 -5.95 -4.19 3.50
N ASP A 45 -4.91 -4.93 3.86
CA ASP A 45 -3.87 -4.43 4.75
C ASP A 45 -2.90 -3.52 4.02
N LEU A 46 -2.57 -2.39 4.64
CA LEU A 46 -1.64 -1.43 4.03
C LEU A 46 -0.26 -1.55 4.67
N TYR A 47 0.76 -1.72 3.82
CA TYR A 47 2.13 -1.84 4.29
C TYR A 47 3.07 -0.98 3.46
N LEU A 48 4.13 -0.49 4.09
CA LEU A 48 5.11 0.35 3.41
C LEU A 48 6.46 0.27 4.10
N LYS A 49 7.52 0.10 3.31
CA LYS A 49 8.87 0.01 3.85
C LYS A 49 9.88 0.65 2.89
N ALA A 50 10.63 1.63 3.39
CA ALA A 50 11.62 2.32 2.57
C ALA A 50 12.90 1.50 2.47
N GLY A 51 12.85 0.41 1.72
CA GLY A 51 14.02 -0.44 1.56
C GLY A 51 13.65 -1.84 1.09
N SER A 52 13.27 -2.70 2.03
CA SER A 52 12.91 -4.08 1.71
C SER A 52 11.41 -4.30 1.90
N LYS A 53 10.81 -5.08 1.01
CA LYS A 53 9.38 -5.37 1.08
C LYS A 53 8.97 -5.67 2.52
N PRO A 54 8.00 -4.89 3.04
CA PRO A 54 7.50 -5.06 4.40
C PRO A 54 6.67 -6.34 4.56
N THR A 55 6.82 -6.99 5.72
CA THR A 55 6.09 -8.22 5.99
C THR A 55 5.02 -8.00 7.04
N THR A 56 4.27 -9.06 7.36
CA THR A 56 3.21 -8.98 8.35
C THR A 56 3.76 -8.58 9.71
N SER A 57 5.07 -8.72 9.88
CA SER A 57 5.72 -8.37 11.13
C SER A 57 6.68 -7.20 10.94
N SER A 58 7.18 -7.04 9.72
CA SER A 58 8.11 -5.96 9.41
C SER A 58 7.41 -4.84 8.65
N TRP A 59 7.50 -3.63 9.19
CA TRP A 59 6.86 -2.47 8.56
C TRP A 59 7.60 -1.19 8.94
N ASP A 60 7.51 -0.19 8.06
CA ASP A 60 8.17 1.08 8.29
C ASP A 60 7.15 2.21 8.44
N CYS A 61 6.05 2.11 7.69
CA CYS A 61 4.99 3.12 7.73
C CYS A 61 3.62 2.47 7.58
N ARG A 62 2.74 2.73 8.54
CA ARG A 62 1.40 2.17 8.52
C ARG A 62 0.60 2.61 9.74
N PRO A 63 -0.74 2.59 9.62
CA PRO A 63 -1.64 2.99 10.69
C PRO A 63 -1.63 2.00 11.86
N TYR A 64 -0.48 1.39 12.09
CA TYR A 64 -0.33 0.42 13.18
C TYR A 64 -1.55 -0.49 13.25
N ARG A 65 -2.04 -0.90 12.09
CA ARG A 65 -3.21 -1.78 12.02
C ARG A 65 -3.45 -2.25 10.58
N TYR A 66 -4.53 -2.99 10.39
CA TYR A 66 -4.88 -3.49 9.07
C TYR A 66 -6.33 -3.16 8.71
N GLY A 67 -6.61 -3.06 7.42
CA GLY A 67 -7.96 -2.75 6.98
C GLY A 67 -8.02 -1.47 6.17
N ASN A 68 -8.84 -1.47 5.12
CA ASN A 68 -8.99 -0.31 4.26
C ASN A 68 -9.27 0.95 5.09
N ASN A 69 -9.22 2.10 4.43
CA ASN A 69 -9.47 3.37 5.11
C ASN A 69 -8.39 3.67 6.14
N GLU A 70 -7.29 2.92 6.06
CA GLU A 70 -6.18 3.10 6.99
C GLU A 70 -4.86 3.20 6.24
N SER A 71 -4.32 4.42 6.17
CA SER A 71 -3.06 4.66 5.48
C SER A 71 -2.16 5.59 6.29
N CYS A 72 -0.94 5.80 5.80
CA CYS A 72 0.01 6.67 6.48
C CYS A 72 0.36 7.88 5.61
N SER A 73 0.76 8.96 6.26
CA SER A 73 1.12 10.18 5.55
C SER A 73 2.49 10.69 6.00
N VAL A 74 3.47 10.59 5.10
CA VAL A 74 4.83 11.04 5.40
C VAL A 74 5.53 11.53 4.14
N SER A 75 6.49 12.44 4.32
CA SER A 75 7.24 12.99 3.20
C SER A 75 8.22 11.96 2.65
N ALA A 76 7.94 11.48 1.44
CA ALA A 76 8.81 10.50 0.79
C ALA A 76 10.00 11.17 0.12
N ALA A 77 11.19 10.65 0.38
CA ALA A 77 12.40 11.20 -0.21
C ALA A 77 12.86 10.38 -1.42
N PRO A 78 13.30 11.07 -2.46
CA PRO A 78 13.77 10.43 -3.70
C PRO A 78 15.09 9.68 -3.50
N GLY A 79 15.38 8.75 -4.40
CA GLY A 79 16.61 7.98 -4.32
C GLY A 79 16.41 6.66 -3.59
N THR A 80 15.32 6.56 -2.83
CA THR A 80 15.02 5.34 -2.09
C THR A 80 13.78 4.64 -2.65
N THR A 81 13.95 3.38 -3.05
CA THR A 81 12.85 2.60 -3.60
C THR A 81 11.83 2.25 -2.53
N TYR A 82 10.55 2.39 -2.85
CA TYR A 82 9.49 2.07 -1.91
C TYR A 82 8.84 0.74 -2.25
N HIS A 83 8.48 -0.02 -1.22
CA HIS A 83 7.85 -1.33 -1.42
C HIS A 83 6.37 -1.27 -1.03
N VAL A 84 5.60 -2.23 -1.52
CA VAL A 84 4.17 -2.29 -1.23
C VAL A 84 3.73 -3.73 -0.94
N MET A 85 2.88 -3.88 0.06
CA MET A 85 2.38 -5.20 0.45
C MET A 85 0.91 -5.12 0.87
N ILE A 86 0.07 -5.89 0.20
CA ILE A 86 -1.35 -5.91 0.51
C ILE A 86 -1.80 -7.29 0.97
N LYS A 87 -2.18 -7.40 2.24
CA LYS A 87 -2.63 -8.67 2.80
C LYS A 87 -4.14 -8.68 2.97
N GLY A 88 -4.78 -9.75 2.49
CA GLY A 88 -6.23 -9.86 2.59
C GLY A 88 -6.65 -10.70 3.77
N TYR A 89 -7.90 -10.55 4.18
CA TYR A 89 -8.44 -11.31 5.31
C TYR A 89 -9.60 -12.20 4.88
N SER A 90 -10.30 -11.77 3.83
CA SER A 90 -11.44 -12.52 3.33
C SER A 90 -11.86 -12.00 1.95
N ASN A 91 -12.07 -12.93 1.01
CA ASN A 91 -12.47 -12.55 -0.34
C ASN A 91 -13.26 -11.25 -0.34
N TYR A 92 -12.70 -10.22 -0.96
CA TYR A 92 -13.36 -8.92 -1.03
C TYR A 92 -12.55 -7.95 -1.88
N SER A 93 -13.12 -7.56 -3.02
CA SER A 93 -12.44 -6.63 -3.93
C SER A 93 -13.29 -5.38 -4.14
N GLY A 94 -12.64 -4.29 -4.53
CA GLY A 94 -13.34 -3.04 -4.77
C GLY A 94 -12.74 -1.88 -3.99
N VAL A 95 -11.47 -2.01 -3.62
CA VAL A 95 -10.79 -0.96 -2.87
C VAL A 95 -9.70 -0.30 -3.71
N THR A 96 -9.50 0.99 -3.50
CA THR A 96 -8.49 1.75 -4.24
C THR A 96 -7.22 1.91 -3.42
N LEU A 97 -6.13 1.30 -3.89
CA LEU A 97 -4.86 1.38 -3.20
C LEU A 97 -3.91 2.34 -3.92
N LYS A 98 -3.39 3.31 -3.18
CA LYS A 98 -2.47 4.29 -3.76
C LYS A 98 -1.26 4.49 -2.85
N LEU A 99 -0.22 5.11 -3.38
CA LEU A 99 1.00 5.36 -2.61
C LEU A 99 0.93 6.72 -1.92
N GLN A 100 1.40 6.75 -0.68
CA GLN A 100 1.39 7.99 0.10
C GLN A 100 2.77 8.65 0.08
N TYR A 101 2.84 9.81 -0.56
CA TYR A 101 4.09 10.55 -0.66
C TYR A 101 4.00 11.88 0.08
N GLY A 1 2.57 -9.93 -14.73
CA GLY A 1 2.24 -8.84 -13.82
C GLY A 1 3.32 -7.79 -13.76
N ASN A 2 3.00 -6.63 -13.18
CA ASN A 2 3.95 -5.53 -13.07
C ASN A 2 3.95 -4.96 -11.66
N VAL A 3 4.72 -3.88 -11.47
CA VAL A 3 4.81 -3.23 -10.16
C VAL A 3 4.32 -1.79 -10.24
N LEU A 4 3.15 -1.53 -9.65
CA LEU A 4 2.58 -0.19 -9.66
C LEU A 4 2.14 0.22 -8.25
N LYS A 5 2.25 1.51 -7.96
CA LYS A 5 1.86 2.03 -6.65
C LYS A 5 1.55 3.53 -6.73
N ASN A 6 2.35 4.24 -7.52
CA ASN A 6 2.16 5.68 -7.67
C ASN A 6 1.60 6.00 -9.07
N ASN A 7 0.97 7.18 -9.19
CA ASN A 7 0.41 7.60 -10.45
C ASN A 7 -1.04 7.14 -10.59
N THR A 8 -1.23 5.83 -10.71
CA THR A 8 -2.56 5.25 -10.84
C THR A 8 -2.80 4.16 -9.81
N PRO A 9 -3.72 4.42 -8.88
CA PRO A 9 -4.07 3.47 -7.81
C PRO A 9 -4.80 2.24 -8.35
N VAL A 10 -4.67 1.13 -7.63
CA VAL A 10 -5.32 -0.11 -8.02
C VAL A 10 -6.77 -0.14 -7.56
N SER A 11 -7.69 -0.12 -8.52
CA SER A 11 -9.13 -0.15 -8.21
C SER A 11 -9.60 -1.58 -7.95
N ASN A 12 -10.60 -1.72 -7.09
CA ASN A 12 -11.14 -3.02 -6.76
C ASN A 12 -10.02 -4.02 -6.44
N LEU A 13 -9.32 -3.78 -5.35
CA LEU A 13 -8.22 -4.64 -4.94
C LEU A 13 -8.75 -6.02 -4.53
N THR A 14 -7.85 -6.86 -4.01
CA THR A 14 -8.22 -8.20 -3.58
C THR A 14 -7.68 -8.50 -2.19
N GLY A 15 -8.50 -9.14 -1.36
CA GLY A 15 -8.09 -9.47 -0.01
C GLY A 15 -8.45 -10.89 0.38
N ASN A 16 -7.96 -11.85 -0.41
CA ASN A 16 -8.24 -13.26 -0.15
C ASN A 16 -7.40 -13.77 1.02
N LYS A 17 -8.02 -14.59 1.87
CA LYS A 17 -7.33 -15.13 3.03
C LYS A 17 -6.00 -15.79 2.62
N GLY A 18 -5.94 -16.25 1.38
CA GLY A 18 -4.73 -16.88 0.88
C GLY A 18 -4.02 -16.04 -0.15
N SER A 19 -4.71 -15.76 -1.26
CA SER A 19 -4.13 -14.97 -2.34
C SER A 19 -3.70 -13.60 -1.83
N GLU A 20 -2.57 -13.12 -2.31
CA GLU A 20 -2.04 -11.82 -1.91
C GLU A 20 -1.54 -11.03 -3.12
N VAL A 21 -1.22 -9.76 -2.90
CA VAL A 21 -0.74 -8.90 -3.97
C VAL A 21 0.37 -7.98 -3.46
N PHE A 22 1.40 -7.81 -4.29
CA PHE A 22 2.54 -6.95 -3.93
C PHE A 22 2.96 -6.09 -5.11
N TYR A 23 3.40 -4.87 -4.82
CA TYR A 23 3.83 -3.94 -5.86
C TYR A 23 5.04 -3.13 -5.39
N THR A 24 5.70 -2.47 -6.33
CA THR A 24 6.87 -1.66 -6.02
C THR A 24 6.95 -0.45 -6.93
N PHE A 25 7.38 0.68 -6.38
CA PHE A 25 7.50 1.92 -7.14
C PHE A 25 8.43 2.90 -6.43
N THR A 26 8.90 3.89 -7.18
CA THR A 26 9.81 4.90 -6.63
C THR A 26 9.31 6.31 -6.93
N VAL A 27 9.95 7.30 -6.32
CA VAL A 27 9.58 8.69 -6.52
C VAL A 27 10.62 9.42 -7.35
N ASP A 28 10.31 10.67 -7.72
CA ASP A 28 11.23 11.48 -8.51
C ASP A 28 11.80 12.63 -7.68
N ARG A 29 10.92 13.48 -7.16
CA ARG A 29 11.33 14.61 -6.35
C ARG A 29 10.56 14.66 -5.04
N ASN A 30 11.25 15.01 -3.96
CA ASN A 30 10.64 15.09 -2.65
C ASN A 30 9.34 15.90 -2.70
N ALA A 31 8.23 15.27 -2.34
CA ALA A 31 6.94 15.94 -2.34
C ALA A 31 6.11 15.54 -1.12
N THR A 32 5.59 16.55 -0.42
CA THR A 32 4.78 16.30 0.77
C THR A 32 3.30 16.26 0.44
N ALA A 33 2.73 15.06 0.44
CA ALA A 33 1.31 14.89 0.14
C ALA A 33 0.68 13.83 1.04
N VAL A 34 -0.61 13.99 1.30
CA VAL A 34 -1.33 13.05 2.15
C VAL A 34 -2.21 12.11 1.32
N VAL A 35 -1.84 10.83 1.30
CA VAL A 35 -2.59 9.83 0.54
C VAL A 35 -2.96 8.65 1.42
N SER A 36 -4.17 8.12 1.21
CA SER A 36 -4.65 6.99 1.98
C SER A 36 -5.46 6.03 1.11
N ILE A 37 -5.80 4.88 1.66
CA ILE A 37 -6.56 3.87 0.94
C ILE A 37 -8.00 3.81 1.44
N SER A 38 -8.89 3.28 0.61
CA SER A 38 -10.30 3.16 0.96
C SER A 38 -11.12 2.62 -0.21
N GLY A 39 -12.34 2.19 0.08
CA GLY A 39 -13.21 1.66 -0.96
C GLY A 39 -14.44 1.00 -0.40
N GLY A 40 -14.33 -0.29 -0.10
CA GLY A 40 -15.46 -1.03 0.44
C GLY A 40 -15.32 -1.30 1.92
N SER A 41 -15.23 -2.57 2.29
CA SER A 41 -15.09 -2.96 3.69
C SER A 41 -13.67 -3.39 4.01
N GLY A 42 -13.32 -3.39 5.29
CA GLY A 42 -11.99 -3.79 5.70
C GLY A 42 -11.62 -5.18 5.22
N ASP A 43 -10.42 -5.31 4.65
CA ASP A 43 -9.96 -6.61 4.15
C ASP A 43 -8.55 -6.48 3.58
N ALA A 44 -8.29 -5.37 2.90
CA ALA A 44 -6.98 -5.13 2.30
C ALA A 44 -6.08 -4.33 3.24
N ASP A 45 -5.04 -4.98 3.75
CA ASP A 45 -4.10 -4.34 4.65
C ASP A 45 -3.09 -3.49 3.89
N LEU A 46 -2.40 -2.61 4.60
CA LEU A 46 -1.41 -1.73 3.99
C LEU A 46 -0.05 -1.89 4.66
N TYR A 47 1.01 -1.91 3.85
CA TYR A 47 2.36 -2.06 4.37
C TYR A 47 3.37 -1.41 3.43
N LEU A 48 4.29 -0.64 4.00
CA LEU A 48 5.31 0.04 3.23
C LEU A 48 6.66 -0.01 3.93
N LYS A 49 7.74 0.04 3.16
CA LYS A 49 9.09 0.00 3.70
C LYS A 49 10.08 0.65 2.75
N ALA A 50 11.10 1.30 3.30
CA ALA A 50 12.12 1.96 2.51
C ALA A 50 13.25 0.99 2.16
N GLY A 51 13.23 0.48 0.93
CA GLY A 51 14.25 -0.46 0.49
C GLY A 51 13.73 -1.86 0.34
N SER A 52 13.86 -2.65 1.40
CA SER A 52 13.39 -4.05 1.38
C SER A 52 11.90 -4.12 1.67
N LYS A 53 11.18 -4.82 0.82
CA LYS A 53 9.73 -4.98 0.98
C LYS A 53 9.38 -5.32 2.43
N PRO A 54 8.33 -4.66 2.94
CA PRO A 54 7.86 -4.88 4.32
C PRO A 54 7.25 -6.26 4.51
N THR A 55 7.47 -6.85 5.69
CA THR A 55 6.94 -8.16 6.00
C THR A 55 5.71 -8.05 6.89
N THR A 56 5.11 -9.20 7.21
CA THR A 56 3.92 -9.24 8.06
C THR A 56 4.24 -8.75 9.47
N SER A 57 5.52 -8.66 9.78
CA SER A 57 5.96 -8.19 11.10
C SER A 57 6.82 -6.94 10.98
N SER A 58 7.48 -6.79 9.84
CA SER A 58 8.34 -5.64 9.59
C SER A 58 7.65 -4.61 8.70
N TRP A 59 7.57 -3.38 9.17
CA TRP A 59 6.93 -2.31 8.41
C TRP A 59 7.54 -0.96 8.76
N ASP A 60 7.48 -0.02 7.82
CA ASP A 60 8.02 1.32 8.04
C ASP A 60 6.90 2.35 8.13
N CYS A 61 5.75 2.01 7.56
CA CYS A 61 4.60 2.91 7.59
C CYS A 61 3.30 2.13 7.73
N ARG A 62 2.54 2.45 8.77
CA ARG A 62 1.27 1.78 9.02
C ARG A 62 0.62 2.29 10.31
N PRO A 63 -0.56 2.89 10.17
CA PRO A 63 -1.31 3.44 11.30
C PRO A 63 -1.87 2.36 12.21
N TYR A 64 -1.93 1.14 11.70
CA TYR A 64 -2.44 0.01 12.47
C TYR A 64 -3.90 0.22 12.85
N ARG A 65 -4.80 -0.18 11.96
CA ARG A 65 -6.24 -0.03 12.20
C ARG A 65 -6.98 -1.33 11.89
N TYR A 66 -7.25 -1.56 10.61
CA TYR A 66 -7.96 -2.76 10.19
C TYR A 66 -8.20 -2.75 8.68
N GLY A 67 -7.46 -3.59 7.96
CA GLY A 67 -7.61 -3.66 6.52
C GLY A 67 -7.54 -2.30 5.87
N ASN A 68 -8.55 -2.00 5.03
CA ASN A 68 -8.60 -0.72 4.34
C ASN A 68 -8.61 0.44 5.33
N ASN A 69 -8.66 1.66 4.81
CA ASN A 69 -8.68 2.85 5.65
C ASN A 69 -7.50 2.85 6.62
N GLU A 70 -6.42 2.19 6.23
CA GLU A 70 -5.22 2.11 7.06
C GLU A 70 -3.97 2.47 6.26
N SER A 71 -3.72 3.77 6.11
CA SER A 71 -2.57 4.24 5.37
C SER A 71 -1.82 5.32 6.14
N CYS A 72 -0.65 5.70 5.66
CA CYS A 72 0.15 6.73 6.30
C CYS A 72 0.38 7.91 5.36
N SER A 73 0.67 9.07 5.94
CA SER A 73 0.91 10.27 5.16
C SER A 73 2.20 10.95 5.57
N VAL A 74 3.22 10.83 4.72
CA VAL A 74 4.53 11.43 4.99
C VAL A 74 5.24 11.79 3.71
N SER A 75 6.13 12.78 3.78
CA SER A 75 6.88 13.22 2.61
C SER A 75 8.14 12.37 2.42
N ALA A 76 8.12 11.52 1.40
CA ALA A 76 9.24 10.65 1.11
C ALA A 76 10.32 11.40 0.31
N ALA A 77 11.56 10.93 0.43
CA ALA A 77 12.67 11.55 -0.28
C ALA A 77 13.09 10.71 -1.49
N PRO A 78 13.38 11.38 -2.61
CA PRO A 78 13.80 10.72 -3.84
C PRO A 78 15.19 10.10 -3.73
N GLY A 79 15.32 8.86 -4.20
CA GLY A 79 16.61 8.19 -4.14
C GLY A 79 16.50 6.80 -3.56
N THR A 80 15.44 6.55 -2.80
CA THR A 80 15.24 5.25 -2.17
C THR A 80 14.00 4.57 -2.73
N THR A 81 14.14 3.30 -3.11
CA THR A 81 13.03 2.53 -3.67
C THR A 81 12.01 2.19 -2.59
N TYR A 82 10.73 2.32 -2.94
CA TYR A 82 9.65 2.03 -2.00
C TYR A 82 8.87 0.80 -2.45
N HIS A 83 8.62 -0.11 -1.50
CA HIS A 83 7.88 -1.33 -1.79
C HIS A 83 6.48 -1.27 -1.20
N VAL A 84 5.59 -2.12 -1.70
CA VAL A 84 4.22 -2.16 -1.22
C VAL A 84 3.74 -3.61 -1.05
N MET A 85 3.02 -3.86 0.05
CA MET A 85 2.51 -5.19 0.31
C MET A 85 1.05 -5.13 0.77
N ILE A 86 0.18 -5.83 0.05
CA ILE A 86 -1.24 -5.86 0.38
C ILE A 86 -1.67 -7.23 0.86
N LYS A 87 -2.10 -7.31 2.11
CA LYS A 87 -2.54 -8.57 2.69
C LYS A 87 -4.07 -8.64 2.74
N GLY A 88 -4.61 -9.84 2.56
CA GLY A 88 -6.05 -10.02 2.59
C GLY A 88 -6.51 -10.86 3.77
N TYR A 89 -7.73 -10.61 4.24
CA TYR A 89 -8.28 -11.35 5.36
C TYR A 89 -9.35 -12.33 4.90
N SER A 90 -10.01 -12.00 3.80
CA SER A 90 -11.06 -12.86 3.25
C SER A 90 -11.57 -12.30 1.92
N ASN A 91 -11.92 -13.21 1.01
CA ASN A 91 -12.43 -12.81 -0.30
C ASN A 91 -13.22 -11.51 -0.20
N TYR A 92 -12.62 -10.43 -0.69
CA TYR A 92 -13.27 -9.12 -0.66
C TYR A 92 -12.52 -8.13 -1.54
N SER A 93 -13.21 -7.61 -2.56
CA SER A 93 -12.62 -6.65 -3.48
C SER A 93 -13.42 -5.35 -3.50
N GLY A 94 -12.78 -4.29 -3.97
CA GLY A 94 -13.45 -3.00 -4.04
C GLY A 94 -12.71 -1.93 -3.26
N VAL A 95 -11.41 -2.14 -3.05
CA VAL A 95 -10.59 -1.19 -2.31
C VAL A 95 -9.55 -0.54 -3.20
N THR A 96 -9.23 0.72 -2.93
CA THR A 96 -8.25 1.46 -3.71
C THR A 96 -6.95 1.64 -2.94
N LEU A 97 -5.83 1.41 -3.61
CA LEU A 97 -4.52 1.54 -2.98
C LEU A 97 -3.69 2.61 -3.69
N LYS A 98 -3.16 3.55 -2.92
CA LYS A 98 -2.35 4.63 -3.46
C LYS A 98 -1.13 4.90 -2.57
N LEU A 99 -0.08 5.44 -3.16
CA LEU A 99 1.14 5.74 -2.43
C LEU A 99 1.06 7.13 -1.82
N GLN A 100 1.66 7.28 -0.63
CA GLN A 100 1.66 8.56 0.07
C GLN A 100 2.93 9.34 -0.23
N TYR A 101 2.78 10.46 -0.93
CA TYR A 101 3.93 11.30 -1.29
C TYR A 101 3.59 12.78 -1.11
N GLY A 1 3.29 -10.10 -12.21
CA GLY A 1 3.25 -9.30 -13.42
C GLY A 1 4.29 -8.20 -13.43
N ASN A 2 4.00 -7.11 -12.71
CA ASN A 2 4.92 -5.99 -12.63
C ASN A 2 4.76 -5.24 -11.31
N VAL A 3 5.44 -4.10 -11.19
CA VAL A 3 5.38 -3.30 -9.97
C VAL A 3 4.90 -1.89 -10.28
N LEU A 4 3.68 -1.58 -9.87
CA LEU A 4 3.10 -0.26 -10.10
C LEU A 4 2.48 0.30 -8.82
N LYS A 5 2.51 1.62 -8.69
CA LYS A 5 1.94 2.28 -7.52
C LYS A 5 1.55 3.72 -7.83
N ASN A 6 2.55 4.58 -7.96
CA ASN A 6 2.31 5.99 -8.27
C ASN A 6 1.68 6.15 -9.65
N ASN A 7 1.01 7.28 -9.87
CA ASN A 7 0.37 7.56 -11.14
C ASN A 7 -1.08 7.08 -11.12
N THR A 8 -1.28 5.77 -11.08
CA THR A 8 -2.60 5.18 -11.06
C THR A 8 -2.72 4.11 -9.99
N PRO A 9 -3.67 4.30 -9.05
CA PRO A 9 -3.90 3.36 -7.95
C PRO A 9 -4.51 2.05 -8.44
N VAL A 10 -4.29 0.98 -7.67
CA VAL A 10 -4.81 -0.33 -8.02
C VAL A 10 -6.30 -0.43 -7.72
N SER A 11 -7.11 -0.60 -8.76
CA SER A 11 -8.56 -0.69 -8.60
C SER A 11 -8.98 -2.15 -8.40
N ASN A 12 -10.22 -2.34 -7.97
CA ASN A 12 -10.75 -3.68 -7.74
C ASN A 12 -9.69 -4.57 -7.09
N LEU A 13 -9.11 -4.10 -6.00
CA LEU A 13 -8.09 -4.85 -5.28
C LEU A 13 -8.62 -6.20 -4.83
N THR A 14 -7.79 -6.97 -4.14
CA THR A 14 -8.17 -8.29 -3.66
C THR A 14 -7.69 -8.51 -2.23
N GLY A 15 -8.55 -9.11 -1.41
CA GLY A 15 -8.18 -9.37 -0.03
C GLY A 15 -8.59 -10.77 0.42
N ASN A 16 -8.11 -11.77 -0.30
CA ASN A 16 -8.42 -13.16 0.03
C ASN A 16 -7.64 -13.62 1.25
N LYS A 17 -8.21 -14.55 2.00
CA LYS A 17 -7.57 -15.09 3.20
C LYS A 17 -6.13 -15.47 2.91
N GLY A 18 -5.87 -15.94 1.70
CA GLY A 18 -4.52 -16.33 1.32
C GLY A 18 -3.93 -15.43 0.26
N SER A 19 -4.61 -15.34 -0.89
CA SER A 19 -4.14 -14.51 -2.00
C SER A 19 -3.82 -13.10 -1.51
N GLU A 20 -2.72 -12.55 -2.03
CA GLU A 20 -2.30 -11.21 -1.65
C GLU A 20 -1.79 -10.44 -2.86
N VAL A 21 -1.48 -9.16 -2.66
CA VAL A 21 -0.99 -8.31 -3.74
C VAL A 21 0.12 -7.38 -3.25
N PHE A 22 1.19 -7.28 -4.04
CA PHE A 22 2.31 -6.42 -3.69
C PHE A 22 2.83 -5.66 -4.91
N TYR A 23 3.37 -4.47 -4.67
CA TYR A 23 3.90 -3.65 -5.75
C TYR A 23 5.11 -2.85 -5.29
N THR A 24 5.84 -2.28 -6.23
CA THR A 24 7.03 -1.49 -5.93
C THR A 24 7.10 -0.24 -6.80
N PHE A 25 7.49 0.88 -6.19
CA PHE A 25 7.60 2.14 -6.91
C PHE A 25 8.48 3.12 -6.16
N THR A 26 9.10 4.04 -6.90
CA THR A 26 9.97 5.04 -6.29
C THR A 26 9.59 6.44 -6.73
N VAL A 27 10.18 7.45 -6.10
CA VAL A 27 9.90 8.85 -6.43
C VAL A 27 11.12 9.52 -7.04
N ASP A 28 10.93 10.72 -7.55
CA ASP A 28 12.01 11.48 -8.17
C ASP A 28 12.02 12.93 -7.66
N ARG A 29 11.24 13.18 -6.62
CA ARG A 29 11.18 14.52 -6.05
C ARG A 29 10.47 14.50 -4.68
N ASN A 30 11.01 15.23 -3.73
CA ASN A 30 10.43 15.29 -2.39
C ASN A 30 9.14 16.10 -2.39
N ALA A 31 8.04 15.45 -2.02
CA ALA A 31 6.75 16.10 -1.97
C ALA A 31 5.95 15.65 -0.75
N THR A 32 5.16 16.57 -0.19
CA THR A 32 4.35 16.27 0.98
C THR A 32 2.88 16.19 0.62
N ALA A 33 2.35 14.97 0.56
CA ALA A 33 0.94 14.75 0.23
C ALA A 33 0.34 13.65 1.08
N VAL A 34 -0.96 13.78 1.36
CA VAL A 34 -1.66 12.79 2.18
C VAL A 34 -2.70 12.03 1.36
N VAL A 35 -2.45 10.75 1.14
CA VAL A 35 -3.37 9.91 0.37
C VAL A 35 -3.75 8.65 1.14
N SER A 36 -5.01 8.27 1.04
CA SER A 36 -5.50 7.08 1.73
C SER A 36 -6.15 6.10 0.75
N ILE A 37 -6.39 4.88 1.21
CA ILE A 37 -7.00 3.86 0.38
C ILE A 37 -8.41 3.53 0.86
N SER A 38 -9.26 3.10 -0.07
CA SER A 38 -10.64 2.76 0.26
C SER A 38 -11.41 2.37 -1.00
N GLY A 39 -12.60 1.80 -0.81
CA GLY A 39 -13.42 1.38 -1.93
C GLY A 39 -14.48 0.39 -1.54
N GLY A 40 -14.25 -0.33 -0.44
CA GLY A 40 -15.20 -1.31 0.02
C GLY A 40 -15.24 -1.42 1.54
N SER A 41 -14.95 -2.61 2.05
CA SER A 41 -14.96 -2.83 3.49
C SER A 41 -13.57 -3.26 3.99
N GLY A 42 -13.36 -3.15 5.29
CA GLY A 42 -12.08 -3.53 5.86
C GLY A 42 -11.63 -4.91 5.43
N ASP A 43 -10.68 -4.96 4.50
CA ASP A 43 -10.17 -6.22 4.00
C ASP A 43 -8.74 -6.07 3.49
N ALA A 44 -8.48 -4.95 2.80
CA ALA A 44 -7.16 -4.68 2.26
C ALA A 44 -6.33 -3.84 3.22
N ASP A 45 -5.22 -4.41 3.69
CA ASP A 45 -4.35 -3.72 4.63
C ASP A 45 -3.35 -2.83 3.88
N LEU A 46 -2.73 -1.91 4.60
CA LEU A 46 -1.75 -0.99 4.00
C LEU A 46 -0.39 -1.15 4.67
N TYR A 47 0.64 -1.37 3.86
CA TYR A 47 1.99 -1.52 4.38
C TYR A 47 3.00 -0.76 3.51
N LEU A 48 4.11 -0.36 4.12
CA LEU A 48 5.16 0.37 3.41
C LEU A 48 6.51 0.17 4.07
N LYS A 49 7.55 0.03 3.25
CA LYS A 49 8.90 -0.16 3.76
C LYS A 49 9.93 0.45 2.81
N ALA A 50 10.97 1.05 3.40
CA ALA A 50 12.02 1.68 2.61
C ALA A 50 13.12 0.68 2.26
N GLY A 51 13.43 0.58 0.97
CA GLY A 51 14.46 -0.34 0.53
C GLY A 51 13.89 -1.64 -0.01
N SER A 52 13.17 -2.36 0.84
CA SER A 52 12.56 -3.64 0.44
C SER A 52 11.06 -3.62 0.68
N LYS A 53 10.43 -4.76 0.49
CA LYS A 53 8.98 -4.90 0.69
C LYS A 53 8.66 -5.31 2.11
N PRO A 54 7.68 -4.63 2.73
CA PRO A 54 7.25 -4.91 4.10
C PRO A 54 6.54 -6.25 4.22
N THR A 55 6.77 -6.95 5.33
CA THR A 55 6.14 -8.24 5.57
C THR A 55 5.01 -8.13 6.57
N THR A 56 4.34 -9.24 6.85
CA THR A 56 3.25 -9.28 7.79
C THR A 56 3.72 -8.93 9.21
N SER A 57 5.03 -8.97 9.41
CA SER A 57 5.61 -8.67 10.71
C SER A 57 6.57 -7.48 10.61
N SER A 58 7.13 -7.28 9.43
CA SER A 58 8.06 -6.18 9.20
C SER A 58 7.39 -5.03 8.48
N TRP A 59 7.48 -3.83 9.06
CA TRP A 59 6.87 -2.65 8.47
C TRP A 59 7.64 -1.39 8.84
N ASP A 60 7.56 -0.37 7.99
CA ASP A 60 8.25 0.89 8.25
C ASP A 60 7.26 2.03 8.45
N CYS A 61 6.14 1.96 7.73
CA CYS A 61 5.11 2.99 7.82
C CYS A 61 3.72 2.39 7.66
N ARG A 62 2.86 2.61 8.66
CA ARG A 62 1.50 2.09 8.62
C ARG A 62 0.69 2.61 9.81
N PRO A 63 -0.63 2.74 9.61
CA PRO A 63 -1.54 3.23 10.66
C PRO A 63 -1.71 2.21 11.79
N TYR A 64 -1.12 1.04 11.62
CA TYR A 64 -1.21 -0.01 12.63
C TYR A 64 -2.63 -0.57 12.71
N ARG A 65 -3.04 -1.26 11.66
CA ARG A 65 -4.38 -1.86 11.60
C ARG A 65 -4.54 -2.74 10.37
N TYR A 66 -5.74 -3.23 10.16
CA TYR A 66 -6.04 -4.10 9.01
C TYR A 66 -7.33 -3.68 8.33
N GLY A 67 -7.31 -3.67 7.00
CA GLY A 67 -8.50 -3.29 6.25
C GLY A 67 -8.37 -1.93 5.60
N ASN A 68 -9.22 -1.65 4.62
CA ASN A 68 -9.19 -0.38 3.92
C ASN A 68 -9.43 0.78 4.88
N ASN A 69 -9.41 2.00 4.35
CA ASN A 69 -9.63 3.19 5.16
C ASN A 69 -8.50 3.36 6.18
N GLU A 70 -7.41 2.65 5.96
CA GLU A 70 -6.26 2.72 6.86
C GLU A 70 -4.97 3.03 6.09
N SER A 71 -4.60 4.30 6.06
CA SER A 71 -3.40 4.73 5.35
C SER A 71 -2.58 5.69 6.21
N CYS A 72 -1.37 6.00 5.75
CA CYS A 72 -0.48 6.90 6.47
C CYS A 72 -0.12 8.11 5.61
N SER A 73 0.37 9.17 6.25
CA SER A 73 0.75 10.38 5.54
C SER A 73 2.14 10.85 5.97
N VAL A 74 3.09 10.76 5.05
CA VAL A 74 4.46 11.16 5.32
C VAL A 74 5.15 11.68 4.07
N SER A 75 6.13 12.56 4.25
CA SER A 75 6.87 13.13 3.13
C SER A 75 8.13 12.33 2.84
N ALA A 76 8.11 11.55 1.76
CA ALA A 76 9.25 10.75 1.37
C ALA A 76 10.22 11.54 0.52
N ALA A 77 11.50 11.17 0.58
CA ALA A 77 12.53 11.85 -0.20
C ALA A 77 13.04 10.97 -1.33
N PRO A 78 13.32 11.58 -2.49
CA PRO A 78 13.83 10.88 -3.67
C PRO A 78 15.24 10.36 -3.48
N GLY A 79 15.41 9.05 -3.59
CA GLY A 79 16.72 8.45 -3.43
C GLY A 79 16.66 7.03 -2.91
N THR A 80 15.52 6.67 -2.31
CA THR A 80 15.33 5.33 -1.77
C THR A 80 14.11 4.67 -2.38
N THR A 81 14.25 3.39 -2.74
CA THR A 81 13.15 2.63 -3.33
C THR A 81 12.08 2.32 -2.29
N TYR A 82 10.82 2.45 -2.69
CA TYR A 82 9.70 2.19 -1.80
C TYR A 82 8.84 1.05 -2.33
N HIS A 83 8.33 0.23 -1.43
CA HIS A 83 7.49 -0.90 -1.81
C HIS A 83 6.12 -0.81 -1.13
N VAL A 84 5.14 -1.53 -1.68
CA VAL A 84 3.79 -1.53 -1.13
C VAL A 84 3.24 -2.95 -1.01
N MET A 85 2.82 -3.32 0.18
CA MET A 85 2.27 -4.65 0.42
C MET A 85 0.82 -4.57 0.89
N ILE A 86 -0.05 -5.32 0.23
CA ILE A 86 -1.47 -5.33 0.57
C ILE A 86 -1.91 -6.72 1.02
N LYS A 87 -2.29 -6.84 2.29
CA LYS A 87 -2.74 -8.11 2.83
C LYS A 87 -4.26 -8.18 2.87
N GLY A 88 -4.80 -9.39 2.74
CA GLY A 88 -6.24 -9.57 2.75
C GLY A 88 -6.72 -10.31 3.98
N TYR A 89 -8.01 -10.19 4.29
CA TYR A 89 -8.59 -10.84 5.45
C TYR A 89 -9.69 -11.81 5.03
N SER A 90 -10.28 -11.56 3.87
CA SER A 90 -11.35 -12.41 3.35
C SER A 90 -11.80 -11.95 1.97
N ASN A 91 -12.14 -12.91 1.12
CA ASN A 91 -12.58 -12.61 -0.24
C ASN A 91 -13.33 -11.28 -0.28
N TYR A 92 -12.69 -10.26 -0.83
CA TYR A 92 -13.29 -8.93 -0.93
C TYR A 92 -12.50 -8.04 -1.87
N SER A 93 -13.14 -7.65 -2.98
CA SER A 93 -12.50 -6.80 -3.97
C SER A 93 -13.29 -5.51 -4.16
N GLY A 94 -12.60 -4.46 -4.62
CA GLY A 94 -13.25 -3.19 -4.85
C GLY A 94 -12.63 -2.06 -4.05
N VAL A 95 -11.35 -2.21 -3.72
CA VAL A 95 -10.63 -1.20 -2.95
C VAL A 95 -9.54 -0.55 -3.79
N THR A 96 -9.39 0.77 -3.64
CA THR A 96 -8.38 1.51 -4.39
C THR A 96 -7.16 1.80 -3.51
N LEU A 97 -6.03 1.22 -3.90
CA LEU A 97 -4.79 1.41 -3.15
C LEU A 97 -3.85 2.35 -3.90
N LYS A 98 -3.36 3.37 -3.20
CA LYS A 98 -2.45 4.34 -3.78
C LYS A 98 -1.26 4.60 -2.87
N LEU A 99 -0.27 5.33 -3.37
CA LEU A 99 0.93 5.66 -2.60
C LEU A 99 0.72 6.94 -1.80
N GLN A 100 1.17 6.92 -0.55
CA GLN A 100 1.04 8.08 0.32
C GLN A 100 2.40 8.74 0.55
N TYR A 101 2.56 9.95 0.03
CA TYR A 101 3.82 10.68 0.18
C TYR A 101 3.56 12.12 0.62
N GLY A 1 1.99 -9.95 -11.54
CA GLY A 1 2.49 -9.68 -12.87
C GLY A 1 3.54 -8.60 -12.90
N ASN A 2 3.18 -7.40 -12.45
CA ASN A 2 4.09 -6.27 -12.42
C ASN A 2 4.01 -5.53 -11.08
N VAL A 3 4.78 -4.45 -10.96
CA VAL A 3 4.78 -3.66 -9.75
C VAL A 3 4.31 -2.23 -10.01
N LEU A 4 3.12 -1.91 -9.51
CA LEU A 4 2.55 -0.58 -9.70
C LEU A 4 2.01 -0.03 -8.38
N LYS A 5 2.09 1.28 -8.22
CA LYS A 5 1.61 1.94 -7.01
C LYS A 5 1.33 3.41 -7.26
N ASN A 6 2.39 4.19 -7.49
CA ASN A 6 2.25 5.62 -7.74
C ASN A 6 1.77 5.87 -9.16
N ASN A 7 1.18 7.04 -9.39
CA ASN A 7 0.67 7.40 -10.70
C ASN A 7 -0.77 6.94 -10.87
N THR A 8 -0.97 5.63 -10.94
CA THR A 8 -2.30 5.06 -11.10
C THR A 8 -2.61 4.06 -10.00
N PRO A 9 -3.60 4.38 -9.16
CA PRO A 9 -4.02 3.52 -8.05
C PRO A 9 -4.70 2.25 -8.53
N VAL A 10 -4.57 1.18 -7.76
CA VAL A 10 -5.18 -0.10 -8.11
C VAL A 10 -6.67 -0.10 -7.79
N SER A 11 -7.49 -0.17 -8.84
CA SER A 11 -8.94 -0.17 -8.69
C SER A 11 -9.45 -1.56 -8.30
N ASN A 12 -10.51 -1.61 -7.53
CA ASN A 12 -11.09 -2.87 -7.10
C ASN A 12 -10.02 -3.82 -6.57
N LEU A 13 -9.37 -3.42 -5.47
CA LEU A 13 -8.32 -4.24 -4.87
C LEU A 13 -8.85 -5.61 -4.48
N THR A 14 -8.00 -6.40 -3.83
CA THR A 14 -8.39 -7.74 -3.40
C THR A 14 -7.92 -8.01 -1.98
N GLY A 15 -8.77 -8.66 -1.20
CA GLY A 15 -8.42 -8.98 0.18
C GLY A 15 -8.86 -10.37 0.58
N ASN A 16 -8.34 -11.38 -0.11
CA ASN A 16 -8.67 -12.78 0.18
C ASN A 16 -7.95 -13.26 1.43
N LYS A 17 -8.65 -14.01 2.26
CA LYS A 17 -8.08 -14.55 3.48
C LYS A 17 -6.75 -15.24 3.21
N GLY A 18 -6.61 -15.79 2.00
CA GLY A 18 -5.39 -16.47 1.63
C GLY A 18 -4.61 -15.74 0.56
N SER A 19 -5.22 -15.58 -0.61
CA SER A 19 -4.58 -14.89 -1.72
C SER A 19 -4.25 -13.45 -1.35
N GLU A 20 -3.20 -12.91 -1.97
CA GLU A 20 -2.78 -11.54 -1.71
C GLU A 20 -2.08 -10.94 -2.91
N VAL A 21 -1.66 -9.69 -2.79
CA VAL A 21 -0.97 -8.99 -3.89
C VAL A 21 0.17 -8.14 -3.36
N PHE A 22 1.21 -7.98 -4.16
CA PHE A 22 2.37 -7.18 -3.78
C PHE A 22 2.83 -6.29 -4.93
N TYR A 23 3.11 -5.03 -4.63
CA TYR A 23 3.55 -4.09 -5.65
C TYR A 23 4.74 -3.27 -5.15
N THR A 24 5.41 -2.59 -6.07
CA THR A 24 6.57 -1.77 -5.72
C THR A 24 6.69 -0.56 -6.64
N PHE A 25 7.08 0.57 -6.08
CA PHE A 25 7.23 1.80 -6.85
C PHE A 25 8.13 2.79 -6.13
N THR A 26 8.62 3.78 -6.88
CA THR A 26 9.50 4.79 -6.31
C THR A 26 9.05 6.20 -6.69
N VAL A 27 9.66 7.21 -6.08
CA VAL A 27 9.32 8.59 -6.37
C VAL A 27 10.41 9.27 -7.19
N ASP A 28 10.10 10.47 -7.68
CA ASP A 28 11.06 11.22 -8.48
C ASP A 28 11.60 12.42 -7.71
N ARG A 29 10.70 13.17 -7.08
CA ARG A 29 11.08 14.34 -6.30
C ARG A 29 10.47 14.30 -4.91
N ASN A 30 11.09 14.99 -3.97
CA ASN A 30 10.60 15.03 -2.59
C ASN A 30 9.43 15.98 -2.47
N ALA A 31 8.26 15.44 -2.13
CA ALA A 31 7.05 16.24 -1.98
C ALA A 31 6.20 15.73 -0.82
N THR A 32 5.53 16.66 -0.14
CA THR A 32 4.68 16.30 1.00
C THR A 32 3.21 16.24 0.58
N ALA A 33 2.67 15.03 0.50
CA ALA A 33 1.28 14.85 0.11
C ALA A 33 0.61 13.79 0.99
N VAL A 34 -0.69 13.96 1.22
CA VAL A 34 -1.45 13.02 2.03
C VAL A 34 -2.35 12.13 1.17
N VAL A 35 -2.01 10.85 1.11
CA VAL A 35 -2.77 9.89 0.32
C VAL A 35 -3.19 8.69 1.17
N SER A 36 -4.41 8.22 0.96
CA SER A 36 -4.92 7.07 1.71
C SER A 36 -5.73 6.15 0.80
N ILE A 37 -6.05 4.97 1.30
CA ILE A 37 -6.82 3.99 0.53
C ILE A 37 -8.22 3.82 1.10
N SER A 38 -9.13 3.32 0.28
CA SER A 38 -10.51 3.11 0.69
C SER A 38 -11.39 2.73 -0.49
N GLY A 39 -12.60 2.27 -0.20
CA GLY A 39 -13.51 1.86 -1.25
C GLY A 39 -14.61 0.93 -0.76
N GLY A 40 -14.27 0.12 0.24
CA GLY A 40 -15.24 -0.82 0.79
C GLY A 40 -14.99 -1.11 2.26
N SER A 41 -14.71 -2.36 2.57
CA SER A 41 -14.46 -2.78 3.95
C SER A 41 -12.99 -3.10 4.16
N GLY A 42 -12.56 -3.10 5.42
CA GLY A 42 -11.18 -3.41 5.73
C GLY A 42 -10.83 -4.85 5.46
N ASP A 43 -10.19 -5.10 4.33
CA ASP A 43 -9.80 -6.45 3.95
C ASP A 43 -8.36 -6.48 3.46
N ALA A 44 -7.96 -5.45 2.71
CA ALA A 44 -6.60 -5.36 2.19
C ALA A 44 -5.70 -4.62 3.15
N ASP A 45 -4.60 -5.27 3.54
CA ASP A 45 -3.64 -4.67 4.46
C ASP A 45 -2.71 -3.71 3.74
N LEU A 46 -2.29 -2.66 4.43
CA LEU A 46 -1.39 -1.67 3.84
C LEU A 46 -0.03 -1.70 4.53
N TYR A 47 1.02 -1.82 3.73
CA TYR A 47 2.38 -1.85 4.26
C TYR A 47 3.33 -1.04 3.39
N LEU A 48 4.35 -0.46 4.02
CA LEU A 48 5.32 0.35 3.30
C LEU A 48 6.66 0.37 4.04
N LYS A 49 7.74 0.15 3.30
CA LYS A 49 9.07 0.15 3.87
C LYS A 49 10.10 0.73 2.90
N ALA A 50 10.91 1.65 3.39
CA ALA A 50 11.93 2.28 2.56
C ALA A 50 12.99 1.27 2.13
N GLY A 51 13.76 0.77 3.09
CA GLY A 51 14.80 -0.20 2.78
C GLY A 51 14.31 -1.28 1.84
N SER A 52 13.80 -2.37 2.41
CA SER A 52 13.31 -3.49 1.61
C SER A 52 11.80 -3.60 1.71
N LYS A 53 11.25 -4.72 1.22
CA LYS A 53 9.81 -4.95 1.26
C LYS A 53 9.34 -5.20 2.70
N PRO A 54 8.25 -4.52 3.09
CA PRO A 54 7.68 -4.65 4.43
C PRO A 54 7.03 -6.01 4.65
N THR A 55 7.21 -6.56 5.85
CA THR A 55 6.64 -7.86 6.18
C THR A 55 5.35 -7.71 6.98
N THR A 56 4.73 -8.83 7.32
CA THR A 56 3.50 -8.83 8.08
C THR A 56 3.71 -8.28 9.49
N SER A 57 4.97 -8.18 9.89
CA SER A 57 5.31 -7.68 11.22
C SER A 57 6.26 -6.49 11.12
N SER A 58 7.02 -6.42 10.03
CA SER A 58 7.96 -5.33 9.81
C SER A 58 7.41 -4.31 8.82
N TRP A 59 7.34 -3.05 9.24
CA TRP A 59 6.84 -1.99 8.39
C TRP A 59 7.43 -0.64 8.79
N ASP A 60 7.49 0.27 7.83
CA ASP A 60 8.04 1.61 8.08
C ASP A 60 6.93 2.63 8.24
N CYS A 61 5.82 2.41 7.55
CA CYS A 61 4.67 3.31 7.62
C CYS A 61 3.37 2.54 7.63
N ARG A 62 2.56 2.76 8.67
CA ARG A 62 1.29 2.07 8.80
C ARG A 62 0.53 2.57 10.02
N PRO A 63 -0.78 2.85 9.85
CA PRO A 63 -1.64 3.34 10.93
C PRO A 63 -1.91 2.27 11.98
N TYR A 64 -1.51 1.04 11.69
CA TYR A 64 -1.70 -0.07 12.61
C TYR A 64 -3.20 -0.34 12.82
N ARG A 65 -3.71 -1.35 12.13
CA ARG A 65 -5.11 -1.71 12.25
C ARG A 65 -5.43 -2.92 11.38
N TYR A 66 -4.73 -3.04 10.25
CA TYR A 66 -4.94 -4.15 9.33
C TYR A 66 -6.26 -3.99 8.58
N GLY A 67 -6.18 -4.02 7.25
CA GLY A 67 -7.38 -3.87 6.43
C GLY A 67 -7.42 -2.54 5.71
N ASN A 68 -8.19 -2.49 4.63
CA ASN A 68 -8.32 -1.26 3.85
C ASN A 68 -8.74 -0.08 4.73
N ASN A 69 -8.82 1.09 4.13
CA ASN A 69 -9.20 2.29 4.87
C ASN A 69 -8.20 2.60 5.98
N GLU A 70 -6.95 2.18 5.77
CA GLU A 70 -5.90 2.41 6.76
C GLU A 70 -4.56 2.67 6.07
N SER A 71 -4.29 3.94 5.79
CA SER A 71 -3.05 4.32 5.13
C SER A 71 -2.35 5.44 5.90
N CYS A 72 -1.13 5.77 5.47
CA CYS A 72 -0.35 6.82 6.13
C CYS A 72 -0.06 7.96 5.15
N SER A 73 0.31 9.12 5.69
CA SER A 73 0.61 10.28 4.87
C SER A 73 1.97 10.87 5.25
N VAL A 74 2.94 10.72 4.36
CA VAL A 74 4.28 11.23 4.60
C VAL A 74 4.97 11.60 3.29
N SER A 75 5.90 12.55 3.36
CA SER A 75 6.62 13.00 2.18
C SER A 75 7.76 12.02 1.84
N ALA A 76 7.64 11.36 0.70
CA ALA A 76 8.65 10.40 0.26
C ALA A 76 9.81 11.11 -0.43
N ALA A 77 11.03 10.79 -0.02
CA ALA A 77 12.22 11.39 -0.60
C ALA A 77 12.78 10.52 -1.71
N PRO A 78 13.18 11.18 -2.83
CA PRO A 78 13.74 10.49 -3.98
C PRO A 78 15.13 9.93 -3.71
N GLY A 79 15.29 8.62 -3.94
CA GLY A 79 16.58 7.98 -3.71
C GLY A 79 16.44 6.59 -3.13
N THR A 80 15.27 6.30 -2.55
CA THR A 80 15.01 5.00 -1.95
C THR A 80 13.75 4.37 -2.54
N THR A 81 13.86 3.10 -2.92
CA THR A 81 12.74 2.38 -3.50
C THR A 81 11.70 2.04 -2.43
N TYR A 82 10.43 2.21 -2.77
CA TYR A 82 9.34 1.93 -1.85
C TYR A 82 8.59 0.67 -2.26
N HIS A 83 8.37 -0.23 -1.30
CA HIS A 83 7.68 -1.48 -1.55
C HIS A 83 6.27 -1.45 -0.96
N VAL A 84 5.40 -2.31 -1.46
CA VAL A 84 4.03 -2.37 -0.97
C VAL A 84 3.55 -3.82 -0.84
N MET A 85 2.85 -4.11 0.24
CA MET A 85 2.35 -5.46 0.50
C MET A 85 0.86 -5.43 0.82
N ILE A 86 0.08 -6.14 0.02
CA ILE A 86 -1.37 -6.20 0.22
C ILE A 86 -1.80 -7.58 0.72
N LYS A 87 -2.31 -7.62 1.94
CA LYS A 87 -2.75 -8.88 2.53
C LYS A 87 -4.28 -8.91 2.64
N GLY A 88 -4.86 -10.07 2.36
CA GLY A 88 -6.31 -10.21 2.44
C GLY A 88 -6.75 -11.00 3.65
N TYR A 89 -7.93 -10.69 4.16
CA TYR A 89 -8.47 -11.38 5.33
C TYR A 89 -9.76 -12.11 4.98
N SER A 90 -10.36 -11.75 3.85
CA SER A 90 -11.61 -12.37 3.42
C SER A 90 -12.05 -11.79 2.07
N ASN A 91 -12.34 -12.68 1.13
CA ASN A 91 -12.78 -12.27 -0.20
C ASN A 91 -13.52 -10.94 -0.14
N TYR A 92 -12.89 -9.89 -0.66
CA TYR A 92 -13.48 -8.55 -0.65
C TYR A 92 -12.72 -7.62 -1.58
N SER A 93 -13.37 -7.20 -2.66
CA SER A 93 -12.74 -6.31 -3.63
C SER A 93 -13.55 -5.02 -3.78
N GLY A 94 -12.95 -4.01 -4.40
CA GLY A 94 -13.62 -2.75 -4.60
C GLY A 94 -12.95 -1.62 -3.85
N VAL A 95 -11.66 -1.79 -3.55
CA VAL A 95 -10.91 -0.77 -2.82
C VAL A 95 -9.82 -0.16 -3.71
N THR A 96 -9.51 1.11 -3.47
CA THR A 96 -8.50 1.81 -4.25
C THR A 96 -7.24 2.02 -3.43
N LEU A 97 -6.10 1.58 -3.98
CA LEU A 97 -4.83 1.72 -3.29
C LEU A 97 -3.96 2.78 -3.98
N LYS A 98 -3.35 3.64 -3.18
CA LYS A 98 -2.49 4.69 -3.70
C LYS A 98 -1.31 4.96 -2.77
N LEU A 99 -0.21 5.48 -3.33
CA LEU A 99 0.98 5.77 -2.54
C LEU A 99 0.92 7.19 -1.98
N GLN A 100 1.45 7.35 -0.77
CA GLN A 100 1.46 8.66 -0.12
C GLN A 100 2.77 9.40 -0.39
N TYR A 101 2.67 10.49 -1.14
CA TYR A 101 3.86 11.29 -1.47
C TYR A 101 3.69 12.73 -1.01
N GLY A 1 1.40 -10.40 -10.67
CA GLY A 1 1.24 -9.63 -11.89
C GLY A 1 2.31 -8.56 -12.04
N ASN A 2 1.90 -7.30 -11.99
CA ASN A 2 2.83 -6.18 -12.13
C ASN A 2 2.96 -5.42 -10.82
N VAL A 3 3.76 -4.36 -10.83
CA VAL A 3 3.97 -3.53 -9.64
C VAL A 3 3.50 -2.11 -9.87
N LEU A 4 2.38 -1.75 -9.25
CA LEU A 4 1.82 -0.41 -9.39
C LEU A 4 1.44 0.16 -8.02
N LYS A 5 1.53 1.48 -7.90
CA LYS A 5 1.19 2.15 -6.65
C LYS A 5 1.26 3.67 -6.81
N ASN A 6 2.48 4.20 -6.86
CA ASN A 6 2.68 5.63 -7.02
C ASN A 6 2.28 6.09 -8.42
N ASN A 7 1.89 7.36 -8.53
CA ASN A 7 1.48 7.92 -9.81
C ASN A 7 0.06 7.49 -10.17
N THR A 8 -0.15 6.18 -10.26
CA THR A 8 -1.46 5.63 -10.60
C THR A 8 -1.95 4.68 -9.51
N PRO A 9 -3.10 5.01 -8.90
CA PRO A 9 -3.70 4.20 -7.84
C PRO A 9 -4.25 2.88 -8.37
N VAL A 10 -4.02 1.81 -7.62
CA VAL A 10 -4.49 0.49 -8.02
C VAL A 10 -5.98 0.33 -7.73
N SER A 11 -6.77 0.18 -8.79
CA SER A 11 -8.22 0.03 -8.66
C SER A 11 -8.59 -1.44 -8.46
N ASN A 12 -9.81 -1.67 -7.98
CA ASN A 12 -10.29 -3.03 -7.75
C ASN A 12 -9.19 -3.90 -7.15
N LEU A 13 -8.76 -3.55 -5.95
CA LEU A 13 -7.71 -4.30 -5.27
C LEU A 13 -8.17 -5.73 -4.95
N THR A 14 -7.44 -6.39 -4.06
CA THR A 14 -7.78 -7.76 -3.69
C THR A 14 -7.40 -8.02 -2.23
N GLY A 15 -8.30 -8.69 -1.50
CA GLY A 15 -8.04 -9.00 -0.10
C GLY A 15 -8.56 -10.37 0.29
N ASN A 16 -7.96 -11.41 -0.26
CA ASN A 16 -8.36 -12.77 0.04
C ASN A 16 -7.87 -13.20 1.42
N LYS A 17 -8.74 -13.85 2.19
CA LYS A 17 -8.38 -14.31 3.52
C LYS A 17 -7.11 -15.14 3.50
N GLY A 18 -6.87 -15.83 2.38
CA GLY A 18 -5.69 -16.64 2.24
C GLY A 18 -4.68 -16.05 1.28
N SER A 19 -5.15 -15.61 0.12
CA SER A 19 -4.29 -15.02 -0.89
C SER A 19 -3.94 -13.57 -0.54
N GLU A 20 -2.87 -13.07 -1.14
CA GLU A 20 -2.43 -11.70 -0.89
C GLU A 20 -1.87 -11.06 -2.16
N VAL A 21 -1.66 -9.74 -2.11
CA VAL A 21 -1.13 -9.02 -3.25
C VAL A 21 0.04 -8.13 -2.84
N PHE A 22 0.95 -7.90 -3.78
CA PHE A 22 2.13 -7.07 -3.52
C PHE A 22 2.42 -6.17 -4.71
N TYR A 23 3.02 -5.01 -4.44
CA TYR A 23 3.36 -4.06 -5.48
C TYR A 23 4.61 -3.27 -5.12
N THR A 24 5.18 -2.57 -6.10
CA THR A 24 6.38 -1.77 -5.88
C THR A 24 6.39 -0.55 -6.79
N PHE A 25 6.85 0.58 -6.25
CA PHE A 25 6.92 1.82 -7.00
C PHE A 25 7.88 2.81 -6.35
N THR A 26 8.30 3.80 -7.12
CA THR A 26 9.23 4.81 -6.62
C THR A 26 8.73 6.22 -6.94
N VAL A 27 9.39 7.23 -6.36
CA VAL A 27 9.01 8.61 -6.58
C VAL A 27 10.04 9.32 -7.45
N ASP A 28 9.70 10.53 -7.89
CA ASP A 28 10.59 11.33 -8.73
C ASP A 28 11.30 12.40 -7.91
N ARG A 29 10.53 13.16 -7.15
CA ARG A 29 11.08 14.23 -6.33
C ARG A 29 10.49 14.19 -4.92
N ASN A 30 11.11 14.94 -4.00
CA ASN A 30 10.64 14.98 -2.63
C ASN A 30 9.45 15.94 -2.49
N ALA A 31 8.30 15.39 -2.13
CA ALA A 31 7.09 16.19 -1.96
C ALA A 31 6.25 15.68 -0.80
N THR A 32 5.66 16.59 -0.05
CA THR A 32 4.83 16.23 1.09
C THR A 32 3.35 16.16 0.69
N ALA A 33 2.83 14.94 0.60
CA ALA A 33 1.43 14.73 0.23
C ALA A 33 0.80 13.64 1.09
N VAL A 34 -0.50 13.76 1.33
CA VAL A 34 -1.23 12.78 2.12
C VAL A 34 -2.10 11.89 1.25
N VAL A 35 -1.74 10.61 1.16
CA VAL A 35 -2.49 9.66 0.36
C VAL A 35 -2.96 8.47 1.20
N SER A 36 -4.18 8.03 0.95
CA SER A 36 -4.75 6.90 1.68
C SER A 36 -5.54 5.98 0.75
N ILE A 37 -5.84 4.78 1.24
CA ILE A 37 -6.59 3.80 0.45
C ILE A 37 -7.98 3.58 1.02
N SER A 38 -8.90 3.16 0.17
CA SER A 38 -10.27 2.91 0.60
C SER A 38 -11.05 2.16 -0.48
N GLY A 39 -12.06 1.40 -0.05
CA GLY A 39 -12.86 0.64 -0.99
C GLY A 39 -14.24 0.33 -0.45
N GLY A 40 -14.85 -0.75 -0.95
CA GLY A 40 -16.18 -1.13 -0.50
C GLY A 40 -16.21 -2.54 0.08
N SER A 41 -15.72 -3.50 -0.70
CA SER A 41 -15.71 -4.89 -0.27
C SER A 41 -14.31 -5.31 0.15
N GLY A 42 -14.22 -6.32 1.02
CA GLY A 42 -12.94 -6.81 1.49
C GLY A 42 -12.13 -5.72 2.17
N ASP A 43 -11.00 -6.11 2.75
CA ASP A 43 -10.12 -5.15 3.45
C ASP A 43 -8.66 -5.46 3.14
N ALA A 44 -8.02 -4.56 2.39
CA ALA A 44 -6.62 -4.73 2.04
C ALA A 44 -5.71 -4.08 3.07
N ASP A 45 -4.71 -4.83 3.52
CA ASP A 45 -3.76 -4.33 4.51
C ASP A 45 -2.69 -3.46 3.86
N LEU A 46 -2.43 -2.30 4.46
CA LEU A 46 -1.43 -1.38 3.94
C LEU A 46 -0.08 -1.63 4.59
N TYR A 47 0.98 -1.58 3.77
CA TYR A 47 2.33 -1.79 4.27
C TYR A 47 3.36 -1.06 3.41
N LEU A 48 4.39 -0.52 4.04
CA LEU A 48 5.44 0.20 3.33
C LEU A 48 6.77 0.08 4.06
N LYS A 49 7.85 0.06 3.29
CA LYS A 49 9.19 -0.05 3.87
C LYS A 49 10.24 0.52 2.91
N ALA A 50 10.84 1.63 3.30
CA ALA A 50 11.86 2.27 2.48
C ALA A 50 13.04 1.33 2.22
N GLY A 51 13.29 1.03 0.95
CA GLY A 51 14.38 0.15 0.60
C GLY A 51 13.90 -1.25 0.24
N SER A 52 13.64 -2.06 1.26
CA SER A 52 13.18 -3.43 1.04
C SER A 52 11.66 -3.52 1.20
N LYS A 53 11.15 -4.74 1.14
CA LYS A 53 9.72 -4.98 1.27
C LYS A 53 9.35 -5.28 2.73
N PRO A 54 8.29 -4.63 3.22
CA PRO A 54 7.80 -4.82 4.59
C PRO A 54 7.19 -6.20 4.81
N THR A 55 7.43 -6.78 5.98
CA THR A 55 6.90 -8.10 6.30
C THR A 55 5.70 -7.98 7.23
N THR A 56 5.12 -9.13 7.58
CA THR A 56 3.96 -9.16 8.47
C THR A 56 4.32 -8.67 9.87
N SER A 57 5.62 -8.58 10.13
CA SER A 57 6.10 -8.13 11.44
C SER A 57 6.96 -6.88 11.29
N SER A 58 7.59 -6.73 10.13
CA SER A 58 8.44 -5.58 9.86
C SER A 58 7.73 -4.57 8.97
N TRP A 59 7.69 -3.32 9.43
CA TRP A 59 7.04 -2.26 8.68
C TRP A 59 7.68 -0.90 8.99
N ASP A 60 7.58 0.02 8.04
CA ASP A 60 8.15 1.35 8.21
C ASP A 60 7.05 2.41 8.30
N CYS A 61 5.94 2.16 7.62
CA CYS A 61 4.81 3.09 7.62
C CYS A 61 3.49 2.33 7.63
N ARG A 62 2.66 2.62 8.64
CA ARG A 62 1.37 1.96 8.77
C ARG A 62 0.66 2.40 10.05
N PRO A 63 -0.63 2.72 9.93
CA PRO A 63 -1.45 3.15 11.08
C PRO A 63 -1.72 2.03 12.06
N TYR A 64 -0.85 1.02 12.06
CA TYR A 64 -0.99 -0.12 12.95
C TYR A 64 -2.40 -0.71 12.86
N ARG A 65 -2.68 -1.38 11.76
CA ARG A 65 -4.00 -1.99 11.55
C ARG A 65 -4.06 -2.70 10.20
N TYR A 66 -5.26 -3.14 9.83
CA TYR A 66 -5.46 -3.83 8.56
C TYR A 66 -6.64 -3.24 7.79
N GLY A 67 -6.96 -3.84 6.65
CA GLY A 67 -8.07 -3.36 5.85
C GLY A 67 -7.84 -1.96 5.33
N ASN A 68 -8.56 -1.59 4.28
CA ASN A 68 -8.43 -0.25 3.69
C ASN A 68 -8.70 0.83 4.74
N ASN A 69 -8.68 2.08 4.30
CA ASN A 69 -8.92 3.21 5.20
C ASN A 69 -7.80 3.33 6.21
N GLU A 70 -6.72 2.58 6.01
CA GLU A 70 -5.58 2.62 6.92
C GLU A 70 -4.29 2.89 6.16
N SER A 71 -3.94 4.18 6.05
CA SER A 71 -2.73 4.58 5.35
C SER A 71 -1.95 5.60 6.16
N CYS A 72 -0.74 5.91 5.70
CA CYS A 72 0.12 6.88 6.38
C CYS A 72 0.43 8.07 5.48
N SER A 73 0.80 9.19 6.09
CA SER A 73 1.12 10.40 5.35
C SER A 73 2.47 10.96 5.77
N VAL A 74 3.46 10.84 4.89
CA VAL A 74 4.80 11.34 5.16
C VAL A 74 5.50 11.78 3.88
N SER A 75 6.44 12.72 4.02
CA SER A 75 7.18 13.23 2.88
C SER A 75 8.22 12.21 2.41
N ALA A 76 7.91 11.54 1.29
CA ALA A 76 8.81 10.55 0.73
C ALA A 76 9.91 11.20 -0.11
N ALA A 77 11.15 10.80 0.14
CA ALA A 77 12.29 11.34 -0.59
C ALA A 77 12.67 10.45 -1.76
N PRO A 78 13.06 11.07 -2.89
CA PRO A 78 13.47 10.34 -4.09
C PRO A 78 14.79 9.62 -3.93
N GLY A 79 15.05 8.65 -4.81
CA GLY A 79 16.29 7.90 -4.73
C GLY A 79 16.13 6.60 -3.97
N THR A 80 15.10 6.53 -3.12
CA THR A 80 14.83 5.34 -2.34
C THR A 80 13.62 4.58 -2.86
N THR A 81 13.82 3.30 -3.19
CA THR A 81 12.75 2.48 -3.72
C THR A 81 11.74 2.14 -2.63
N TYR A 82 10.46 2.24 -2.95
CA TYR A 82 9.40 1.95 -2.00
C TYR A 82 8.68 0.65 -2.37
N HIS A 83 8.46 -0.20 -1.38
CA HIS A 83 7.78 -1.47 -1.59
C HIS A 83 6.39 -1.46 -0.97
N VAL A 84 5.46 -2.18 -1.59
CA VAL A 84 4.09 -2.24 -1.10
C VAL A 84 3.67 -3.69 -0.85
N MET A 85 2.97 -3.92 0.26
CA MET A 85 2.50 -5.25 0.61
C MET A 85 1.02 -5.24 0.99
N ILE A 86 0.23 -6.03 0.28
CA ILE A 86 -1.21 -6.11 0.54
C ILE A 86 -1.60 -7.49 1.03
N LYS A 87 -1.99 -7.57 2.31
CA LYS A 87 -2.40 -8.83 2.90
C LYS A 87 -3.85 -9.16 2.54
N GLY A 88 -4.78 -8.34 3.01
CA GLY A 88 -6.18 -8.56 2.73
C GLY A 88 -6.98 -8.90 3.97
N TYR A 89 -7.99 -9.73 3.81
CA TYR A 89 -8.85 -10.13 4.93
C TYR A 89 -9.87 -11.18 4.50
N SER A 90 -10.68 -10.82 3.50
CA SER A 90 -11.70 -11.72 2.98
C SER A 90 -11.87 -11.55 1.48
N ASN A 91 -11.81 -12.67 0.75
CA ASN A 91 -11.95 -12.65 -0.70
C ASN A 91 -12.93 -11.56 -1.13
N TYR A 92 -12.41 -10.46 -1.66
CA TYR A 92 -13.23 -9.36 -2.11
C TYR A 92 -12.37 -8.25 -2.72
N SER A 93 -12.86 -7.66 -3.81
CA SER A 93 -12.13 -6.60 -4.50
C SER A 93 -12.99 -5.33 -4.58
N GLY A 94 -12.33 -4.19 -4.74
CA GLY A 94 -13.04 -2.93 -4.84
C GLY A 94 -12.41 -1.84 -4.00
N VAL A 95 -11.11 -1.97 -3.75
CA VAL A 95 -10.38 -0.98 -2.96
C VAL A 95 -9.35 -0.25 -3.82
N THR A 96 -9.12 1.02 -3.49
CA THR A 96 -8.16 1.83 -4.23
C THR A 96 -6.89 2.06 -3.41
N LEU A 97 -5.79 1.48 -3.89
CA LEU A 97 -4.50 1.61 -3.20
C LEU A 97 -3.61 2.62 -3.91
N LYS A 98 -2.86 3.40 -3.13
CA LYS A 98 -1.96 4.40 -3.69
C LYS A 98 -0.80 4.67 -2.73
N LEU A 99 0.26 5.27 -3.26
CA LEU A 99 1.44 5.59 -2.46
C LEU A 99 1.33 6.99 -1.88
N GLN A 100 1.83 7.16 -0.66
CA GLN A 100 1.78 8.46 0.02
C GLN A 100 3.10 9.21 -0.19
N TYR A 101 3.05 10.29 -0.96
CA TYR A 101 4.22 11.09 -1.23
C TYR A 101 4.08 12.49 -0.62
N GLY A 1 3.34 -10.85 -13.13
CA GLY A 1 2.85 -9.50 -12.90
C GLY A 1 3.97 -8.49 -12.80
N ASN A 2 3.61 -7.22 -12.65
CA ASN A 2 4.60 -6.16 -12.55
C ASN A 2 4.44 -5.39 -11.23
N VAL A 3 5.21 -4.32 -11.08
CA VAL A 3 5.17 -3.51 -9.87
C VAL A 3 4.65 -2.11 -10.17
N LEU A 4 3.44 -1.81 -9.72
CA LEU A 4 2.82 -0.51 -9.94
C LEU A 4 2.21 0.03 -8.65
N LYS A 5 2.22 1.35 -8.51
CA LYS A 5 1.66 1.99 -7.33
C LYS A 5 1.47 3.49 -7.56
N ASN A 6 2.57 4.24 -7.55
CA ASN A 6 2.52 5.68 -7.76
C ASN A 6 2.02 6.00 -9.16
N ASN A 7 1.45 7.19 -9.32
CA ASN A 7 0.93 7.63 -10.60
C ASN A 7 -0.52 7.19 -10.78
N THR A 8 -0.74 5.88 -10.77
CA THR A 8 -2.09 5.33 -10.93
C THR A 8 -2.40 4.31 -9.83
N PRO A 9 -3.45 4.59 -9.06
CA PRO A 9 -3.87 3.70 -7.95
C PRO A 9 -4.46 2.39 -8.47
N VAL A 10 -4.37 1.34 -7.66
CA VAL A 10 -4.90 0.04 -8.02
C VAL A 10 -6.38 -0.07 -7.69
N SER A 11 -7.22 -0.18 -8.71
CA SER A 11 -8.66 -0.30 -8.53
C SER A 11 -9.08 -1.76 -8.36
N ASN A 12 -10.31 -1.96 -7.92
CA ASN A 12 -10.83 -3.31 -7.71
C ASN A 12 -9.78 -4.21 -7.08
N LEU A 13 -9.22 -3.76 -5.96
CA LEU A 13 -8.20 -4.53 -5.26
C LEU A 13 -8.69 -5.93 -4.93
N THR A 14 -7.83 -6.73 -4.32
CA THR A 14 -8.18 -8.10 -3.96
C THR A 14 -7.72 -8.42 -2.54
N GLY A 15 -8.59 -9.10 -1.78
CA GLY A 15 -8.25 -9.47 -0.42
C GLY A 15 -8.61 -10.90 -0.09
N ASN A 16 -7.89 -11.84 -0.70
CA ASN A 16 -8.14 -13.26 -0.48
C ASN A 16 -7.58 -13.70 0.88
N LYS A 17 -8.34 -14.53 1.58
CA LYS A 17 -7.92 -15.03 2.88
C LYS A 17 -6.63 -15.81 2.77
N GLY A 18 -6.28 -16.22 1.55
CA GLY A 18 -5.06 -16.97 1.34
C GLY A 18 -4.11 -16.27 0.40
N SER A 19 -4.65 -15.69 -0.68
CA SER A 19 -3.84 -14.99 -1.66
C SER A 19 -3.70 -13.52 -1.30
N GLU A 20 -2.80 -12.83 -1.99
CA GLU A 20 -2.57 -11.41 -1.75
C GLU A 20 -1.94 -10.74 -2.97
N VAL A 21 -1.61 -9.46 -2.83
CA VAL A 21 -0.99 -8.71 -3.92
C VAL A 21 0.12 -7.80 -3.40
N PHE A 22 1.17 -7.64 -4.20
CA PHE A 22 2.30 -6.80 -3.81
C PHE A 22 2.78 -5.97 -5.00
N TYR A 23 3.31 -4.79 -4.72
CA TYR A 23 3.80 -3.90 -5.75
C TYR A 23 4.99 -3.07 -5.25
N THR A 24 5.70 -2.44 -6.18
CA THR A 24 6.85 -1.62 -5.83
C THR A 24 6.95 -0.39 -6.73
N PHE A 25 7.30 0.74 -6.13
CA PHE A 25 7.42 1.99 -6.88
C PHE A 25 8.30 2.99 -6.13
N THR A 26 8.81 3.98 -6.85
CA THR A 26 9.67 5.00 -6.26
C THR A 26 9.20 6.40 -6.63
N VAL A 27 9.80 7.40 -6.01
CA VAL A 27 9.44 8.79 -6.27
C VAL A 27 10.52 9.48 -7.09
N ASP A 28 10.22 10.69 -7.56
CA ASP A 28 11.18 11.47 -8.35
C ASP A 28 11.63 12.71 -7.61
N ARG A 29 10.68 13.37 -6.94
CA ARG A 29 10.98 14.58 -6.18
C ARG A 29 10.39 14.50 -4.77
N ASN A 30 10.95 15.29 -3.86
CA ASN A 30 10.48 15.31 -2.49
C ASN A 30 9.22 16.16 -2.34
N ALA A 31 8.11 15.53 -1.99
CA ALA A 31 6.85 16.22 -1.82
C ALA A 31 6.05 15.64 -0.66
N THR A 32 5.41 16.52 0.10
CA THR A 32 4.61 16.09 1.24
C THR A 32 3.13 15.97 0.87
N ALA A 33 2.66 14.73 0.74
CA ALA A 33 1.28 14.47 0.39
C ALA A 33 0.70 13.33 1.21
N VAL A 34 -0.59 13.40 1.49
CA VAL A 34 -1.27 12.36 2.27
C VAL A 34 -2.15 11.49 1.38
N VAL A 35 -1.75 10.23 1.21
CA VAL A 35 -2.50 9.29 0.39
C VAL A 35 -2.84 8.03 1.17
N SER A 36 -4.06 7.53 0.98
CA SER A 36 -4.51 6.31 1.66
C SER A 36 -5.37 5.46 0.74
N ILE A 37 -5.62 4.23 1.17
CA ILE A 37 -6.44 3.30 0.38
C ILE A 37 -7.80 3.08 1.03
N SER A 38 -8.83 2.93 0.21
CA SER A 38 -10.19 2.70 0.71
C SER A 38 -11.16 2.52 -0.45
N GLY A 39 -12.36 2.05 -0.13
CA GLY A 39 -13.37 1.83 -1.16
C GLY A 39 -14.47 0.89 -0.69
N GLY A 40 -14.16 0.07 0.30
CA GLY A 40 -15.14 -0.87 0.82
C GLY A 40 -15.02 -1.08 2.30
N SER A 41 -14.52 -2.25 2.71
CA SER A 41 -14.35 -2.57 4.12
C SER A 41 -12.89 -2.87 4.45
N GLY A 42 -12.46 -2.44 5.63
CA GLY A 42 -11.09 -2.68 6.04
C GLY A 42 -10.75 -4.16 6.12
N ASP A 43 -10.22 -4.70 5.03
CA ASP A 43 -9.86 -6.11 4.98
C ASP A 43 -8.42 -6.27 4.50
N ALA A 44 -8.01 -5.44 3.55
CA ALA A 44 -6.66 -5.49 3.00
C ALA A 44 -5.72 -4.56 3.76
N ASP A 45 -4.80 -5.14 4.52
CA ASP A 45 -3.84 -4.36 5.29
C ASP A 45 -2.81 -3.71 4.37
N LEU A 46 -2.22 -2.61 4.85
CA LEU A 46 -1.22 -1.89 4.07
C LEU A 46 0.06 -1.69 4.88
N TYR A 47 1.20 -1.87 4.24
CA TYR A 47 2.49 -1.70 4.92
C TYR A 47 3.54 -1.16 3.95
N LEU A 48 4.45 -0.34 4.47
CA LEU A 48 5.51 0.24 3.65
C LEU A 48 6.87 0.00 4.28
N LYS A 49 7.90 -0.04 3.44
CA LYS A 49 9.27 -0.26 3.91
C LYS A 49 10.28 0.36 2.96
N ALA A 50 11.02 1.35 3.44
CA ALA A 50 12.02 2.03 2.64
C ALA A 50 13.16 1.09 2.27
N GLY A 51 13.37 0.90 0.97
CA GLY A 51 14.42 0.01 0.51
C GLY A 51 13.89 -1.30 -0.02
N SER A 52 13.50 -2.19 0.90
CA SER A 52 12.98 -3.50 0.53
C SER A 52 11.47 -3.57 0.78
N LYS A 53 10.88 -4.72 0.49
CA LYS A 53 9.44 -4.92 0.68
C LYS A 53 9.15 -5.36 2.12
N PRO A 54 8.13 -4.73 2.73
CA PRO A 54 7.73 -5.05 4.10
C PRO A 54 7.07 -6.42 4.20
N THR A 55 7.32 -7.10 5.32
CA THR A 55 6.76 -8.43 5.54
C THR A 55 5.53 -8.36 6.45
N THR A 56 4.91 -9.51 6.70
CA THR A 56 3.73 -9.57 7.55
C THR A 56 4.08 -9.24 8.99
N SER A 57 5.37 -9.20 9.30
CA SER A 57 5.83 -8.90 10.65
C SER A 57 6.73 -7.66 10.65
N SER A 58 7.41 -7.43 9.53
CA SER A 58 8.31 -6.29 9.41
C SER A 58 7.67 -5.20 8.56
N TRP A 59 7.58 -4.00 9.12
CA TRP A 59 7.00 -2.87 8.41
C TRP A 59 7.57 -1.55 8.93
N ASP A 60 7.56 -0.53 8.07
CA ASP A 60 8.08 0.78 8.45
C ASP A 60 6.94 1.78 8.65
N CYS A 61 5.89 1.64 7.85
CA CYS A 61 4.75 2.53 7.94
C CYS A 61 3.45 1.73 8.07
N ARG A 62 2.69 2.01 9.13
CA ARG A 62 1.43 1.31 9.37
C ARG A 62 0.72 1.89 10.59
N PRO A 63 -0.50 2.41 10.36
CA PRO A 63 -1.32 3.00 11.43
C PRO A 63 -1.83 1.96 12.42
N TYR A 64 -1.44 0.71 12.21
CA TYR A 64 -1.85 -0.38 13.09
C TYR A 64 -3.30 -0.19 13.54
N ARG A 65 -4.24 -0.67 12.70
CA ARG A 65 -5.65 -0.55 13.01
C ARG A 65 -6.44 -1.70 12.38
N TYR A 66 -6.53 -1.67 11.05
CA TYR A 66 -7.27 -2.70 10.31
C TYR A 66 -6.78 -2.79 8.87
N GLY A 67 -7.47 -3.59 8.07
CA GLY A 67 -7.10 -3.74 6.67
C GLY A 67 -7.25 -2.45 5.88
N ASN A 68 -8.01 -2.50 4.80
CA ASN A 68 -8.24 -1.33 3.96
C ASN A 68 -8.65 -0.13 4.80
N ASN A 69 -8.57 1.05 4.20
CA ASN A 69 -8.93 2.29 4.90
C ASN A 69 -7.89 2.64 5.95
N GLU A 70 -6.72 2.04 5.85
CA GLU A 70 -5.64 2.29 6.79
C GLU A 70 -4.32 2.47 6.06
N SER A 71 -3.87 3.72 5.95
CA SER A 71 -2.61 4.03 5.26
C SER A 71 -1.79 5.01 6.08
N CYS A 72 -0.57 5.29 5.62
CA CYS A 72 0.33 6.21 6.30
C CYS A 72 0.60 7.44 5.43
N SER A 73 0.90 8.56 6.08
CA SER A 73 1.18 9.81 5.37
C SER A 73 2.50 10.41 5.84
N VAL A 74 3.49 10.39 4.94
CA VAL A 74 4.81 10.95 5.26
C VAL A 74 5.48 11.51 4.02
N SER A 75 6.36 12.49 4.22
CA SER A 75 7.06 13.12 3.12
C SER A 75 8.12 12.18 2.54
N ALA A 76 7.84 11.65 1.36
CA ALA A 76 8.76 10.73 0.70
C ALA A 76 9.86 11.50 -0.04
N ALA A 77 11.11 11.09 0.17
CA ALA A 77 12.24 11.74 -0.48
C ALA A 77 12.75 10.90 -1.64
N PRO A 78 13.17 11.58 -2.72
CA PRO A 78 13.69 10.92 -3.92
C PRO A 78 15.05 10.27 -3.68
N GLY A 79 15.14 8.98 -4.01
CA GLY A 79 16.40 8.27 -3.83
C GLY A 79 16.20 6.92 -3.15
N THR A 80 15.14 6.81 -2.36
CA THR A 80 14.84 5.56 -1.66
C THR A 80 13.65 4.85 -2.29
N THR A 81 13.86 3.59 -2.68
CA THR A 81 12.81 2.80 -3.29
C THR A 81 11.75 2.41 -2.27
N TYR A 82 10.48 2.50 -2.68
CA TYR A 82 9.37 2.15 -1.79
C TYR A 82 8.66 0.89 -2.27
N HIS A 83 8.08 0.15 -1.34
CA HIS A 83 7.37 -1.08 -1.67
C HIS A 83 6.01 -1.11 -0.98
N VAL A 84 5.02 -1.70 -1.67
CA VAL A 84 3.68 -1.80 -1.13
C VAL A 84 3.21 -3.24 -1.05
N MET A 85 2.64 -3.62 0.09
CA MET A 85 2.16 -4.98 0.30
C MET A 85 0.71 -4.98 0.75
N ILE A 86 -0.09 -5.83 0.12
CA ILE A 86 -1.51 -5.93 0.46
C ILE A 86 -1.87 -7.33 0.95
N LYS A 87 -2.63 -7.39 2.04
CA LYS A 87 -3.03 -8.66 2.61
C LYS A 87 -4.49 -8.61 3.09
N GLY A 88 -5.35 -9.37 2.43
CA GLY A 88 -6.75 -9.39 2.81
C GLY A 88 -7.08 -10.49 3.79
N TYR A 89 -8.21 -10.37 4.48
CA TYR A 89 -8.62 -11.36 5.46
C TYR A 89 -9.65 -12.31 4.86
N SER A 90 -10.43 -11.82 3.90
CA SER A 90 -11.45 -12.63 3.24
C SER A 90 -11.77 -12.07 1.86
N ASN A 91 -11.91 -12.98 0.89
CA ASN A 91 -12.21 -12.58 -0.48
C ASN A 91 -13.04 -11.30 -0.51
N TYR A 92 -12.42 -10.21 -0.95
CA TYR A 92 -13.09 -8.92 -1.02
C TYR A 92 -12.37 -7.98 -1.98
N SER A 93 -13.08 -7.56 -3.04
CA SER A 93 -12.50 -6.66 -4.03
C SER A 93 -13.34 -5.39 -4.16
N GLY A 94 -12.70 -4.32 -4.63
CA GLY A 94 -13.40 -3.06 -4.79
C GLY A 94 -12.77 -1.94 -3.99
N VAL A 95 -11.49 -2.09 -3.68
CA VAL A 95 -10.76 -1.08 -2.91
C VAL A 95 -9.69 -0.40 -3.77
N THR A 96 -9.45 0.87 -3.50
CA THR A 96 -8.45 1.63 -4.24
C THR A 96 -7.20 1.85 -3.40
N LEU A 97 -6.05 1.44 -3.94
CA LEU A 97 -4.78 1.59 -3.24
C LEU A 97 -3.85 2.53 -4.01
N LYS A 98 -3.09 3.34 -3.27
CA LYS A 98 -2.16 4.28 -3.87
C LYS A 98 -0.95 4.50 -2.97
N LEU A 99 0.08 5.16 -3.50
CA LEU A 99 1.29 5.43 -2.75
C LEU A 99 1.19 6.79 -2.04
N GLN A 100 1.74 6.86 -0.84
CA GLN A 100 1.72 8.09 -0.06
C GLN A 100 3.02 8.87 -0.24
N TYR A 101 2.91 10.02 -0.90
CA TYR A 101 4.08 10.86 -1.15
C TYR A 101 3.95 12.19 -0.43
N GLY A 1 2.57 -10.46 -14.24
CA GLY A 1 2.42 -9.45 -13.21
C GLY A 1 3.40 -8.31 -13.38
N ASN A 2 3.22 -7.25 -12.59
CA ASN A 2 4.10 -6.09 -12.65
C ASN A 2 4.07 -5.31 -11.34
N VAL A 3 4.78 -4.18 -11.31
CA VAL A 3 4.83 -3.35 -10.12
C VAL A 3 4.37 -1.93 -10.41
N LEU A 4 3.20 -1.57 -9.91
CA LEU A 4 2.64 -0.24 -10.12
C LEU A 4 2.14 0.36 -8.81
N LYS A 5 2.20 1.68 -8.71
CA LYS A 5 1.75 2.38 -7.51
C LYS A 5 1.35 3.81 -7.84
N ASN A 6 2.34 4.68 -8.01
CA ASN A 6 2.09 6.08 -8.33
C ASN A 6 1.45 6.22 -9.71
N ASN A 7 0.79 7.35 -9.94
CA ASN A 7 0.13 7.61 -11.21
C ASN A 7 -1.30 7.10 -11.21
N THR A 8 -1.45 5.78 -11.19
CA THR A 8 -2.77 5.16 -11.18
C THR A 8 -2.85 4.05 -10.15
N PRO A 9 -3.75 4.21 -9.16
CA PRO A 9 -3.94 3.24 -8.09
C PRO A 9 -4.59 1.95 -8.59
N VAL A 10 -4.36 0.86 -7.87
CA VAL A 10 -4.93 -0.43 -8.23
C VAL A 10 -6.42 -0.50 -7.90
N SER A 11 -7.25 -0.55 -8.94
CA SER A 11 -8.70 -0.62 -8.75
C SER A 11 -9.15 -2.04 -8.46
N ASN A 12 -10.36 -2.18 -7.94
CA ASN A 12 -10.91 -3.50 -7.62
C ASN A 12 -9.84 -4.40 -7.01
N LEU A 13 -9.25 -3.95 -5.91
CA LEU A 13 -8.21 -4.71 -5.23
C LEU A 13 -8.73 -6.08 -4.81
N THR A 14 -7.91 -6.81 -4.05
CA THR A 14 -8.29 -8.13 -3.58
C THR A 14 -7.72 -8.41 -2.20
N GLY A 15 -8.53 -9.03 -1.35
CA GLY A 15 -8.09 -9.34 0.00
C GLY A 15 -8.58 -10.70 0.47
N ASN A 16 -8.13 -11.76 -0.18
CA ASN A 16 -8.53 -13.11 0.19
C ASN A 16 -7.82 -13.57 1.46
N LYS A 17 -8.43 -14.52 2.17
CA LYS A 17 -7.86 -15.04 3.40
C LYS A 17 -6.42 -15.47 3.19
N GLY A 18 -6.11 -15.92 1.97
CA GLY A 18 -4.76 -16.35 1.66
C GLY A 18 -4.12 -15.53 0.56
N SER A 19 -4.79 -15.46 -0.58
CA SER A 19 -4.28 -14.70 -1.73
C SER A 19 -3.87 -13.30 -1.30
N GLU A 20 -2.72 -12.84 -1.80
CA GLU A 20 -2.22 -11.52 -1.47
C GLU A 20 -1.69 -10.81 -2.71
N VAL A 21 -1.39 -9.53 -2.57
CA VAL A 21 -0.88 -8.73 -3.69
C VAL A 21 0.21 -7.78 -3.22
N PHE A 22 1.24 -7.63 -4.04
CA PHE A 22 2.36 -6.74 -3.71
C PHE A 22 2.79 -5.93 -4.94
N TYR A 23 3.32 -4.74 -4.70
CA TYR A 23 3.77 -3.87 -5.79
C TYR A 23 4.98 -3.05 -5.36
N THR A 24 5.67 -2.47 -6.33
CA THR A 24 6.85 -1.66 -6.06
C THR A 24 6.88 -0.42 -6.95
N PHE A 25 7.27 0.70 -6.36
CA PHE A 25 7.35 1.96 -7.11
C PHE A 25 8.25 2.96 -6.39
N THR A 26 8.67 3.99 -7.11
CA THR A 26 9.55 5.02 -6.55
C THR A 26 9.02 6.41 -6.85
N VAL A 27 9.62 7.42 -6.23
CA VAL A 27 9.21 8.80 -6.42
C VAL A 27 10.24 9.56 -7.26
N ASP A 28 9.87 10.76 -7.68
CA ASP A 28 10.76 11.60 -8.48
C ASP A 28 11.35 12.73 -7.65
N ARG A 29 10.47 13.49 -6.99
CA ARG A 29 10.90 14.60 -6.16
C ARG A 29 10.28 14.52 -4.77
N ASN A 30 10.91 15.16 -3.80
CA ASN A 30 10.41 15.16 -2.42
C ASN A 30 9.18 16.05 -2.29
N ALA A 31 8.05 15.43 -1.96
CA ALA A 31 6.80 16.17 -1.79
C ALA A 31 5.99 15.61 -0.64
N THR A 32 5.29 16.50 0.07
CA THR A 32 4.47 16.09 1.21
C THR A 32 2.99 16.02 0.82
N ALA A 33 2.47 14.81 0.69
CA ALA A 33 1.08 14.61 0.33
C ALA A 33 0.45 13.51 1.17
N VAL A 34 -0.85 13.63 1.41
CA VAL A 34 -1.57 12.64 2.21
C VAL A 34 -2.47 11.78 1.32
N VAL A 35 -2.12 10.50 1.19
CA VAL A 35 -2.89 9.57 0.38
C VAL A 35 -3.28 8.33 1.17
N SER A 36 -4.50 7.86 0.96
CA SER A 36 -4.99 6.68 1.66
C SER A 36 -5.75 5.76 0.70
N ILE A 37 -6.01 4.54 1.16
CA ILE A 37 -6.72 3.56 0.35
C ILE A 37 -8.12 3.30 0.89
N SER A 38 -9.08 3.11 -0.01
CA SER A 38 -10.46 2.86 0.39
C SER A 38 -11.30 2.43 -0.82
N GLY A 39 -12.53 2.02 -0.55
CA GLY A 39 -13.42 1.59 -1.62
C GLY A 39 -14.52 0.68 -1.12
N GLY A 40 -14.32 0.08 0.04
CA GLY A 40 -15.31 -0.81 0.60
C GLY A 40 -15.18 -0.96 2.11
N SER A 41 -14.51 -2.02 2.53
CA SER A 41 -14.30 -2.29 3.95
C SER A 41 -12.83 -2.58 4.26
N GLY A 42 -12.40 -2.21 5.45
CA GLY A 42 -11.03 -2.44 5.84
C GLY A 42 -10.68 -3.91 5.93
N ASP A 43 -10.19 -4.47 4.83
CA ASP A 43 -9.83 -5.88 4.78
C ASP A 43 -8.40 -6.05 4.29
N ALA A 44 -7.99 -5.20 3.36
CA ALA A 44 -6.63 -5.25 2.81
C ALA A 44 -5.68 -4.36 3.60
N ASP A 45 -4.77 -5.00 4.35
CA ASP A 45 -3.80 -4.27 5.14
C ASP A 45 -2.82 -3.50 4.26
N LEU A 46 -2.37 -2.36 4.74
CA LEU A 46 -1.44 -1.53 3.98
C LEU A 46 -0.07 -1.51 4.65
N TYR A 47 0.97 -1.83 3.89
CA TYR A 47 2.33 -1.84 4.40
C TYR A 47 3.28 -1.09 3.49
N LEU A 48 4.36 -0.57 4.05
CA LEU A 48 5.35 0.17 3.28
C LEU A 48 6.73 0.09 3.94
N LYS A 49 7.75 -0.19 3.13
CA LYS A 49 9.12 -0.29 3.63
C LYS A 49 10.10 0.32 2.65
N ALA A 50 10.90 1.26 3.13
CA ALA A 50 11.90 1.93 2.29
C ALA A 50 13.00 0.95 1.87
N GLY A 51 13.24 0.85 0.57
CA GLY A 51 14.28 -0.04 0.07
C GLY A 51 13.71 -1.37 -0.39
N SER A 52 13.27 -2.19 0.56
CA SER A 52 12.72 -3.51 0.25
C SER A 52 11.23 -3.56 0.58
N LYS A 53 10.63 -4.73 0.42
CA LYS A 53 9.22 -4.91 0.71
C LYS A 53 8.99 -5.28 2.16
N PRO A 54 7.99 -4.65 2.79
CA PRO A 54 7.65 -4.90 4.20
C PRO A 54 7.06 -6.29 4.41
N THR A 55 7.38 -6.90 5.54
CA THR A 55 6.88 -8.23 5.88
C THR A 55 5.71 -8.14 6.86
N THR A 56 5.15 -9.30 7.20
CA THR A 56 4.03 -9.36 8.13
C THR A 56 4.45 -8.90 9.52
N SER A 57 5.76 -8.83 9.75
CA SER A 57 6.28 -8.39 11.04
C SER A 57 7.14 -7.14 10.89
N SER A 58 7.70 -6.96 9.70
CA SER A 58 8.55 -5.80 9.42
C SER A 58 7.79 -4.75 8.61
N TRP A 59 7.76 -3.52 9.11
CA TRP A 59 7.07 -2.44 8.42
C TRP A 59 7.74 -1.10 8.72
N ASP A 60 7.59 -0.14 7.81
CA ASP A 60 8.18 1.18 7.98
C ASP A 60 7.09 2.23 8.16
N CYS A 61 5.91 1.97 7.61
CA CYS A 61 4.79 2.89 7.72
C CYS A 61 3.46 2.14 7.80
N ARG A 62 2.70 2.42 8.85
CA ARG A 62 1.41 1.76 9.04
C ARG A 62 0.66 2.37 10.23
N PRO A 63 -0.58 2.83 9.97
CA PRO A 63 -1.42 3.44 11.00
C PRO A 63 -1.90 2.43 12.04
N TYR A 64 -1.61 1.15 11.80
CA TYR A 64 -2.00 0.09 12.70
C TYR A 64 -3.53 -0.07 12.72
N ARG A 65 -4.05 -0.78 11.71
CA ARG A 65 -5.49 -1.00 11.61
C ARG A 65 -5.78 -2.39 11.04
N TYR A 66 -7.05 -2.68 10.82
CA TYR A 66 -7.46 -3.97 10.29
C TYR A 66 -6.94 -4.15 8.86
N GLY A 67 -7.58 -3.47 7.91
CA GLY A 67 -7.16 -3.57 6.53
C GLY A 67 -7.33 -2.27 5.78
N ASN A 68 -8.05 -2.31 4.66
CA ASN A 68 -8.27 -1.12 3.85
C ASN A 68 -8.75 0.04 4.71
N ASN A 69 -8.77 1.23 4.12
CA ASN A 69 -9.20 2.43 4.84
C ASN A 69 -8.14 2.88 5.84
N GLU A 70 -6.99 2.23 5.81
CA GLU A 70 -5.89 2.57 6.70
C GLU A 70 -4.60 2.80 5.93
N SER A 71 -4.10 4.03 5.98
CA SER A 71 -2.87 4.40 5.27
C SER A 71 -2.02 5.34 6.11
N CYS A 72 -0.83 5.65 5.62
CA CYS A 72 0.09 6.54 6.33
C CYS A 72 0.38 7.79 5.50
N SER A 73 0.71 8.87 6.19
CA SER A 73 1.02 10.13 5.51
C SER A 73 2.36 10.68 5.96
N VAL A 74 3.34 10.64 5.06
CA VAL A 74 4.68 11.13 5.37
C VAL A 74 5.37 11.66 4.12
N SER A 75 6.28 12.61 4.30
CA SER A 75 7.01 13.20 3.19
C SER A 75 8.15 12.29 2.74
N ALA A 76 7.93 11.58 1.64
CA ALA A 76 8.93 10.67 1.10
C ALA A 76 9.96 11.42 0.26
N ALA A 77 11.21 11.00 0.35
CA ALA A 77 12.28 11.63 -0.42
C ALA A 77 12.74 10.75 -1.58
N PRO A 78 13.06 11.38 -2.71
CA PRO A 78 13.51 10.67 -3.91
C PRO A 78 14.90 10.05 -3.74
N GLY A 79 15.10 8.87 -4.32
CA GLY A 79 16.38 8.20 -4.22
C GLY A 79 16.25 6.79 -3.66
N THR A 80 15.17 6.55 -2.93
CA THR A 80 14.93 5.23 -2.34
C THR A 80 13.67 4.60 -2.90
N THR A 81 13.77 3.34 -3.31
CA THR A 81 12.64 2.61 -3.87
C THR A 81 11.65 2.22 -2.77
N TYR A 82 10.37 2.40 -3.06
CA TYR A 82 9.31 2.06 -2.10
C TYR A 82 8.58 0.79 -2.52
N HIS A 83 8.01 0.10 -1.55
CA HIS A 83 7.27 -1.13 -1.81
C HIS A 83 5.94 -1.14 -1.07
N VAL A 84 5.02 -1.99 -1.51
CA VAL A 84 3.70 -2.09 -0.90
C VAL A 84 3.28 -3.54 -0.73
N MET A 85 2.71 -3.87 0.42
CA MET A 85 2.27 -5.23 0.71
C MET A 85 0.78 -5.26 1.06
N ILE A 86 0.01 -6.03 0.30
CA ILE A 86 -1.42 -6.14 0.52
C ILE A 86 -1.77 -7.47 1.18
N LYS A 87 -2.22 -7.41 2.42
CA LYS A 87 -2.60 -8.62 3.16
C LYS A 87 -4.08 -8.59 3.52
N GLY A 88 -4.88 -9.37 2.80
CA GLY A 88 -6.30 -9.43 3.06
C GLY A 88 -6.64 -10.38 4.18
N TYR A 89 -7.83 -10.21 4.76
CA TYR A 89 -8.27 -11.07 5.85
C TYR A 89 -9.51 -11.88 5.45
N SER A 90 -10.18 -11.43 4.40
CA SER A 90 -11.37 -12.09 3.90
C SER A 90 -11.75 -11.58 2.51
N ASN A 91 -12.11 -12.51 1.64
CA ASN A 91 -12.49 -12.17 0.27
C ASN A 91 -13.21 -10.82 0.24
N TYR A 92 -12.54 -9.80 -0.30
CA TYR A 92 -13.12 -8.47 -0.39
C TYR A 92 -12.40 -7.63 -1.43
N SER A 93 -13.09 -7.31 -2.52
CA SER A 93 -12.50 -6.51 -3.58
C SER A 93 -13.28 -5.22 -3.78
N GLY A 94 -12.67 -4.26 -4.49
CA GLY A 94 -13.32 -2.98 -4.73
C GLY A 94 -12.66 -1.84 -3.98
N VAL A 95 -11.37 -2.00 -3.69
CA VAL A 95 -10.63 -0.97 -2.97
C VAL A 95 -9.55 -0.36 -3.86
N THR A 96 -9.27 0.92 -3.64
CA THR A 96 -8.26 1.63 -4.42
C THR A 96 -6.98 1.82 -3.62
N LEU A 97 -5.90 1.21 -4.10
CA LEU A 97 -4.60 1.32 -3.42
C LEU A 97 -3.73 2.37 -4.10
N LYS A 98 -3.31 3.37 -3.32
CA LYS A 98 -2.46 4.43 -3.83
C LYS A 98 -1.26 4.66 -2.91
N LEU A 99 -0.18 5.19 -3.47
CA LEU A 99 1.03 5.47 -2.71
C LEU A 99 0.93 6.82 -2.02
N GLN A 100 1.43 6.89 -0.78
CA GLN A 100 1.41 8.12 -0.01
C GLN A 100 2.76 8.83 -0.08
N TYR A 101 2.78 10.00 -0.70
CA TYR A 101 4.01 10.77 -0.84
C TYR A 101 3.91 12.08 -0.07
N GLY A 1 2.57 -10.69 -11.44
CA GLY A 1 2.24 -9.59 -12.33
C GLY A 1 3.33 -8.55 -12.39
N ASN A 2 2.94 -7.28 -12.41
CA ASN A 2 3.90 -6.18 -12.48
C ASN A 2 3.88 -5.37 -11.19
N VAL A 3 4.70 -4.33 -11.15
CA VAL A 3 4.78 -3.47 -9.98
C VAL A 3 4.37 -2.03 -10.32
N LEU A 4 3.20 -1.62 -9.84
CA LEU A 4 2.70 -0.28 -10.09
C LEU A 4 2.20 0.36 -8.80
N LYS A 5 2.30 1.69 -8.74
CA LYS A 5 1.85 2.43 -7.56
C LYS A 5 1.53 3.88 -7.92
N ASN A 6 2.57 4.67 -8.16
CA ASN A 6 2.40 6.07 -8.51
C ASN A 6 1.75 6.21 -9.89
N ASN A 7 1.14 7.36 -10.15
CA ASN A 7 0.49 7.62 -11.43
C ASN A 7 -0.96 7.16 -11.40
N THR A 8 -1.16 5.84 -11.36
CA THR A 8 -2.49 5.26 -11.33
C THR A 8 -2.61 4.18 -10.27
N PRO A 9 -3.49 4.42 -9.28
CA PRO A 9 -3.71 3.46 -8.19
C PRO A 9 -4.41 2.20 -8.65
N VAL A 10 -4.25 1.12 -7.88
CA VAL A 10 -4.86 -0.16 -8.22
C VAL A 10 -6.36 -0.15 -7.92
N SER A 11 -7.16 -0.24 -8.97
CA SER A 11 -8.61 -0.23 -8.81
C SER A 11 -9.13 -1.63 -8.45
N ASN A 12 -10.16 -1.66 -7.61
CA ASN A 12 -10.75 -2.93 -7.18
C ASN A 12 -9.66 -3.90 -6.73
N LEU A 13 -9.12 -3.65 -5.54
CA LEU A 13 -8.06 -4.51 -4.98
C LEU A 13 -8.60 -5.90 -4.69
N THR A 14 -7.83 -6.67 -3.93
CA THR A 14 -8.24 -8.04 -3.58
C THR A 14 -7.81 -8.37 -2.16
N GLY A 15 -8.67 -9.09 -1.45
CA GLY A 15 -8.37 -9.47 -0.08
C GLY A 15 -8.59 -10.95 0.17
N ASN A 16 -7.86 -11.79 -0.57
CA ASN A 16 -7.98 -13.24 -0.43
C ASN A 16 -7.22 -13.72 0.80
N LYS A 17 -7.82 -14.67 1.53
CA LYS A 17 -7.19 -15.22 2.72
C LYS A 17 -5.78 -15.70 2.42
N GLY A 18 -5.63 -16.46 1.35
CA GLY A 18 -4.33 -16.98 0.96
C GLY A 18 -3.66 -16.14 -0.11
N SER A 19 -4.42 -15.80 -1.14
CA SER A 19 -3.90 -15.01 -2.25
C SER A 19 -3.66 -13.56 -1.81
N GLU A 20 -2.45 -13.06 -2.06
CA GLU A 20 -2.11 -11.70 -1.70
C GLU A 20 -1.53 -10.94 -2.89
N VAL A 21 -1.54 -9.61 -2.81
CA VAL A 21 -1.02 -8.77 -3.88
C VAL A 21 0.10 -7.87 -3.37
N PHE A 22 1.15 -7.73 -4.18
CA PHE A 22 2.28 -6.90 -3.82
C PHE A 22 2.73 -6.05 -5.01
N TYR A 23 3.23 -4.85 -4.72
CA TYR A 23 3.70 -3.94 -5.76
C TYR A 23 4.91 -3.15 -5.28
N THR A 24 5.60 -2.53 -6.23
CA THR A 24 6.79 -1.73 -5.91
C THR A 24 6.89 -0.51 -6.82
N PHE A 25 7.27 0.62 -6.22
CA PHE A 25 7.40 1.87 -6.98
C PHE A 25 8.28 2.86 -6.23
N THR A 26 8.76 3.87 -6.95
CA THR A 26 9.63 4.88 -6.35
C THR A 26 9.13 6.28 -6.68
N VAL A 27 9.72 7.29 -6.04
CA VAL A 27 9.34 8.68 -6.27
C VAL A 27 10.40 9.41 -7.06
N ASP A 28 10.05 10.61 -7.54
CA ASP A 28 10.98 11.42 -8.31
C ASP A 28 11.48 12.61 -7.49
N ARG A 29 10.56 13.33 -6.89
CA ARG A 29 10.91 14.49 -6.08
C ARG A 29 10.30 14.38 -4.69
N ASN A 30 10.90 15.08 -3.73
CA ASN A 30 10.43 15.06 -2.35
C ASN A 30 9.22 15.97 -2.18
N ALA A 31 8.07 15.37 -1.86
CA ALA A 31 6.84 16.13 -1.68
C ALA A 31 6.00 15.54 -0.54
N THR A 32 5.32 16.40 0.19
CA THR A 32 4.48 15.97 1.30
C THR A 32 3.02 15.87 0.88
N ALA A 33 2.53 14.64 0.75
CA ALA A 33 1.15 14.40 0.35
C ALA A 33 0.52 13.29 1.19
N VAL A 34 -0.79 13.40 1.41
CA VAL A 34 -1.51 12.40 2.19
C VAL A 34 -2.38 11.51 1.30
N VAL A 35 -2.01 10.24 1.22
CA VAL A 35 -2.76 9.29 0.40
C VAL A 35 -3.18 8.07 1.22
N SER A 36 -4.40 7.60 0.98
CA SER A 36 -4.92 6.44 1.69
C SER A 36 -5.69 5.52 0.75
N ILE A 37 -5.97 4.31 1.22
CA ILE A 37 -6.70 3.34 0.41
C ILE A 37 -8.10 3.10 0.98
N SER A 38 -9.04 2.81 0.09
CA SER A 38 -10.42 2.58 0.49
C SER A 38 -11.28 2.24 -0.73
N GLY A 39 -12.53 1.81 -0.47
CA GLY A 39 -13.43 1.46 -1.54
C GLY A 39 -14.54 0.54 -1.08
N GLY A 40 -14.29 -0.21 -0.02
CA GLY A 40 -15.29 -1.13 0.50
C GLY A 40 -15.22 -1.28 2.01
N SER A 41 -14.97 -2.50 2.47
CA SER A 41 -14.88 -2.78 3.89
C SER A 41 -13.44 -3.09 4.30
N GLY A 42 -13.17 -2.99 5.59
CA GLY A 42 -11.83 -3.27 6.08
C GLY A 42 -11.39 -4.69 5.81
N ASP A 43 -10.68 -4.88 4.70
CA ASP A 43 -10.20 -6.20 4.32
C ASP A 43 -8.80 -6.12 3.72
N ALA A 44 -8.56 -5.07 2.94
CA ALA A 44 -7.27 -4.87 2.30
C ALA A 44 -6.35 -4.04 3.17
N ASP A 45 -5.25 -4.65 3.62
CA ASP A 45 -4.29 -3.95 4.47
C ASP A 45 -3.19 -3.32 3.63
N LEU A 46 -2.53 -2.30 4.19
CA LEU A 46 -1.47 -1.59 3.49
C LEU A 46 -0.19 -1.59 4.32
N TYR A 47 0.91 -1.98 3.69
CA TYR A 47 2.20 -2.02 4.37
C TYR A 47 3.31 -1.46 3.47
N LEU A 48 4.11 -0.57 4.04
CA LEU A 48 5.21 0.05 3.30
C LEU A 48 6.52 -0.04 4.08
N LYS A 49 7.61 -0.26 3.37
CA LYS A 49 8.93 -0.36 4.00
C LYS A 49 10.01 0.25 3.11
N ALA A 50 10.65 1.30 3.62
CA ALA A 50 11.71 1.97 2.87
C ALA A 50 12.85 1.02 2.54
N GLY A 51 13.17 0.91 1.26
CA GLY A 51 14.24 0.03 0.83
C GLY A 51 13.73 -1.32 0.37
N SER A 52 13.46 -2.21 1.32
CA SER A 52 12.96 -3.54 1.00
C SER A 52 11.45 -3.60 1.09
N LYS A 53 10.90 -4.80 1.02
CA LYS A 53 9.45 -5.00 1.10
C LYS A 53 9.03 -5.37 2.51
N PRO A 54 7.95 -4.74 2.99
CA PRO A 54 7.41 -5.00 4.33
C PRO A 54 6.77 -6.38 4.44
N THR A 55 6.98 -7.04 5.58
CA THR A 55 6.41 -8.36 5.81
C THR A 55 5.23 -8.30 6.77
N THR A 56 4.63 -9.46 7.03
CA THR A 56 3.48 -9.53 7.93
C THR A 56 3.86 -9.11 9.34
N SER A 57 5.15 -9.05 9.61
CA SER A 57 5.66 -8.66 10.93
C SER A 57 6.50 -7.39 10.84
N SER A 58 7.10 -7.17 9.67
CA SER A 58 7.93 -5.99 9.45
C SER A 58 7.18 -4.94 8.63
N TRP A 59 7.13 -3.72 9.17
CA TRP A 59 6.45 -2.62 8.50
C TRP A 59 7.07 -1.28 8.86
N ASP A 60 6.95 -0.30 7.97
CA ASP A 60 7.50 1.03 8.21
C ASP A 60 6.39 2.07 8.24
N CYS A 61 5.45 1.97 7.32
CA CYS A 61 4.33 2.90 7.24
C CYS A 61 3.00 2.18 7.48
N ARG A 62 2.28 2.62 8.50
CA ARG A 62 0.99 2.02 8.83
C ARG A 62 0.37 2.71 10.04
N PRO A 63 -0.89 3.15 9.89
CA PRO A 63 -1.62 3.83 10.96
C PRO A 63 -1.98 2.89 12.10
N TYR A 64 -1.58 1.63 11.98
CA TYR A 64 -1.87 0.63 13.00
C TYR A 64 -3.35 0.25 12.99
N ARG A 65 -3.80 -0.31 11.87
CA ARG A 65 -5.19 -0.72 11.74
C ARG A 65 -5.29 -2.03 10.95
N TYR A 66 -6.52 -2.38 10.56
CA TYR A 66 -6.75 -3.61 9.81
C TYR A 66 -7.74 -3.36 8.67
N GLY A 67 -7.34 -3.75 7.46
CA GLY A 67 -8.20 -3.57 6.30
C GLY A 67 -8.07 -2.19 5.71
N ASN A 68 -8.95 -1.87 4.76
CA ASN A 68 -8.93 -0.57 4.09
C ASN A 68 -8.95 0.55 5.13
N ASN A 69 -8.83 1.79 4.64
CA ASN A 69 -8.83 2.96 5.52
C ASN A 69 -7.62 2.93 6.46
N GLU A 70 -6.64 2.10 6.12
CA GLU A 70 -5.44 1.99 6.93
C GLU A 70 -4.19 2.32 6.10
N SER A 71 -3.90 3.61 5.97
CA SER A 71 -2.74 4.07 5.20
C SER A 71 -1.95 5.12 5.98
N CYS A 72 -0.77 5.45 5.47
CA CYS A 72 0.09 6.44 6.11
C CYS A 72 0.35 7.62 5.19
N SER A 73 0.60 8.78 5.77
CA SER A 73 0.87 9.99 5.00
C SER A 73 2.16 10.66 5.46
N VAL A 74 3.20 10.58 4.63
CA VAL A 74 4.48 11.18 4.95
C VAL A 74 5.22 11.61 3.69
N SER A 75 6.07 12.62 3.82
CA SER A 75 6.84 13.13 2.70
C SER A 75 8.01 12.21 2.37
N ALA A 76 7.87 11.42 1.31
CA ALA A 76 8.92 10.50 0.90
C ALA A 76 9.99 11.21 0.07
N ALA A 77 11.25 10.94 0.38
CA ALA A 77 12.36 11.56 -0.34
C ALA A 77 12.82 10.68 -1.49
N PRO A 78 13.13 11.31 -2.63
CA PRO A 78 13.59 10.60 -3.83
C PRO A 78 14.98 10.02 -3.67
N GLY A 79 15.09 8.71 -3.82
CA GLY A 79 16.38 8.04 -3.67
C GLY A 79 16.26 6.67 -3.06
N THR A 80 15.14 6.41 -2.40
CA THR A 80 14.91 5.12 -1.76
C THR A 80 13.71 4.41 -2.38
N THR A 81 13.88 3.13 -2.67
CA THR A 81 12.81 2.32 -3.27
C THR A 81 11.74 1.99 -2.25
N TYR A 82 10.49 2.23 -2.62
CA TYR A 82 9.36 1.95 -1.74
C TYR A 82 8.59 0.72 -2.21
N HIS A 83 8.19 -0.12 -1.26
CA HIS A 83 7.44 -1.33 -1.58
C HIS A 83 6.06 -1.30 -0.92
N VAL A 84 5.14 -2.09 -1.45
CA VAL A 84 3.79 -2.16 -0.92
C VAL A 84 3.28 -3.60 -0.86
N MET A 85 2.63 -3.95 0.25
CA MET A 85 2.10 -5.29 0.43
C MET A 85 0.64 -5.24 0.86
N ILE A 86 -0.23 -5.88 0.08
CA ILE A 86 -1.65 -5.92 0.38
C ILE A 86 -2.07 -7.27 0.93
N LYS A 87 -2.45 -7.28 2.21
CA LYS A 87 -2.88 -8.51 2.87
C LYS A 87 -4.40 -8.56 3.01
N GLY A 88 -5.00 -9.63 2.50
CA GLY A 88 -6.44 -9.77 2.58
C GLY A 88 -6.88 -10.50 3.84
N TYR A 89 -8.16 -10.37 4.17
CA TYR A 89 -8.71 -11.01 5.37
C TYR A 89 -9.34 -12.35 5.02
N SER A 90 -9.93 -12.43 3.83
CA SER A 90 -10.58 -13.66 3.38
C SER A 90 -10.91 -13.58 1.89
N ASN A 91 -11.76 -12.62 1.54
CA ASN A 91 -12.16 -12.45 0.14
C ASN A 91 -12.98 -11.17 -0.03
N TYR A 92 -12.29 -10.06 -0.23
CA TYR A 92 -12.96 -8.77 -0.41
C TYR A 92 -12.22 -7.91 -1.43
N SER A 93 -12.92 -7.55 -2.50
CA SER A 93 -12.33 -6.73 -3.56
C SER A 93 -13.14 -5.45 -3.77
N GLY A 94 -12.47 -4.41 -4.25
CA GLY A 94 -13.14 -3.14 -4.50
C GLY A 94 -12.48 -1.99 -3.76
N VAL A 95 -11.19 -2.13 -3.48
CA VAL A 95 -10.45 -1.09 -2.77
C VAL A 95 -9.42 -0.44 -3.69
N THR A 96 -9.18 0.85 -3.48
CA THR A 96 -8.21 1.59 -4.28
C THR A 96 -6.90 1.77 -3.54
N LEU A 97 -5.84 1.16 -4.08
CA LEU A 97 -4.52 1.26 -3.46
C LEU A 97 -3.65 2.28 -4.18
N LYS A 98 -3.03 3.17 -3.41
CA LYS A 98 -2.17 4.21 -3.97
C LYS A 98 -0.98 4.47 -3.06
N LEU A 99 0.04 5.13 -3.60
CA LEU A 99 1.23 5.45 -2.83
C LEU A 99 1.11 6.83 -2.18
N GLN A 100 1.65 6.95 -0.97
CA GLN A 100 1.60 8.21 -0.24
C GLN A 100 2.87 9.02 -0.46
N TYR A 101 2.73 10.16 -1.12
CA TYR A 101 3.87 11.03 -1.41
C TYR A 101 3.65 12.42 -0.83
N GLY A 1 1.62 -9.57 -11.45
CA GLY A 1 1.91 -9.19 -12.82
C GLY A 1 2.98 -8.12 -12.91
N ASN A 2 2.66 -6.92 -12.42
CA ASN A 2 3.60 -5.82 -12.45
C ASN A 2 3.62 -5.08 -11.11
N VAL A 3 4.40 -4.01 -11.03
CA VAL A 3 4.52 -3.22 -9.81
C VAL A 3 4.08 -1.79 -10.05
N LEU A 4 2.92 -1.42 -9.49
CA LEU A 4 2.40 -0.07 -9.64
C LEU A 4 1.94 0.49 -8.30
N LYS A 5 2.01 1.80 -8.16
CA LYS A 5 1.59 2.47 -6.92
C LYS A 5 1.41 3.96 -7.15
N ASN A 6 2.29 4.56 -7.93
CA ASN A 6 2.22 5.99 -8.22
C ASN A 6 1.67 6.23 -9.63
N ASN A 7 1.09 7.40 -9.84
CA ASN A 7 0.52 7.75 -11.14
C ASN A 7 -0.92 7.28 -11.26
N THR A 8 -1.10 5.97 -11.29
CA THR A 8 -2.43 5.38 -11.40
C THR A 8 -2.67 4.34 -10.31
N PRO A 9 -3.69 4.59 -9.47
CA PRO A 9 -4.04 3.69 -8.37
C PRO A 9 -4.64 2.38 -8.86
N VAL A 10 -4.48 1.33 -8.06
CA VAL A 10 -5.00 0.01 -8.43
C VAL A 10 -6.51 -0.06 -8.18
N SER A 11 -7.27 -0.23 -9.26
CA SER A 11 -8.71 -0.32 -9.15
C SER A 11 -9.16 -1.73 -8.76
N ASN A 12 -10.19 -1.81 -7.93
CA ASN A 12 -10.70 -3.10 -7.47
C ASN A 12 -9.57 -3.99 -6.96
N LEU A 13 -9.15 -3.75 -5.72
CA LEU A 13 -8.06 -4.52 -5.12
C LEU A 13 -8.53 -5.94 -4.81
N THR A 14 -7.73 -6.67 -4.03
CA THR A 14 -8.05 -8.04 -3.68
C THR A 14 -7.57 -8.36 -2.26
N GLY A 15 -8.40 -9.08 -1.51
CA GLY A 15 -8.03 -9.45 -0.15
C GLY A 15 -8.52 -10.83 0.23
N ASN A 16 -8.03 -11.83 -0.49
CA ASN A 16 -8.42 -13.22 -0.23
C ASN A 16 -7.71 -13.75 1.02
N LYS A 17 -8.37 -14.68 1.71
CA LYS A 17 -7.81 -15.27 2.92
C LYS A 17 -6.39 -15.78 2.67
N GLY A 18 -6.16 -16.30 1.47
CA GLY A 18 -4.84 -16.80 1.13
C GLY A 18 -4.13 -15.94 0.10
N SER A 19 -4.71 -15.83 -1.09
CA SER A 19 -4.12 -15.02 -2.15
C SER A 19 -3.81 -13.62 -1.66
N GLU A 20 -2.66 -13.08 -2.08
CA GLU A 20 -2.25 -11.74 -1.69
C GLU A 20 -1.73 -10.96 -2.88
N VAL A 21 -1.48 -9.67 -2.68
CA VAL A 21 -0.98 -8.81 -3.74
C VAL A 21 0.06 -7.82 -3.20
N PHE A 22 1.15 -7.65 -3.95
CA PHE A 22 2.21 -6.74 -3.55
C PHE A 22 2.71 -5.93 -4.75
N TYR A 23 3.00 -4.66 -4.50
CA TYR A 23 3.48 -3.76 -5.54
C TYR A 23 4.73 -3.03 -5.10
N THR A 24 5.43 -2.43 -6.07
CA THR A 24 6.66 -1.69 -5.79
C THR A 24 6.75 -0.43 -6.63
N PHE A 25 7.19 0.67 -6.02
CA PHE A 25 7.33 1.94 -6.72
C PHE A 25 8.30 2.86 -6.00
N THR A 26 8.82 3.86 -6.71
CA THR A 26 9.76 4.80 -6.13
C THR A 26 9.28 6.24 -6.35
N VAL A 27 9.97 7.19 -5.72
CA VAL A 27 9.63 8.60 -5.85
C VAL A 27 10.67 9.34 -6.69
N ASP A 28 10.19 10.27 -7.51
CA ASP A 28 11.08 11.05 -8.36
C ASP A 28 11.50 12.35 -7.68
N ARG A 29 10.53 13.00 -7.03
CA ARG A 29 10.79 14.26 -6.33
C ARG A 29 10.20 14.23 -4.92
N ASN A 30 10.86 14.93 -4.00
CA ASN A 30 10.39 14.98 -2.61
C ASN A 30 9.14 15.85 -2.50
N ALA A 31 8.03 15.23 -2.14
CA ALA A 31 6.77 15.94 -1.98
C ALA A 31 5.95 15.36 -0.84
N THR A 32 5.29 16.24 -0.08
CA THR A 32 4.47 15.82 1.04
C THR A 32 2.99 15.78 0.66
N ALA A 33 2.46 14.57 0.51
CA ALA A 33 1.05 14.40 0.16
C ALA A 33 0.41 13.31 1.00
N VAL A 34 -0.89 13.48 1.27
CA VAL A 34 -1.63 12.51 2.08
C VAL A 34 -2.57 11.68 1.20
N VAL A 35 -2.26 10.40 1.06
CA VAL A 35 -3.08 9.50 0.25
C VAL A 35 -3.47 8.25 1.04
N SER A 36 -4.71 7.81 0.87
CA SER A 36 -5.20 6.63 1.57
C SER A 36 -5.96 5.72 0.61
N ILE A 37 -6.22 4.49 1.06
CA ILE A 37 -6.94 3.52 0.25
C ILE A 37 -8.32 3.23 0.83
N SER A 38 -9.31 3.05 -0.04
CA SER A 38 -10.67 2.78 0.39
C SER A 38 -11.60 2.65 -0.82
N GLY A 39 -12.74 2.00 -0.60
CA GLY A 39 -13.71 1.83 -1.68
C GLY A 39 -14.96 1.11 -1.22
N GLY A 40 -14.81 0.21 -0.26
CA GLY A 40 -15.95 -0.54 0.25
C GLY A 40 -15.82 -0.84 1.73
N SER A 41 -15.09 -1.90 2.06
CA SER A 41 -14.91 -2.30 3.45
C SER A 41 -13.42 -2.51 3.75
N GLY A 42 -13.08 -2.48 5.04
CA GLY A 42 -11.71 -2.68 5.45
C GLY A 42 -11.30 -4.14 5.43
N ASP A 43 -10.74 -4.58 4.31
CA ASP A 43 -10.30 -5.97 4.17
C ASP A 43 -8.85 -6.03 3.71
N ALA A 44 -8.45 -5.08 2.88
CA ALA A 44 -7.09 -5.03 2.38
C ALA A 44 -6.20 -4.15 3.25
N ASP A 45 -5.23 -4.78 3.91
CA ASP A 45 -4.32 -4.05 4.78
C ASP A 45 -3.29 -3.26 3.96
N LEU A 46 -2.60 -2.34 4.62
CA LEU A 46 -1.59 -1.52 3.96
C LEU A 46 -0.24 -1.64 4.65
N TYR A 47 0.83 -1.59 3.86
CA TYR A 47 2.18 -1.70 4.40
C TYR A 47 3.18 -0.97 3.51
N LEU A 48 4.24 -0.45 4.12
CA LEU A 48 5.26 0.27 3.39
C LEU A 48 6.61 0.18 4.10
N LYS A 49 7.67 0.03 3.33
CA LYS A 49 9.02 -0.07 3.88
C LYS A 49 10.06 0.53 2.93
N ALA A 50 10.91 1.39 3.46
CA ALA A 50 11.94 2.04 2.66
C ALA A 50 13.17 1.14 2.53
N GLY A 51 13.15 0.25 1.55
CA GLY A 51 14.27 -0.65 1.34
C GLY A 51 13.82 -2.05 0.99
N SER A 52 13.56 -2.86 2.01
CA SER A 52 13.13 -4.24 1.81
C SER A 52 11.62 -4.37 2.01
N LYS A 53 10.97 -5.06 1.09
CA LYS A 53 9.53 -5.27 1.16
C LYS A 53 9.10 -5.60 2.59
N PRO A 54 8.11 -4.85 3.09
CA PRO A 54 7.58 -5.05 4.45
C PRO A 54 6.81 -6.35 4.59
N THR A 55 6.94 -7.00 5.75
CA THR A 55 6.26 -8.26 6.00
C THR A 55 5.16 -8.08 7.05
N THR A 56 4.46 -9.17 7.35
CA THR A 56 3.38 -9.13 8.33
C THR A 56 3.90 -8.72 9.70
N SER A 57 5.22 -8.79 9.88
CA SER A 57 5.83 -8.42 11.15
C SER A 57 6.78 -7.25 10.98
N SER A 58 7.30 -7.09 9.76
CA SER A 58 8.22 -6.00 9.45
C SER A 58 7.51 -4.88 8.69
N TRP A 59 7.59 -3.67 9.24
CA TRP A 59 6.95 -2.51 8.61
C TRP A 59 7.69 -1.23 8.97
N ASP A 60 7.59 -0.23 8.09
CA ASP A 60 8.25 1.05 8.32
C ASP A 60 7.22 2.16 8.50
N CYS A 61 6.25 2.22 7.59
CA CYS A 61 5.21 3.23 7.65
C CYS A 61 3.82 2.58 7.70
N ARG A 62 3.06 2.91 8.74
CA ARG A 62 1.71 2.36 8.91
C ARG A 62 1.06 2.91 10.16
N PRO A 63 -0.24 3.26 10.05
CA PRO A 63 -1.01 3.82 11.16
C PRO A 63 -1.29 2.77 12.24
N TYR A 64 -0.86 1.54 11.99
CA TYR A 64 -1.08 0.44 12.94
C TYR A 64 -2.53 0.00 12.93
N ARG A 65 -2.92 -0.72 11.89
CA ARG A 65 -4.29 -1.21 11.76
C ARG A 65 -4.37 -2.32 10.72
N TYR A 66 -5.60 -2.71 10.37
CA TYR A 66 -5.81 -3.76 9.38
C TYR A 66 -6.98 -3.41 8.46
N GLY A 67 -7.01 -4.06 7.30
CA GLY A 67 -8.08 -3.80 6.35
C GLY A 67 -7.93 -2.46 5.66
N ASN A 68 -8.67 -2.27 4.57
CA ASN A 68 -8.62 -1.02 3.82
C ASN A 68 -8.93 0.17 4.71
N ASN A 69 -8.97 1.36 4.11
CA ASN A 69 -9.25 2.58 4.86
C ASN A 69 -8.16 2.87 5.88
N GLU A 70 -7.02 2.18 5.73
CA GLU A 70 -5.90 2.36 6.64
C GLU A 70 -4.61 2.62 5.86
N SER A 71 -4.18 3.88 5.84
CA SER A 71 -2.97 4.26 5.13
C SER A 71 -2.12 5.19 5.98
N CYS A 72 -0.92 5.50 5.49
CA CYS A 72 0.00 6.39 6.20
C CYS A 72 0.27 7.66 5.41
N SER A 73 0.56 8.74 6.10
CA SER A 73 0.83 10.02 5.46
C SER A 73 2.14 10.63 5.98
N VAL A 74 3.16 10.63 5.13
CA VAL A 74 4.46 11.18 5.50
C VAL A 74 5.20 11.72 4.29
N SER A 75 6.07 12.69 4.51
CA SER A 75 6.84 13.29 3.44
C SER A 75 7.91 12.33 2.92
N ALA A 76 7.62 11.68 1.80
CA ALA A 76 8.55 10.74 1.20
C ALA A 76 9.59 11.45 0.34
N ALA A 77 10.77 10.86 0.23
CA ALA A 77 11.85 11.44 -0.57
C ALA A 77 12.32 10.47 -1.64
N PRO A 78 12.72 11.03 -2.80
CA PRO A 78 13.20 10.23 -3.93
C PRO A 78 14.55 9.58 -3.65
N GLY A 79 15.01 8.73 -4.57
CA GLY A 79 16.29 8.07 -4.40
C GLY A 79 16.15 6.69 -3.81
N THR A 80 15.36 6.56 -2.75
CA THR A 80 15.14 5.28 -2.09
C THR A 80 13.89 4.59 -2.62
N THR A 81 14.04 3.34 -3.02
CA THR A 81 12.92 2.56 -3.55
C THR A 81 11.92 2.22 -2.45
N TYR A 82 10.64 2.34 -2.76
CA TYR A 82 9.59 2.04 -1.80
C TYR A 82 8.84 0.77 -2.18
N HIS A 83 8.56 -0.07 -1.18
CA HIS A 83 7.84 -1.32 -1.41
C HIS A 83 6.40 -1.23 -0.91
N VAL A 84 5.54 -2.09 -1.44
CA VAL A 84 4.14 -2.10 -1.05
C VAL A 84 3.64 -3.54 -0.89
N MET A 85 2.86 -3.77 0.17
CA MET A 85 2.31 -5.08 0.43
C MET A 85 0.83 -4.99 0.83
N ILE A 86 -0.02 -5.70 0.09
CA ILE A 86 -1.45 -5.70 0.37
C ILE A 86 -1.92 -7.06 0.88
N LYS A 87 -2.30 -7.10 2.15
CA LYS A 87 -2.77 -8.35 2.76
C LYS A 87 -4.30 -8.36 2.85
N GLY A 88 -4.87 -9.55 2.77
CA GLY A 88 -6.32 -9.69 2.85
C GLY A 88 -6.76 -10.58 4.00
N TYR A 89 -8.01 -10.41 4.42
CA TYR A 89 -8.55 -11.19 5.53
C TYR A 89 -9.68 -12.10 5.04
N SER A 90 -10.28 -11.74 3.91
CA SER A 90 -11.37 -12.51 3.33
C SER A 90 -11.70 -12.03 1.93
N ASN A 91 -11.88 -12.98 1.02
CA ASN A 91 -12.21 -12.65 -0.37
C ASN A 91 -13.08 -11.39 -0.44
N TYR A 92 -12.48 -10.30 -0.89
CA TYR A 92 -13.20 -9.03 -1.00
C TYR A 92 -12.44 -8.05 -1.88
N SER A 93 -13.02 -7.71 -3.02
CA SER A 93 -12.40 -6.78 -3.96
C SER A 93 -13.30 -5.58 -4.22
N GLY A 94 -12.70 -4.51 -4.75
CA GLY A 94 -13.47 -3.31 -5.03
C GLY A 94 -12.91 -2.09 -4.32
N VAL A 95 -11.65 -2.17 -3.90
CA VAL A 95 -11.00 -1.07 -3.20
C VAL A 95 -9.88 -0.47 -4.05
N THR A 96 -9.67 0.84 -3.89
CA THR A 96 -8.63 1.53 -4.64
C THR A 96 -7.39 1.74 -3.80
N LEU A 97 -6.23 1.37 -4.34
CA LEU A 97 -4.97 1.51 -3.63
C LEU A 97 -4.08 2.55 -4.32
N LYS A 98 -3.27 3.25 -3.53
CA LYS A 98 -2.36 4.26 -4.05
C LYS A 98 -1.20 4.51 -3.10
N LEU A 99 -0.18 5.19 -3.58
CA LEU A 99 0.99 5.50 -2.77
C LEU A 99 0.81 6.79 -2.00
N GLN A 100 1.39 6.85 -0.80
CA GLN A 100 1.29 8.05 0.03
C GLN A 100 2.59 8.82 0.04
N TYR A 101 2.62 9.94 -0.68
CA TYR A 101 3.81 10.78 -0.76
C TYR A 101 4.00 11.58 0.52
#